data_6S92
# 
_entry.id   6S92 
# 
_audit_conform.dict_name       mmcif_pdbx.dic 
_audit_conform.dict_version    5.397 
_audit_conform.dict_location   http://mmcif.pdb.org/dictionaries/ascii/mmcif_pdbx.dic 
# 
loop_
_database_2.database_id 
_database_2.database_code 
_database_2.pdbx_database_accession 
_database_2.pdbx_DOI 
PDB   6S92         pdb_00006s92 10.2210/pdb6s92/pdb 
WWPDB D_1292103290 ?            ?                   
# 
loop_
_pdbx_audit_revision_history.ordinal 
_pdbx_audit_revision_history.data_content_type 
_pdbx_audit_revision_history.major_revision 
_pdbx_audit_revision_history.minor_revision 
_pdbx_audit_revision_history.revision_date 
1 'Structure model' 1 0 2020-08-26 
2 'Structure model' 1 1 2020-10-14 
3 'Structure model' 1 2 2024-01-24 
4 'Structure model' 1 3 2024-10-16 
# 
_pdbx_audit_revision_details.ordinal             1 
_pdbx_audit_revision_details.revision_ordinal    1 
_pdbx_audit_revision_details.data_content_type   'Structure model' 
_pdbx_audit_revision_details.provider            repository 
_pdbx_audit_revision_details.type                'Initial release' 
_pdbx_audit_revision_details.description         ? 
_pdbx_audit_revision_details.details             ? 
# 
loop_
_pdbx_audit_revision_group.ordinal 
_pdbx_audit_revision_group.revision_ordinal 
_pdbx_audit_revision_group.data_content_type 
_pdbx_audit_revision_group.group 
1 2 'Structure model' 'Database references'    
2 3 'Structure model' 'Data collection'        
3 3 'Structure model' 'Database references'    
4 3 'Structure model' 'Refinement description' 
5 4 'Structure model' 'Structure summary'      
# 
loop_
_pdbx_audit_revision_category.ordinal 
_pdbx_audit_revision_category.revision_ordinal 
_pdbx_audit_revision_category.data_content_type 
_pdbx_audit_revision_category.category 
1 2 'Structure model' citation                      
2 2 'Structure model' citation_author               
3 3 'Structure model' chem_comp_atom                
4 3 'Structure model' chem_comp_bond                
5 3 'Structure model' database_2                    
6 3 'Structure model' pdbx_initial_refinement_model 
7 3 'Structure model' refine_hist                   
8 4 'Structure model' pdbx_entry_details            
9 4 'Structure model' pdbx_modification_feature     
# 
loop_
_pdbx_audit_revision_item.ordinal 
_pdbx_audit_revision_item.revision_ordinal 
_pdbx_audit_revision_item.data_content_type 
_pdbx_audit_revision_item.item 
1  2 'Structure model' '_citation.country'                   
2  2 'Structure model' '_citation.journal_abbrev'            
3  2 'Structure model' '_citation.journal_id_ASTM'           
4  2 'Structure model' '_citation.journal_id_CSD'            
5  2 'Structure model' '_citation.journal_id_ISSN'           
6  2 'Structure model' '_citation.journal_volume'            
7  2 'Structure model' '_citation.page_first'                
8  2 'Structure model' '_citation.page_last'                 
9  2 'Structure model' '_citation.pdbx_database_id_DOI'      
10 2 'Structure model' '_citation.pdbx_database_id_PubMed'   
11 2 'Structure model' '_citation.title'                     
12 2 'Structure model' '_citation.year'                      
13 3 'Structure model' '_database_2.pdbx_DOI'                
14 3 'Structure model' '_database_2.pdbx_database_accession' 
15 3 'Structure model' '_refine_hist.d_res_high'             
# 
_pdbx_database_status.status_code                     REL 
_pdbx_database_status.status_code_sf                  REL 
_pdbx_database_status.status_code_mr                  ? 
_pdbx_database_status.entry_id                        6S92 
_pdbx_database_status.recvd_initial_deposition_date   2019-07-11 
_pdbx_database_status.SG_entry                        N 
_pdbx_database_status.deposit_site                    PDBE 
_pdbx_database_status.process_site                    PDBE 
_pdbx_database_status.status_code_cs                  ? 
_pdbx_database_status.methods_development_category    FoldIt 
_pdbx_database_status.pdb_format_compatible           Y 
_pdbx_database_status.status_code_nmr_data            ? 
# 
loop_
_audit_author.name 
_audit_author.pdbx_ordinal 
_audit_author.identifier_ORCID 
'Schoenenwald, A.K.J.' 1 0000-0002-9141-3163 
'Skern, T.'            2 0000-0001-8865-5500 
# 
_citation.abstract                  ? 
_citation.abstract_id_CAS           ? 
_citation.book_id_ISBN              ? 
_citation.book_publisher            ? 
_citation.book_publisher_city       ? 
_citation.book_title                ? 
_citation.coordinate_linkage        ? 
_citation.country                   US 
_citation.database_id_Medline       ? 
_citation.details                   ? 
_citation.id                        primary 
_citation.journal_abbrev            Virology 
_citation.journal_id_ASTM           VIRLAX 
_citation.journal_id_CSD            0922 
_citation.journal_id_ISSN           0042-6822 
_citation.journal_full              ? 
_citation.journal_issue             ? 
_citation.journal_volume            551 
_citation.language                  ? 
_citation.page_first                46 
_citation.page_last                 57 
_citation.title                     'Structural and antigenic investigation of Usutu virus envelope protein domain III.' 
_citation.year                      2020 
_citation.database_id_CSD           ? 
_citation.pdbx_database_id_DOI      10.1016/j.virol.2020.09.002 
_citation.pdbx_database_id_PubMed   33011522 
_citation.unpublished_flag          ? 
# 
loop_
_citation_author.citation_id 
_citation_author.name 
_citation_author.ordinal 
_citation_author.identifier_ORCID 
primary 'Josephine Schoenenwald, A.K.' 1 ? 
primary 'Pletzer, M.'                  2 ? 
primary 'Skern, T.'                    3 ? 
# 
loop_
_entity.id 
_entity.type 
_entity.src_method 
_entity.pdbx_description 
_entity.formula_weight 
_entity.pdbx_number_of_molecules 
_entity.pdbx_ec 
_entity.pdbx_mutation 
_entity.pdbx_fragment 
_entity.details 
1 polymer man 'Genome polyprotein' 10992.405 1  3.4.21.91,3.6.1.15,3.6.4.13,2.1.1.56,2.1.1.57,2.7.7.48 ? ? ? 
2 water   nat water                18.015    64 ?                                                      ? ? ? 
# 
_entity_poly.entity_id                      1 
_entity_poly.type                           'polypeptide(L)' 
_entity_poly.nstd_linkage                   no 
_entity_poly.nstd_monomer                   no 
_entity_poly.pdbx_seq_one_letter_code       
;GTTYGMCTEKFSFAKNPADTGHGTVVLELQYTGSDGPCKIPISIVASLSDLTPIGRMVTANPYVASSEANAKVLVEMEPP
FGDSYIVVGRGDKQINHHWHKAG
;
_entity_poly.pdbx_seq_one_letter_code_can   
;GTTYGMCTEKFSFAKNPADTGHGTVVLELQYTGSDGPCKIPISIVASLSDLTPIGRMVTANPYVASSEANAKVLVEMEPP
FGDSYIVVGRGDKQINHHWHKAG
;
_entity_poly.pdbx_strand_id                 A 
_entity_poly.pdbx_target_identifier         ? 
# 
_pdbx_entity_nonpoly.entity_id   2 
_pdbx_entity_nonpoly.name        water 
_pdbx_entity_nonpoly.comp_id     HOH 
# 
loop_
_entity_poly_seq.entity_id 
_entity_poly_seq.num 
_entity_poly_seq.mon_id 
_entity_poly_seq.hetero 
1 1   GLY n 
1 2   THR n 
1 3   THR n 
1 4   TYR n 
1 5   GLY n 
1 6   MET n 
1 7   CYS n 
1 8   THR n 
1 9   GLU n 
1 10  LYS n 
1 11  PHE n 
1 12  SER n 
1 13  PHE n 
1 14  ALA n 
1 15  LYS n 
1 16  ASN n 
1 17  PRO n 
1 18  ALA n 
1 19  ASP n 
1 20  THR n 
1 21  GLY n 
1 22  HIS n 
1 23  GLY n 
1 24  THR n 
1 25  VAL n 
1 26  VAL n 
1 27  LEU n 
1 28  GLU n 
1 29  LEU n 
1 30  GLN n 
1 31  TYR n 
1 32  THR n 
1 33  GLY n 
1 34  SER n 
1 35  ASP n 
1 36  GLY n 
1 37  PRO n 
1 38  CYS n 
1 39  LYS n 
1 40  ILE n 
1 41  PRO n 
1 42  ILE n 
1 43  SER n 
1 44  ILE n 
1 45  VAL n 
1 46  ALA n 
1 47  SER n 
1 48  LEU n 
1 49  SER n 
1 50  ASP n 
1 51  LEU n 
1 52  THR n 
1 53  PRO n 
1 54  ILE n 
1 55  GLY n 
1 56  ARG n 
1 57  MET n 
1 58  VAL n 
1 59  THR n 
1 60  ALA n 
1 61  ASN n 
1 62  PRO n 
1 63  TYR n 
1 64  VAL n 
1 65  ALA n 
1 66  SER n 
1 67  SER n 
1 68  GLU n 
1 69  ALA n 
1 70  ASN n 
1 71  ALA n 
1 72  LYS n 
1 73  VAL n 
1 74  LEU n 
1 75  VAL n 
1 76  GLU n 
1 77  MET n 
1 78  GLU n 
1 79  PRO n 
1 80  PRO n 
1 81  PHE n 
1 82  GLY n 
1 83  ASP n 
1 84  SER n 
1 85  TYR n 
1 86  ILE n 
1 87  VAL n 
1 88  VAL n 
1 89  GLY n 
1 90  ARG n 
1 91  GLY n 
1 92  ASP n 
1 93  LYS n 
1 94  GLN n 
1 95  ILE n 
1 96  ASN n 
1 97  HIS n 
1 98  HIS n 
1 99  TRP n 
1 100 HIS n 
1 101 LYS n 
1 102 ALA n 
1 103 GLY n 
# 
_entity_src_gen.entity_id                          1 
_entity_src_gen.pdbx_src_id                        1 
_entity_src_gen.pdbx_alt_source_flag               sample 
_entity_src_gen.pdbx_seq_type                      'Biological sequence' 
_entity_src_gen.pdbx_beg_seq_num                   1 
_entity_src_gen.pdbx_end_seq_num                   103 
_entity_src_gen.gene_src_common_name               USUV 
_entity_src_gen.gene_src_genus                     ? 
_entity_src_gen.pdbx_gene_src_gene                 ? 
_entity_src_gen.gene_src_species                   ? 
_entity_src_gen.gene_src_strain                    ? 
_entity_src_gen.gene_src_tissue                    ? 
_entity_src_gen.gene_src_tissue_fraction           ? 
_entity_src_gen.gene_src_details                   ? 
_entity_src_gen.pdbx_gene_src_fragment             ? 
_entity_src_gen.pdbx_gene_src_scientific_name      'Usutu virus' 
_entity_src_gen.pdbx_gene_src_ncbi_taxonomy_id     64286 
_entity_src_gen.pdbx_gene_src_variant              ? 
_entity_src_gen.pdbx_gene_src_cell_line            ? 
_entity_src_gen.pdbx_gene_src_atcc                 ? 
_entity_src_gen.pdbx_gene_src_organ                ? 
_entity_src_gen.pdbx_gene_src_organelle            ? 
_entity_src_gen.pdbx_gene_src_cell                 ? 
_entity_src_gen.pdbx_gene_src_cellular_location    ? 
_entity_src_gen.host_org_common_name               ? 
_entity_src_gen.pdbx_host_org_scientific_name      'Escherichia coli BL21(DE3)' 
_entity_src_gen.pdbx_host_org_ncbi_taxonomy_id     469008 
_entity_src_gen.host_org_genus                     ? 
_entity_src_gen.pdbx_host_org_gene                 ? 
_entity_src_gen.pdbx_host_org_organ                ? 
_entity_src_gen.host_org_species                   ? 
_entity_src_gen.pdbx_host_org_tissue               ? 
_entity_src_gen.pdbx_host_org_tissue_fraction      ? 
_entity_src_gen.pdbx_host_org_strain               ? 
_entity_src_gen.pdbx_host_org_variant              solu 
_entity_src_gen.pdbx_host_org_cell_line            ? 
_entity_src_gen.pdbx_host_org_atcc                 ? 
_entity_src_gen.pdbx_host_org_culture_collection   ? 
_entity_src_gen.pdbx_host_org_cell                 ? 
_entity_src_gen.pdbx_host_org_organelle            ? 
_entity_src_gen.pdbx_host_org_cellular_location    ? 
_entity_src_gen.pdbx_host_org_vector_type          plasmid 
_entity_src_gen.pdbx_host_org_vector               ? 
_entity_src_gen.host_org_details                   ? 
_entity_src_gen.expression_system_id               ? 
_entity_src_gen.plasmid_name                       pET11D 
_entity_src_gen.plasmid_details                    ? 
_entity_src_gen.pdbx_description                   ? 
# 
loop_
_chem_comp.id 
_chem_comp.type 
_chem_comp.mon_nstd_flag 
_chem_comp.name 
_chem_comp.pdbx_synonyms 
_chem_comp.formula 
_chem_comp.formula_weight 
ALA 'L-peptide linking' y ALANINE         ? 'C3 H7 N O2'     89.093  
ARG 'L-peptide linking' y ARGININE        ? 'C6 H15 N4 O2 1' 175.209 
ASN 'L-peptide linking' y ASPARAGINE      ? 'C4 H8 N2 O3'    132.118 
ASP 'L-peptide linking' y 'ASPARTIC ACID' ? 'C4 H7 N O4'     133.103 
CYS 'L-peptide linking' y CYSTEINE        ? 'C3 H7 N O2 S'   121.158 
GLN 'L-peptide linking' y GLUTAMINE       ? 'C5 H10 N2 O3'   146.144 
GLU 'L-peptide linking' y 'GLUTAMIC ACID' ? 'C5 H9 N O4'     147.129 
GLY 'peptide linking'   y GLYCINE         ? 'C2 H5 N O2'     75.067  
HIS 'L-peptide linking' y HISTIDINE       ? 'C6 H10 N3 O2 1' 156.162 
HOH non-polymer         . WATER           ? 'H2 O'           18.015  
ILE 'L-peptide linking' y ISOLEUCINE      ? 'C6 H13 N O2'    131.173 
LEU 'L-peptide linking' y LEUCINE         ? 'C6 H13 N O2'    131.173 
LYS 'L-peptide linking' y LYSINE          ? 'C6 H15 N2 O2 1' 147.195 
MET 'L-peptide linking' y METHIONINE      ? 'C5 H11 N O2 S'  149.211 
PHE 'L-peptide linking' y PHENYLALANINE   ? 'C9 H11 N O2'    165.189 
PRO 'L-peptide linking' y PROLINE         ? 'C5 H9 N O2'     115.130 
SER 'L-peptide linking' y SERINE          ? 'C3 H7 N O3'     105.093 
THR 'L-peptide linking' y THREONINE       ? 'C4 H9 N O3'     119.119 
TRP 'L-peptide linking' y TRYPTOPHAN      ? 'C11 H12 N2 O2'  204.225 
TYR 'L-peptide linking' y TYROSINE        ? 'C9 H11 N O3'    181.189 
VAL 'L-peptide linking' y VALINE          ? 'C5 H11 N O2'    117.146 
# 
loop_
_pdbx_poly_seq_scheme.asym_id 
_pdbx_poly_seq_scheme.entity_id 
_pdbx_poly_seq_scheme.seq_id 
_pdbx_poly_seq_scheme.mon_id 
_pdbx_poly_seq_scheme.ndb_seq_num 
_pdbx_poly_seq_scheme.pdb_seq_num 
_pdbx_poly_seq_scheme.auth_seq_num 
_pdbx_poly_seq_scheme.pdb_mon_id 
_pdbx_poly_seq_scheme.auth_mon_id 
_pdbx_poly_seq_scheme.pdb_strand_id 
_pdbx_poly_seq_scheme.pdb_ins_code 
_pdbx_poly_seq_scheme.hetero 
A 1 1   GLY 1   299 ?   ?   ?   A . n 
A 1 2   THR 2   300 300 THR THR A . n 
A 1 3   THR 3   301 301 THR THR A . n 
A 1 4   TYR 4   302 302 TYR TYR A . n 
A 1 5   GLY 5   303 303 GLY GLY A . n 
A 1 6   MET 6   304 304 MET MET A . n 
A 1 7   CYS 7   305 305 CYS CYS A . n 
A 1 8   THR 8   306 306 THR THR A . n 
A 1 9   GLU 9   307 307 GLU GLU A . n 
A 1 10  LYS 10  308 308 LYS LYS A . n 
A 1 11  PHE 11  309 309 PHE PHE A . n 
A 1 12  SER 12  310 310 SER SER A . n 
A 1 13  PHE 13  311 311 PHE PHE A . n 
A 1 14  ALA 14  312 312 ALA ALA A . n 
A 1 15  LYS 15  313 313 LYS LYS A . n 
A 1 16  ASN 16  314 314 ASN ASN A . n 
A 1 17  PRO 17  315 315 PRO PRO A . n 
A 1 18  ALA 18  316 316 ALA ALA A . n 
A 1 19  ASP 19  317 317 ASP ASP A . n 
A 1 20  THR 20  318 318 THR THR A . n 
A 1 21  GLY 21  319 319 GLY GLY A . n 
A 1 22  HIS 22  320 320 HIS HIS A . n 
A 1 23  GLY 23  321 321 GLY GLY A . n 
A 1 24  THR 24  322 322 THR THR A . n 
A 1 25  VAL 25  323 323 VAL VAL A . n 
A 1 26  VAL 26  324 324 VAL VAL A . n 
A 1 27  LEU 27  325 325 LEU LEU A . n 
A 1 28  GLU 28  326 326 GLU GLU A . n 
A 1 29  LEU 29  327 327 LEU LEU A . n 
A 1 30  GLN 30  328 328 GLN GLN A . n 
A 1 31  TYR 31  329 329 TYR TYR A . n 
A 1 32  THR 32  330 330 THR THR A . n 
A 1 33  GLY 33  331 331 GLY GLY A . n 
A 1 34  SER 34  332 332 SER SER A . n 
A 1 35  ASP 35  333 333 ASP ASP A . n 
A 1 36  GLY 36  334 334 GLY GLY A . n 
A 1 37  PRO 37  335 335 PRO PRO A . n 
A 1 38  CYS 38  336 336 CYS CYS A . n 
A 1 39  LYS 39  337 337 LYS LYS A . n 
A 1 40  ILE 40  338 338 ILE ILE A . n 
A 1 41  PRO 41  339 339 PRO PRO A . n 
A 1 42  ILE 42  340 340 ILE ILE A . n 
A 1 43  SER 43  341 341 SER SER A . n 
A 1 44  ILE 44  342 342 ILE ILE A . n 
A 1 45  VAL 45  343 343 VAL VAL A . n 
A 1 46  ALA 46  344 344 ALA ALA A . n 
A 1 47  SER 47  345 345 SER SER A . n 
A 1 48  LEU 48  346 346 LEU LEU A . n 
A 1 49  SER 49  347 347 SER SER A . n 
A 1 50  ASP 50  348 348 ASP ASP A . n 
A 1 51  LEU 51  349 349 LEU LEU A . n 
A 1 52  THR 52  350 350 THR THR A . n 
A 1 53  PRO 53  351 351 PRO PRO A . n 
A 1 54  ILE 54  352 352 ILE ILE A . n 
A 1 55  GLY 55  353 353 GLY GLY A . n 
A 1 56  ARG 56  354 354 ARG ARG A . n 
A 1 57  MET 57  355 355 MET MET A . n 
A 1 58  VAL 58  356 356 VAL VAL A . n 
A 1 59  THR 59  357 357 THR THR A . n 
A 1 60  ALA 60  358 358 ALA ALA A . n 
A 1 61  ASN 61  359 359 ASN ASN A . n 
A 1 62  PRO 62  360 360 PRO PRO A . n 
A 1 63  TYR 63  361 361 TYR TYR A . n 
A 1 64  VAL 64  362 362 VAL VAL A . n 
A 1 65  ALA 65  363 363 ALA ALA A . n 
A 1 66  SER 66  364 364 SER SER A . n 
A 1 67  SER 67  365 365 SER SER A . n 
A 1 68  GLU 68  366 366 GLU GLU A . n 
A 1 69  ALA 69  367 367 ALA ALA A . n 
A 1 70  ASN 70  368 368 ASN ASN A . n 
A 1 71  ALA 71  369 369 ALA ALA A . n 
A 1 72  LYS 72  370 370 LYS LYS A . n 
A 1 73  VAL 73  371 371 VAL VAL A . n 
A 1 74  LEU 74  372 372 LEU LEU A . n 
A 1 75  VAL 75  373 373 VAL VAL A . n 
A 1 76  GLU 76  374 374 GLU GLU A . n 
A 1 77  MET 77  375 375 MET MET A . n 
A 1 78  GLU 78  376 376 GLU GLU A . n 
A 1 79  PRO 79  377 377 PRO PRO A . n 
A 1 80  PRO 80  378 378 PRO PRO A . n 
A 1 81  PHE 81  379 379 PHE PHE A . n 
A 1 82  GLY 82  380 380 GLY GLY A . n 
A 1 83  ASP 83  381 381 ASP ASP A . n 
A 1 84  SER 84  382 382 SER SER A . n 
A 1 85  TYR 85  383 383 TYR TYR A . n 
A 1 86  ILE 86  384 384 ILE ILE A . n 
A 1 87  VAL 87  385 385 VAL VAL A . n 
A 1 88  VAL 88  386 386 VAL VAL A . n 
A 1 89  GLY 89  387 387 GLY GLY A . n 
A 1 90  ARG 90  388 388 ARG ARG A . n 
A 1 91  GLY 91  389 389 GLY GLY A . n 
A 1 92  ASP 92  390 390 ASP ASP A . n 
A 1 93  LYS 93  391 391 LYS LYS A . n 
A 1 94  GLN 94  392 392 GLN GLN A . n 
A 1 95  ILE 95  393 393 ILE ILE A . n 
A 1 96  ASN 96  394 394 ASN ASN A . n 
A 1 97  HIS 97  395 395 HIS HIS A . n 
A 1 98  HIS 98  396 396 HIS HIS A . n 
A 1 99  TRP 99  397 397 TRP TRP A . n 
A 1 100 HIS 100 398 398 HIS HIS A . n 
A 1 101 LYS 101 399 399 LYS LYS A . n 
A 1 102 ALA 102 400 400 ALA ALA A . n 
A 1 103 GLY 103 401 ?   ?   ?   A . n 
# 
loop_
_pdbx_nonpoly_scheme.asym_id 
_pdbx_nonpoly_scheme.entity_id 
_pdbx_nonpoly_scheme.mon_id 
_pdbx_nonpoly_scheme.ndb_seq_num 
_pdbx_nonpoly_scheme.pdb_seq_num 
_pdbx_nonpoly_scheme.auth_seq_num 
_pdbx_nonpoly_scheme.pdb_mon_id 
_pdbx_nonpoly_scheme.auth_mon_id 
_pdbx_nonpoly_scheme.pdb_strand_id 
_pdbx_nonpoly_scheme.pdb_ins_code 
B 2 HOH 1  501 49 HOH HOH A . 
B 2 HOH 2  502 29 HOH HOH A . 
B 2 HOH 3  503 15 HOH HOH A . 
B 2 HOH 4  504 47 HOH HOH A . 
B 2 HOH 5  505 48 HOH HOH A . 
B 2 HOH 6  506 10 HOH HOH A . 
B 2 HOH 7  507 11 HOH HOH A . 
B 2 HOH 8  508 26 HOH HOH A . 
B 2 HOH 9  509 7  HOH HOH A . 
B 2 HOH 10 510 22 HOH HOH A . 
B 2 HOH 11 511 42 HOH HOH A . 
B 2 HOH 12 512 4  HOH HOH A . 
B 2 HOH 13 513 6  HOH HOH A . 
B 2 HOH 14 514 36 HOH HOH A . 
B 2 HOH 15 515 37 HOH HOH A . 
B 2 HOH 16 516 40 HOH HOH A . 
B 2 HOH 17 517 51 HOH HOH A . 
B 2 HOH 18 518 20 HOH HOH A . 
B 2 HOH 19 519 50 HOH HOH A . 
B 2 HOH 20 520 41 HOH HOH A . 
B 2 HOH 21 521 56 HOH HOH A . 
B 2 HOH 22 522 1  HOH HOH A . 
B 2 HOH 23 523 32 HOH HOH A . 
B 2 HOH 24 524 8  HOH HOH A . 
B 2 HOH 25 525 53 HOH HOH A . 
B 2 HOH 26 526 16 HOH HOH A . 
B 2 HOH 27 527 24 HOH HOH A . 
B 2 HOH 28 528 55 HOH HOH A . 
B 2 HOH 29 529 2  HOH HOH A . 
B 2 HOH 30 530 46 HOH HOH A . 
B 2 HOH 31 531 9  HOH HOH A . 
B 2 HOH 32 532 54 HOH HOH A . 
B 2 HOH 33 533 52 HOH HOH A . 
B 2 HOH 34 534 67 HOH HOH A . 
B 2 HOH 35 535 31 HOH HOH A . 
B 2 HOH 36 536 19 HOH HOH A . 
B 2 HOH 37 537 35 HOH HOH A . 
B 2 HOH 38 538 58 HOH HOH A . 
B 2 HOH 39 539 39 HOH HOH A . 
B 2 HOH 40 540 23 HOH HOH A . 
B 2 HOH 41 541 33 HOH HOH A . 
B 2 HOH 42 542 45 HOH HOH A . 
B 2 HOH 43 543 13 HOH HOH A . 
B 2 HOH 44 544 30 HOH HOH A . 
B 2 HOH 45 545 21 HOH HOH A . 
B 2 HOH 46 546 18 HOH HOH A . 
B 2 HOH 47 547 12 HOH HOH A . 
B 2 HOH 48 548 5  HOH HOH A . 
B 2 HOH 49 549 34 HOH HOH A . 
B 2 HOH 50 550 27 HOH HOH A . 
B 2 HOH 51 551 38 HOH HOH A . 
B 2 HOH 52 552 43 HOH HOH A . 
B 2 HOH 53 553 17 HOH HOH A . 
B 2 HOH 54 554 14 HOH HOH A . 
B 2 HOH 55 555 66 HOH HOH A . 
B 2 HOH 56 556 44 HOH HOH A . 
B 2 HOH 57 557 60 HOH HOH A . 
B 2 HOH 58 558 64 HOH HOH A . 
B 2 HOH 59 559 63 HOH HOH A . 
B 2 HOH 60 560 59 HOH HOH A . 
B 2 HOH 61 561 3  HOH HOH A . 
B 2 HOH 62 562 65 HOH HOH A . 
B 2 HOH 63 563 62 HOH HOH A . 
B 2 HOH 64 564 25 HOH HOH A . 
# 
loop_
_software.citation_id 
_software.classification 
_software.compiler_name 
_software.compiler_version 
_software.contact_author 
_software.contact_author_email 
_software.date 
_software.description 
_software.dependencies 
_software.hardware 
_software.language 
_software.location 
_software.mods 
_software.name 
_software.os 
_software.os_version 
_software.type 
_software.version 
_software.pdbx_ordinal 
? refinement        ? ? ?                 ?                                       ? ? ? ? ?          ? ? PHENIX      ? ? ?       
1.12_2829 1 
? 'data reduction'  ? ? 'Wolfgang Kabsch' Wolfgang.Kabsch@mpimf-heidelberg.mpg.de ? ? ? ? ?          
http://www.mpimf-heidelberg.mpg.de/~kabsch/xds/ ? XDS         ? ? package .         2 
? 'data scaling'    ? ? 'Phil R. Evans'   pre@mrc-lmb.cam.ac.uk                   ? ? ? ? Fortran_77 
http://www.ccp4.ac.uk/dist/html/scala.html      ? SCALA       ? ? other   .         3 
? phasing           ? ? 'Randy J. Read'   cimr-phaser@lists.cam.ac.uk             
'Fri Jul 07 23:10:09 2017 (svn 8200) (git 7250, 5e21953... )' ? ? ? ?          http://www-structmed.cimr.cam.ac.uk/phaser/     ? 
PHASER      ? ? program 2.8.0     4 
? 'data extraction' ? ? PDB               deposit@deposit.rcsb.org                'Apr. 1, 2019' ? ? ? C++        
http://sw-tools.pdb.org/apps/PDB_EXTRACT/       ? PDB_EXTRACT ? ? package 3.25      5 
# 
_cell.angle_alpha                  90.000 
_cell.angle_alpha_esd              ? 
_cell.angle_beta                   90.000 
_cell.angle_beta_esd               ? 
_cell.angle_gamma                  90.000 
_cell.angle_gamma_esd              ? 
_cell.entry_id                     6S92 
_cell.details                      ? 
_cell.formula_units_Z              ? 
_cell.length_a                     31.270 
_cell.length_a_esd                 ? 
_cell.length_b                     60.400 
_cell.length_b_esd                 ? 
_cell.length_c                     85.370 
_cell.length_c_esd                 ? 
_cell.volume                       ? 
_cell.volume_esd                   ? 
_cell.Z_PDB                        8 
_cell.reciprocal_angle_alpha       ? 
_cell.reciprocal_angle_beta        ? 
_cell.reciprocal_angle_gamma       ? 
_cell.reciprocal_angle_alpha_esd   ? 
_cell.reciprocal_angle_beta_esd    ? 
_cell.reciprocal_angle_gamma_esd   ? 
_cell.reciprocal_length_a          ? 
_cell.reciprocal_length_b          ? 
_cell.reciprocal_length_c          ? 
_cell.reciprocal_length_a_esd      ? 
_cell.reciprocal_length_b_esd      ? 
_cell.reciprocal_length_c_esd      ? 
_cell.pdbx_unique_axis             ? 
# 
_symmetry.entry_id                         6S92 
_symmetry.cell_setting                     ? 
_symmetry.Int_Tables_number                20 
_symmetry.space_group_name_Hall            ? 
_symmetry.space_group_name_H-M             'C 2 2 21' 
_symmetry.pdbx_full_space_group_name_H-M   ? 
# 
_exptl.absorpt_coefficient_mu     ? 
_exptl.absorpt_correction_T_max   ? 
_exptl.absorpt_correction_T_min   ? 
_exptl.absorpt_correction_type    ? 
_exptl.absorpt_process_details    ? 
_exptl.entry_id                   6S92 
_exptl.crystals_number            1 
_exptl.details                    ? 
_exptl.method                     'X-RAY DIFFRACTION' 
_exptl.method_details             ? 
# 
_exptl_crystal.colour                      ? 
_exptl_crystal.density_diffrn              ? 
_exptl_crystal.density_Matthews            1.88 
_exptl_crystal.density_method              ? 
_exptl_crystal.density_percent_sol         34.58 
_exptl_crystal.description                 rods 
_exptl_crystal.F_000                       ? 
_exptl_crystal.id                          1 
_exptl_crystal.preparation                 ? 
_exptl_crystal.size_max                    ? 
_exptl_crystal.size_mid                    ? 
_exptl_crystal.size_min                    ? 
_exptl_crystal.size_rad                    ? 
_exptl_crystal.colour_lustre               ? 
_exptl_crystal.colour_modifier             ? 
_exptl_crystal.colour_primary              ? 
_exptl_crystal.density_meas                ? 
_exptl_crystal.density_meas_esd            ? 
_exptl_crystal.density_meas_gt             ? 
_exptl_crystal.density_meas_lt             ? 
_exptl_crystal.density_meas_temp           ? 
_exptl_crystal.density_meas_temp_esd       ? 
_exptl_crystal.density_meas_temp_gt        ? 
_exptl_crystal.density_meas_temp_lt        ? 
_exptl_crystal.pdbx_crystal_image_url      ? 
_exptl_crystal.pdbx_crystal_image_format   ? 
_exptl_crystal.pdbx_mosaicity              ? 
_exptl_crystal.pdbx_mosaicity_esd          ? 
# 
_exptl_crystal_grow.apparatus       ? 
_exptl_crystal_grow.atmosphere      ? 
_exptl_crystal_grow.crystal_id      1 
_exptl_crystal_grow.details         ? 
_exptl_crystal_grow.method          'VAPOR DIFFUSION, SITTING DROP' 
_exptl_crystal_grow.method_ref      ? 
_exptl_crystal_grow.pH              8.5 
_exptl_crystal_grow.pressure        ? 
_exptl_crystal_grow.pressure_esd    ? 
_exptl_crystal_grow.seeding         ? 
_exptl_crystal_grow.seeding_ref     ? 
_exptl_crystal_grow.temp            298 
_exptl_crystal_grow.temp_details    ? 
_exptl_crystal_grow.temp_esd        ? 
_exptl_crystal_grow.time            ? 
_exptl_crystal_grow.pdbx_details    'LiSO4, TRIS, PEG 4000' 
_exptl_crystal_grow.pdbx_pH_range   ? 
# 
_diffrn.ambient_environment              ? 
_diffrn.ambient_temp                     100 
_diffrn.ambient_temp_details             ? 
_diffrn.ambient_temp_esd                 ? 
_diffrn.crystal_id                       1 
_diffrn.crystal_support                  ? 
_diffrn.crystal_treatment                ? 
_diffrn.details                          ? 
_diffrn.id                               1 
_diffrn.ambient_pressure                 ? 
_diffrn.ambient_pressure_esd             ? 
_diffrn.ambient_pressure_gt              ? 
_diffrn.ambient_pressure_lt              ? 
_diffrn.ambient_temp_gt                  ? 
_diffrn.ambient_temp_lt                  ? 
_diffrn.pdbx_serial_crystal_experiment   N 
# 
_diffrn_detector.details                      ? 
_diffrn_detector.detector                     PIXEL 
_diffrn_detector.diffrn_id                    1 
_diffrn_detector.type                         'DECTRIS EIGER2 X 4M' 
_diffrn_detector.area_resol_mean              ? 
_diffrn_detector.dtime                        ? 
_diffrn_detector.pdbx_frames_total            ? 
_diffrn_detector.pdbx_collection_time_total   ? 
_diffrn_detector.pdbx_collection_date         2017-11-21 
_diffrn_detector.pdbx_frequency               ? 
# 
_diffrn_radiation.collimation                      ? 
_diffrn_radiation.diffrn_id                        1 
_diffrn_radiation.filter_edge                      ? 
_diffrn_radiation.inhomogeneity                    ? 
_diffrn_radiation.monochromator                    ? 
_diffrn_radiation.polarisn_norm                    ? 
_diffrn_radiation.polarisn_ratio                   ? 
_diffrn_radiation.probe                            ? 
_diffrn_radiation.type                             ? 
_diffrn_radiation.xray_symbol                      ? 
_diffrn_radiation.wavelength_id                    1 
_diffrn_radiation.pdbx_monochromatic_or_laue_m_l   M 
_diffrn_radiation.pdbx_wavelength_list             ? 
_diffrn_radiation.pdbx_wavelength                  ? 
_diffrn_radiation.pdbx_diffrn_protocol             'SINGLE WAVELENGTH' 
_diffrn_radiation.pdbx_analyzer                    ? 
_diffrn_radiation.pdbx_scattering_type             x-ray 
# 
_diffrn_radiation_wavelength.id           1 
_diffrn_radiation_wavelength.wavelength   0.9677 
_diffrn_radiation_wavelength.wt           1.0 
# 
_diffrn_source.current                     ? 
_diffrn_source.details                     ? 
_diffrn_source.diffrn_id                   1 
_diffrn_source.power                       ? 
_diffrn_source.size                        ? 
_diffrn_source.source                      SYNCHROTRON 
_diffrn_source.target                      ? 
_diffrn_source.type                        'ESRF BEAMLINE MASSIF-3' 
_diffrn_source.voltage                     ? 
_diffrn_source.take-off_angle              ? 
_diffrn_source.pdbx_wavelength_list        0.9677 
_diffrn_source.pdbx_wavelength             ? 
_diffrn_source.pdbx_synchrotron_beamline   MASSIF-3 
_diffrn_source.pdbx_synchrotron_site       ESRF 
# 
_reflns.B_iso_Wilson_estimate            ? 
_reflns.entry_id                         6S92 
_reflns.data_reduction_details           ? 
_reflns.data_reduction_method            ? 
_reflns.d_resolution_high                1.93 
_reflns.d_resolution_low                 43.04 
_reflns.details                          ? 
_reflns.limit_h_max                      ? 
_reflns.limit_h_min                      ? 
_reflns.limit_k_max                      ? 
_reflns.limit_k_min                      ? 
_reflns.limit_l_max                      ? 
_reflns.limit_l_min                      ? 
_reflns.number_all                       ? 
_reflns.number_obs                       43075 
_reflns.observed_criterion               ? 
_reflns.observed_criterion_F_max         ? 
_reflns.observed_criterion_F_min         ? 
_reflns.observed_criterion_I_max         ? 
_reflns.observed_criterion_I_min         ? 
_reflns.observed_criterion_sigma_F       ? 
_reflns.observed_criterion_sigma_I       ? 
_reflns.percent_possible_obs             99.53 
_reflns.R_free_details                   ? 
_reflns.Rmerge_F_all                     ? 
_reflns.Rmerge_F_obs                     ? 
_reflns.Friedel_coverage                 ? 
_reflns.number_gt                        ? 
_reflns.threshold_expression             ? 
_reflns.pdbx_redundancy                  6.6 
_reflns.pdbx_Rmerge_I_obs                0.049 
_reflns.pdbx_Rmerge_I_all                ? 
_reflns.pdbx_Rsym_value                  ? 
_reflns.pdbx_netI_over_av_sigmaI         ? 
_reflns.pdbx_netI_over_sigmaI            22.8 
_reflns.pdbx_res_netI_over_av_sigmaI_2   ? 
_reflns.pdbx_res_netI_over_sigmaI_2      ? 
_reflns.pdbx_chi_squared                 ? 
_reflns.pdbx_scaling_rejects             ? 
_reflns.pdbx_d_res_high_opt              ? 
_reflns.pdbx_d_res_low_opt               ? 
_reflns.pdbx_d_res_opt_method            ? 
_reflns.phase_calculation_details        ? 
_reflns.pdbx_Rrim_I_all                  0.053 
_reflns.pdbx_Rpim_I_all                  0.020 
_reflns.pdbx_d_opt                       ? 
_reflns.pdbx_number_measured_all         ? 
_reflns.pdbx_diffrn_id                   1 
_reflns.pdbx_ordinal                     1 
_reflns.pdbx_CC_half                     0.99 
_reflns.pdbx_R_split                     ? 
_reflns.pdbx_CC_star                     ? 
# 
_reflns_shell.d_res_high                  1.93 
_reflns_shell.d_res_low                   1.999 
_reflns_shell.meanI_over_sigI_all         ? 
_reflns_shell.meanI_over_sigI_obs         ? 
_reflns_shell.number_measured_all         ? 
_reflns_shell.number_measured_obs         ? 
_reflns_shell.number_possible             ? 
_reflns_shell.number_unique_all           ? 
_reflns_shell.number_unique_obs           6516 
_reflns_shell.percent_possible_all        99.53 
_reflns_shell.percent_possible_obs        ? 
_reflns_shell.Rmerge_F_all                ? 
_reflns_shell.Rmerge_F_obs                ? 
_reflns_shell.Rmerge_I_all                ? 
_reflns_shell.Rmerge_I_obs                ? 
_reflns_shell.meanI_over_sigI_gt          ? 
_reflns_shell.meanI_over_uI_all           ? 
_reflns_shell.meanI_over_uI_gt            ? 
_reflns_shell.number_measured_gt          ? 
_reflns_shell.number_unique_gt            ? 
_reflns_shell.percent_possible_gt         ? 
_reflns_shell.Rmerge_F_gt                 ? 
_reflns_shell.Rmerge_I_gt                 ? 
_reflns_shell.pdbx_redundancy             ? 
_reflns_shell.pdbx_Rsym_value             ? 
_reflns_shell.pdbx_chi_squared            ? 
_reflns_shell.pdbx_netI_over_sigmaI_all   ? 
_reflns_shell.pdbx_netI_over_sigmaI_obs   ? 
_reflns_shell.pdbx_Rrim_I_all             ? 
_reflns_shell.pdbx_Rpim_I_all             ? 
_reflns_shell.pdbx_rejects                ? 
_reflns_shell.pdbx_ordinal                1 
_reflns_shell.pdbx_diffrn_id              1 
_reflns_shell.pdbx_CC_half                ? 
_reflns_shell.pdbx_R_split                ? 
_reflns_shell.pdbx_CC_star                ? 
# 
_refine.aniso_B[1][1]                            ? 
_refine.aniso_B[1][2]                            ? 
_refine.aniso_B[1][3]                            ? 
_refine.aniso_B[2][2]                            ? 
_refine.aniso_B[2][3]                            ? 
_refine.aniso_B[3][3]                            ? 
_refine.B_iso_max                                59.120 
_refine.B_iso_mean                               29.9628 
_refine.B_iso_min                                18.120 
_refine.correlation_coeff_Fo_to_Fc               ? 
_refine.correlation_coeff_Fo_to_Fc_free          ? 
_refine.details                                  ? 
_refine.diff_density_max                         ? 
_refine.diff_density_max_esd                     ? 
_refine.diff_density_min                         ? 
_refine.diff_density_min_esd                     ? 
_refine.diff_density_rms                         ? 
_refine.diff_density_rms_esd                     ? 
_refine.entry_id                                 6S92 
_refine.pdbx_refine_id                           'X-RAY DIFFRACTION' 
_refine.ls_abs_structure_details                 ? 
_refine.ls_abs_structure_Flack                   ? 
_refine.ls_abs_structure_Flack_esd               ? 
_refine.ls_abs_structure_Rogers                  ? 
_refine.ls_abs_structure_Rogers_esd              ? 
_refine.ls_d_res_high                            1.93 
_refine.ls_d_res_low                             30.2046 
_refine.ls_extinction_coef                       ? 
_refine.ls_extinction_coef_esd                   ? 
_refine.ls_extinction_expression                 ? 
_refine.ls_extinction_method                     ? 
_refine.ls_goodness_of_fit_all                   ? 
_refine.ls_goodness_of_fit_all_esd               ? 
_refine.ls_goodness_of_fit_obs                   ? 
_refine.ls_goodness_of_fit_obs_esd               ? 
_refine.ls_hydrogen_treatment                    ? 
_refine.ls_matrix_type                           ? 
_refine.ls_number_constraints                    ? 
_refine.ls_number_parameters                     ? 
_refine.ls_number_reflns_all                     ? 
_refine.ls_number_reflns_obs                     8671 
_refine.ls_number_reflns_R_free                  413 
_refine.ls_number_reflns_R_work                  ? 
_refine.ls_number_restraints                     ? 
_refine.ls_percent_reflns_obs                    99.6600 
_refine.ls_percent_reflns_R_free                 4.7600 
_refine.ls_R_factor_all                          ? 
_refine.ls_R_factor_obs                          0.2063 
_refine.ls_R_factor_R_free                       0.2381 
_refine.ls_R_factor_R_free_error                 ? 
_refine.ls_R_factor_R_free_error_details         ? 
_refine.ls_R_factor_R_work                       0.2045 
_refine.ls_R_Fsqd_factor_obs                     ? 
_refine.ls_R_I_factor_obs                        ? 
_refine.ls_redundancy_reflns_all                 ? 
_refine.ls_redundancy_reflns_obs                 ? 
_refine.ls_restrained_S_all                      ? 
_refine.ls_restrained_S_obs                      ? 
_refine.ls_shift_over_esd_max                    ? 
_refine.ls_shift_over_esd_mean                   ? 
_refine.ls_structure_factor_coef                 ? 
_refine.ls_weighting_details                     ? 
_refine.ls_weighting_scheme                      ? 
_refine.ls_wR_factor_all                         ? 
_refine.ls_wR_factor_obs                         ? 
_refine.ls_wR_factor_R_free                      ? 
_refine.ls_wR_factor_R_work                      ? 
_refine.occupancy_max                            ? 
_refine.occupancy_min                            ? 
_refine.solvent_model_details                    ? 
_refine.solvent_model_param_bsol                 ? 
_refine.solvent_model_param_ksol                 ? 
_refine.ls_R_factor_gt                           ? 
_refine.ls_goodness_of_fit_gt                    ? 
_refine.ls_goodness_of_fit_ref                   ? 
_refine.ls_shift_over_su_max                     ? 
_refine.ls_shift_over_su_max_lt                  ? 
_refine.ls_shift_over_su_mean                    ? 
_refine.ls_shift_over_su_mean_lt                 ? 
_refine.pdbx_ls_sigma_I                          ? 
_refine.pdbx_ls_sigma_F                          0.310 
_refine.pdbx_ls_sigma_Fsqd                       ? 
_refine.pdbx_data_cutoff_high_absF               ? 
_refine.pdbx_data_cutoff_high_rms_absF           ? 
_refine.pdbx_data_cutoff_low_absF                ? 
_refine.pdbx_isotropic_thermal_model             ? 
_refine.pdbx_ls_cross_valid_method               THROUGHOUT 
_refine.pdbx_method_to_determine_struct          'MOLECULAR REPLACEMENT' 
_refine.pdbx_starting_model                      6S95 
_refine.pdbx_stereochemistry_target_values       ? 
_refine.pdbx_R_Free_selection_details            ? 
_refine.pdbx_stereochem_target_val_spec_case     ? 
_refine.pdbx_overall_ESU_R                       ? 
_refine.pdbx_overall_ESU_R_Free                  ? 
_refine.pdbx_solvent_vdw_probe_radii             1.1100 
_refine.pdbx_solvent_ion_probe_radii             ? 
_refine.pdbx_solvent_shrinkage_radii             0.9000 
_refine.pdbx_real_space_R                        ? 
_refine.pdbx_density_correlation                 ? 
_refine.pdbx_pd_number_of_powder_patterns        ? 
_refine.pdbx_pd_number_of_points                 ? 
_refine.pdbx_pd_meas_number_of_points            ? 
_refine.pdbx_pd_proc_ls_prof_R_factor            ? 
_refine.pdbx_pd_proc_ls_prof_wR_factor           ? 
_refine.pdbx_pd_Marquardt_correlation_coeff      ? 
_refine.pdbx_pd_Fsqrd_R_factor                   ? 
_refine.pdbx_pd_ls_matrix_band_width             ? 
_refine.pdbx_overall_phase_error                 31.0800 
_refine.pdbx_overall_SU_R_free_Cruickshank_DPI   ? 
_refine.pdbx_overall_SU_R_free_Blow_DPI          ? 
_refine.pdbx_overall_SU_R_Blow_DPI               ? 
_refine.pdbx_TLS_residual_ADP_flag               ? 
_refine.pdbx_diffrn_id                           1 
_refine.overall_SU_B                             ? 
_refine.overall_SU_ML                            0.1600 
_refine.overall_SU_R_Cruickshank_DPI             ? 
_refine.overall_SU_R_free                        ? 
_refine.overall_FOM_free_R_set                   ? 
_refine.overall_FOM_work_R_set                   ? 
_refine.pdbx_average_fsc_overall                 ? 
_refine.pdbx_average_fsc_work                    ? 
_refine.pdbx_average_fsc_free                    ? 
# 
_refine_hist.pdbx_refine_id                   'X-RAY DIFFRACTION' 
_refine_hist.cycle_id                         final 
_refine_hist.details                          ? 
_refine_hist.d_res_high                       1.93 
_refine_hist.d_res_low                        30.2046 
_refine_hist.number_atoms_solvent             64 
_refine_hist.number_atoms_total               826 
_refine_hist.number_reflns_all                ? 
_refine_hist.number_reflns_obs                ? 
_refine_hist.number_reflns_R_free             ? 
_refine_hist.number_reflns_R_work             ? 
_refine_hist.R_factor_all                     ? 
_refine_hist.R_factor_obs                     ? 
_refine_hist.R_factor_R_free                  ? 
_refine_hist.R_factor_R_work                  ? 
_refine_hist.pdbx_number_residues_total       101 
_refine_hist.pdbx_B_iso_mean_ligand           ? 
_refine_hist.pdbx_B_iso_mean_solvent          35.63 
_refine_hist.pdbx_number_atoms_protein        762 
_refine_hist.pdbx_number_atoms_nucleic_acid   0 
_refine_hist.pdbx_number_atoms_ligand         0 
_refine_hist.pdbx_number_atoms_lipid          ? 
_refine_hist.pdbx_number_atoms_carb           ? 
_refine_hist.pdbx_pseudo_atom_details         ? 
# 
loop_
_refine_ls_restr.pdbx_refine_id 
_refine_ls_restr.criterion 
_refine_ls_restr.dev_ideal 
_refine_ls_restr.dev_ideal_target 
_refine_ls_restr.number 
_refine_ls_restr.rejects 
_refine_ls_restr.type 
_refine_ls_restr.weight 
_refine_ls_restr.pdbx_restraint_function 
'X-RAY DIFFRACTION' ? 0.007 ? 782  ? f_bond_d           ? ? 
'X-RAY DIFFRACTION' ? 0.977 ? 1065 ? f_angle_d          ? ? 
'X-RAY DIFFRACTION' ? 0.058 ? 120  ? f_chiral_restr     ? ? 
'X-RAY DIFFRACTION' ? 0.006 ? 137  ? f_plane_restr      ? ? 
'X-RAY DIFFRACTION' ? 3.567 ? 464  ? f_dihedral_angle_d ? ? 
# 
loop_
_refine_ls_shell.pdbx_refine_id 
_refine_ls_shell.d_res_high 
_refine_ls_shell.d_res_low 
_refine_ls_shell.number_reflns_all 
_refine_ls_shell.number_reflns_obs 
_refine_ls_shell.number_reflns_R_free 
_refine_ls_shell.number_reflns_R_work 
_refine_ls_shell.percent_reflns_obs 
_refine_ls_shell.percent_reflns_R_free 
_refine_ls_shell.R_factor_all 
_refine_ls_shell.R_factor_obs 
_refine_ls_shell.R_factor_R_free 
_refine_ls_shell.R_factor_R_free_error 
_refine_ls_shell.R_factor_R_work 
_refine_ls_shell.redundancy_reflns_all 
_refine_ls_shell.redundancy_reflns_obs 
_refine_ls_shell.wR_factor_all 
_refine_ls_shell.wR_factor_obs 
_refine_ls_shell.wR_factor_R_free 
_refine_ls_shell.wR_factor_R_work 
_refine_ls_shell.pdbx_total_number_of_bins_used 
_refine_ls_shell.pdbx_phase_error 
_refine_ls_shell.pdbx_fsc_work 
_refine_ls_shell.pdbx_fsc_free 
'X-RAY DIFFRACTION' 1.93   1.9857  . . 118 2715 100.0000 . . . 0.3271 0.0000 0.2258 . . . . . . . . . . 
'X-RAY DIFFRACTION' 1.9857 2.5016  . . 138 2714 100.0000 . . . 0.2411 0.0000 0.2258 . . . . . . . . . . 
'X-RAY DIFFRACTION' 2.5016 30.2046 . . 157 2829 99.0000  . . . 0.2258 0.0000 0.1867 . . . . . . . . . . 
# 
_struct.entry_id                     6S92 
_struct.title                        'Crystal structure of group A of Usutu virus envelope protein domain III' 
_struct.pdbx_model_details           ? 
_struct.pdbx_formula_weight          ? 
_struct.pdbx_formula_weight_method   ? 
_struct.pdbx_model_type_details      ? 
_struct.pdbx_CASP_flag               N 
# 
_struct_keywords.entry_id        6S92 
_struct_keywords.text            'DIII, Usutu virus, USUV, envelope protein, VIRAL PROTEIN' 
_struct_keywords.pdbx_keywords   'VIRAL PROTEIN' 
# 
loop_
_struct_asym.id 
_struct_asym.pdbx_blank_PDB_chainid_flag 
_struct_asym.pdbx_modified 
_struct_asym.entity_id 
_struct_asym.details 
A N N 1 ? 
B N N 2 ? 
# 
_struct_ref.id                         1 
_struct_ref.db_name                    UNP 
_struct_ref.db_code                    POLG_USUV 
_struct_ref.pdbx_db_accession          Q5WPU5 
_struct_ref.pdbx_db_isoform            ? 
_struct_ref.entity_id                  1 
_struct_ref.pdbx_seq_one_letter_code   
;GTTYGMCTEKFSFAKNPADTGHGTVVLELQYTGSDGPCKIPISIVASLSDLTPIGRMVTANPYVASSEANAKVLVEMEPP
FGDSYIVVGRGDKQINHHWHKAG
;
_struct_ref.pdbx_align_begin           591 
# 
_struct_ref_seq.align_id                      1 
_struct_ref_seq.ref_id                        1 
_struct_ref_seq.pdbx_PDB_id_code              6S92 
_struct_ref_seq.pdbx_strand_id                A 
_struct_ref_seq.seq_align_beg                 1 
_struct_ref_seq.pdbx_seq_align_beg_ins_code   ? 
_struct_ref_seq.seq_align_end                 103 
_struct_ref_seq.pdbx_seq_align_end_ins_code   ? 
_struct_ref_seq.pdbx_db_accession             Q5WPU5 
_struct_ref_seq.db_align_beg                  591 
_struct_ref_seq.pdbx_db_align_beg_ins_code    ? 
_struct_ref_seq.db_align_end                  693 
_struct_ref_seq.pdbx_db_align_end_ins_code    ? 
_struct_ref_seq.pdbx_auth_seq_align_beg       299 
_struct_ref_seq.pdbx_auth_seq_align_end       401 
# 
_pdbx_struct_assembly.id                   1 
_pdbx_struct_assembly.details              software_defined_assembly 
_pdbx_struct_assembly.method_details       PISA 
_pdbx_struct_assembly.oligomeric_details   dimeric 
_pdbx_struct_assembly.oligomeric_count     2 
# 
loop_
_pdbx_struct_assembly_prop.biol_id 
_pdbx_struct_assembly_prop.type 
_pdbx_struct_assembly_prop.value 
_pdbx_struct_assembly_prop.details 
1 'ABSA (A^2)' 1780 ? 
1 MORE         -8   ? 
1 'SSA (A^2)'  9400 ? 
# 
_pdbx_struct_assembly_gen.assembly_id       1 
_pdbx_struct_assembly_gen.oper_expression   1,2 
_pdbx_struct_assembly_gen.asym_id_list      A,B 
# 
_pdbx_struct_assembly_auth_evidence.id                     1 
_pdbx_struct_assembly_auth_evidence.assembly_id            1 
_pdbx_struct_assembly_auth_evidence.experimental_support   'gel filtration' 
_pdbx_struct_assembly_auth_evidence.details                ? 
# 
loop_
_pdbx_struct_oper_list.id 
_pdbx_struct_oper_list.type 
_pdbx_struct_oper_list.name 
_pdbx_struct_oper_list.symmetry_operation 
_pdbx_struct_oper_list.matrix[1][1] 
_pdbx_struct_oper_list.matrix[1][2] 
_pdbx_struct_oper_list.matrix[1][3] 
_pdbx_struct_oper_list.vector[1] 
_pdbx_struct_oper_list.matrix[2][1] 
_pdbx_struct_oper_list.matrix[2][2] 
_pdbx_struct_oper_list.matrix[2][3] 
_pdbx_struct_oper_list.vector[2] 
_pdbx_struct_oper_list.matrix[3][1] 
_pdbx_struct_oper_list.matrix[3][2] 
_pdbx_struct_oper_list.matrix[3][3] 
_pdbx_struct_oper_list.vector[3] 
1 'identity operation'         1_555 x,y,z   1.0000000000  0.0000000000 0.0000000000 0.0000000000   0.0000000000 1.0000000000 0.0000000000 0.0000000000 0.0000000000 0.0000000000 1.0000000000  0.0000000000  
2 'crystal symmetry operation' 4_555 x,-y,-z -0.6565114984 0.6572974183 0.3700712855 -15.6321022426 0.6572974183 0.2578001712 0.7081660650 0.1648898280 0.3700712855 0.7081660650 -0.6012886728 14.2163575613 
# 
_struct_conf.conf_type_id            HELX_P 
_struct_conf.id                      HELX_P1 
_struct_conf.pdbx_PDB_helix_id       AA1 
_struct_conf.beg_label_comp_id       ARG 
_struct_conf.beg_label_asym_id       A 
_struct_conf.beg_label_seq_id        90 
_struct_conf.pdbx_beg_PDB_ins_code   ? 
_struct_conf.end_label_comp_id       GLN 
_struct_conf.end_label_asym_id       A 
_struct_conf.end_label_seq_id        94 
_struct_conf.pdbx_end_PDB_ins_code   ? 
_struct_conf.beg_auth_comp_id        ARG 
_struct_conf.beg_auth_asym_id        A 
_struct_conf.beg_auth_seq_id         388 
_struct_conf.end_auth_comp_id        GLN 
_struct_conf.end_auth_asym_id        A 
_struct_conf.end_auth_seq_id         392 
_struct_conf.pdbx_PDB_helix_class    5 
_struct_conf.details                 ? 
_struct_conf.pdbx_PDB_helix_length   5 
# 
_struct_conf_type.id          HELX_P 
_struct_conf_type.criteria    ? 
_struct_conf_type.reference   ? 
# 
_struct_conn.id                            disulf1 
_struct_conn.conn_type_id                  disulf 
_struct_conn.pdbx_leaving_atom_flag        ? 
_struct_conn.pdbx_PDB_id                   ? 
_struct_conn.ptnr1_label_asym_id           A 
_struct_conn.ptnr1_label_comp_id           CYS 
_struct_conn.ptnr1_label_seq_id            7 
_struct_conn.ptnr1_label_atom_id           SG 
_struct_conn.pdbx_ptnr1_label_alt_id       ? 
_struct_conn.pdbx_ptnr1_PDB_ins_code       ? 
_struct_conn.pdbx_ptnr1_standard_comp_id   ? 
_struct_conn.ptnr1_symmetry                1_555 
_struct_conn.ptnr2_label_asym_id           A 
_struct_conn.ptnr2_label_comp_id           CYS 
_struct_conn.ptnr2_label_seq_id            38 
_struct_conn.ptnr2_label_atom_id           SG 
_struct_conn.pdbx_ptnr2_label_alt_id       ? 
_struct_conn.pdbx_ptnr2_PDB_ins_code       ? 
_struct_conn.ptnr1_auth_asym_id            A 
_struct_conn.ptnr1_auth_comp_id            CYS 
_struct_conn.ptnr1_auth_seq_id             305 
_struct_conn.ptnr2_auth_asym_id            A 
_struct_conn.ptnr2_auth_comp_id            CYS 
_struct_conn.ptnr2_auth_seq_id             336 
_struct_conn.ptnr2_symmetry                1_555 
_struct_conn.pdbx_ptnr3_label_atom_id      ? 
_struct_conn.pdbx_ptnr3_label_seq_id       ? 
_struct_conn.pdbx_ptnr3_label_comp_id      ? 
_struct_conn.pdbx_ptnr3_label_asym_id      ? 
_struct_conn.pdbx_ptnr3_label_alt_id       ? 
_struct_conn.pdbx_ptnr3_PDB_ins_code       ? 
_struct_conn.details                       ? 
_struct_conn.pdbx_dist_value               2.060 
_struct_conn.pdbx_value_order              ? 
_struct_conn.pdbx_role                     ? 
# 
_struct_conn_type.id          disulf 
_struct_conn_type.criteria    ? 
_struct_conn_type.reference   ? 
# 
_pdbx_modification_feature.ordinal                            1 
_pdbx_modification_feature.label_comp_id                      CYS 
_pdbx_modification_feature.label_asym_id                      A 
_pdbx_modification_feature.label_seq_id                       7 
_pdbx_modification_feature.label_alt_id                       ? 
_pdbx_modification_feature.modified_residue_label_comp_id     CYS 
_pdbx_modification_feature.modified_residue_label_asym_id     A 
_pdbx_modification_feature.modified_residue_label_seq_id      38 
_pdbx_modification_feature.modified_residue_label_alt_id      ? 
_pdbx_modification_feature.auth_comp_id                       CYS 
_pdbx_modification_feature.auth_asym_id                       A 
_pdbx_modification_feature.auth_seq_id                        305 
_pdbx_modification_feature.PDB_ins_code                       ? 
_pdbx_modification_feature.symmetry                           1_555 
_pdbx_modification_feature.modified_residue_auth_comp_id      CYS 
_pdbx_modification_feature.modified_residue_auth_asym_id      A 
_pdbx_modification_feature.modified_residue_auth_seq_id       336 
_pdbx_modification_feature.modified_residue_PDB_ins_code      ? 
_pdbx_modification_feature.modified_residue_symmetry          1_555 
_pdbx_modification_feature.comp_id_linking_atom               SG 
_pdbx_modification_feature.modified_residue_id_linking_atom   SG 
_pdbx_modification_feature.modified_residue_id                . 
_pdbx_modification_feature.ref_pcm_id                         . 
_pdbx_modification_feature.ref_comp_id                        . 
_pdbx_modification_feature.type                               None 
_pdbx_modification_feature.category                           'Disulfide bridge' 
# 
_struct_mon_prot_cis.pdbx_id                1 
_struct_mon_prot_cis.label_comp_id          GLY 
_struct_mon_prot_cis.label_seq_id           36 
_struct_mon_prot_cis.label_asym_id          A 
_struct_mon_prot_cis.label_alt_id           . 
_struct_mon_prot_cis.pdbx_PDB_ins_code      ? 
_struct_mon_prot_cis.auth_comp_id           GLY 
_struct_mon_prot_cis.auth_seq_id            334 
_struct_mon_prot_cis.auth_asym_id           A 
_struct_mon_prot_cis.pdbx_label_comp_id_2   PRO 
_struct_mon_prot_cis.pdbx_label_seq_id_2    37 
_struct_mon_prot_cis.pdbx_label_asym_id_2   A 
_struct_mon_prot_cis.pdbx_PDB_ins_code_2    ? 
_struct_mon_prot_cis.pdbx_auth_comp_id_2    PRO 
_struct_mon_prot_cis.pdbx_auth_seq_id_2     335 
_struct_mon_prot_cis.pdbx_auth_asym_id_2    A 
_struct_mon_prot_cis.pdbx_PDB_model_num     1 
_struct_mon_prot_cis.pdbx_omega_angle       -4.14 
# 
loop_
_struct_sheet.id 
_struct_sheet.type 
_struct_sheet.number_strands 
_struct_sheet.details 
AA1 ? 3 ? 
AA2 ? 4 ? 
AA3 ? 2 ? 
AA4 ? 3 ? 
# 
loop_
_struct_sheet_order.sheet_id 
_struct_sheet_order.range_id_1 
_struct_sheet_order.range_id_2 
_struct_sheet_order.offset 
_struct_sheet_order.sense 
AA1 1 2 ? anti-parallel 
AA1 2 3 ? anti-parallel 
AA2 1 2 ? anti-parallel 
AA2 2 3 ? anti-parallel 
AA2 3 4 ? anti-parallel 
AA3 1 2 ? anti-parallel 
AA4 1 2 ? anti-parallel 
AA4 2 3 ? anti-parallel 
# 
loop_
_struct_sheet_range.sheet_id 
_struct_sheet_range.id 
_struct_sheet_range.beg_label_comp_id 
_struct_sheet_range.beg_label_asym_id 
_struct_sheet_range.beg_label_seq_id 
_struct_sheet_range.pdbx_beg_PDB_ins_code 
_struct_sheet_range.end_label_comp_id 
_struct_sheet_range.end_label_asym_id 
_struct_sheet_range.end_label_seq_id 
_struct_sheet_range.pdbx_end_PDB_ins_code 
_struct_sheet_range.beg_auth_comp_id 
_struct_sheet_range.beg_auth_asym_id 
_struct_sheet_range.beg_auth_seq_id 
_struct_sheet_range.end_auth_comp_id 
_struct_sheet_range.end_auth_asym_id 
_struct_sheet_range.end_auth_seq_id 
AA1 1 PHE A 11 ? PHE A 13  ? PHE A 309 PHE A 311 
AA1 2 VAL A 25 ? TYR A 31  ? VAL A 323 TYR A 329 
AA1 3 ALA A 18 ? ASP A 19  ? ALA A 316 ASP A 317 
AA2 1 PHE A 11 ? PHE A 13  ? PHE A 309 PHE A 311 
AA2 2 VAL A 25 ? TYR A 31  ? VAL A 323 TYR A 329 
AA2 3 ALA A 71 ? GLU A 78  ? ALA A 369 GLU A 376 
AA2 4 ARG A 56 ? MET A 57  ? ARG A 354 MET A 355 
AA3 1 CYS A 38 ? LYS A 39  ? CYS A 336 LYS A 337 
AA3 2 TYR A 63 ? VAL A 64  ? TYR A 361 VAL A 362 
AA4 1 ILE A 42 ? VAL A 45  ? ILE A 340 VAL A 343 
AA4 2 GLY A 82 ? VAL A 88  ? GLY A 380 VAL A 386 
AA4 3 ILE A 95 ? LYS A 101 ? ILE A 393 LYS A 399 
# 
loop_
_pdbx_struct_sheet_hbond.sheet_id 
_pdbx_struct_sheet_hbond.range_id_1 
_pdbx_struct_sheet_hbond.range_id_2 
_pdbx_struct_sheet_hbond.range_1_label_atom_id 
_pdbx_struct_sheet_hbond.range_1_label_comp_id 
_pdbx_struct_sheet_hbond.range_1_label_asym_id 
_pdbx_struct_sheet_hbond.range_1_label_seq_id 
_pdbx_struct_sheet_hbond.range_1_PDB_ins_code 
_pdbx_struct_sheet_hbond.range_1_auth_atom_id 
_pdbx_struct_sheet_hbond.range_1_auth_comp_id 
_pdbx_struct_sheet_hbond.range_1_auth_asym_id 
_pdbx_struct_sheet_hbond.range_1_auth_seq_id 
_pdbx_struct_sheet_hbond.range_2_label_atom_id 
_pdbx_struct_sheet_hbond.range_2_label_comp_id 
_pdbx_struct_sheet_hbond.range_2_label_asym_id 
_pdbx_struct_sheet_hbond.range_2_label_seq_id 
_pdbx_struct_sheet_hbond.range_2_PDB_ins_code 
_pdbx_struct_sheet_hbond.range_2_auth_atom_id 
_pdbx_struct_sheet_hbond.range_2_auth_comp_id 
_pdbx_struct_sheet_hbond.range_2_auth_asym_id 
_pdbx_struct_sheet_hbond.range_2_auth_seq_id 
AA1 1 2 N SER A 12 ? N SER A 310 O GLN A 30 ? O GLN A 328 
AA1 2 3 O VAL A 26 ? O VAL A 324 N ALA A 18 ? N ALA A 316 
AA2 1 2 N SER A 12 ? N SER A 310 O GLN A 30 ? O GLN A 328 
AA2 2 3 N LEU A 27 ? N LEU A 325 O VAL A 75 ? O VAL A 373 
AA2 3 4 O GLU A 78 ? O GLU A 376 N ARG A 56 ? N ARG A 354 
AA3 1 2 N CYS A 38 ? N CYS A 336 O VAL A 64 ? O VAL A 362 
AA4 1 2 N VAL A 45 ? N VAL A 343 O TYR A 85 ? O TYR A 383 
AA4 2 3 N SER A 84 ? N SER A 382 O TRP A 99 ? O TRP A 397 
# 
_pdbx_entry_details.entry_id                   6S92 
_pdbx_entry_details.compound_details           ? 
_pdbx_entry_details.source_details             ? 
_pdbx_entry_details.nonpolymer_details         ? 
_pdbx_entry_details.sequence_details           ? 
_pdbx_entry_details.has_ligand_of_interest     ? 
_pdbx_entry_details.has_protein_modification   Y 
# 
_pdbx_validate_symm_contact.id                1 
_pdbx_validate_symm_contact.PDB_model_num     1 
_pdbx_validate_symm_contact.auth_atom_id_1    O 
_pdbx_validate_symm_contact.auth_asym_id_1    A 
_pdbx_validate_symm_contact.auth_comp_id_1    HOH 
_pdbx_validate_symm_contact.auth_seq_id_1     518 
_pdbx_validate_symm_contact.PDB_ins_code_1    ? 
_pdbx_validate_symm_contact.label_alt_id_1    ? 
_pdbx_validate_symm_contact.site_symmetry_1   1_555 
_pdbx_validate_symm_contact.auth_atom_id_2    O 
_pdbx_validate_symm_contact.auth_asym_id_2    A 
_pdbx_validate_symm_contact.auth_comp_id_2    HOH 
_pdbx_validate_symm_contact.auth_seq_id_2     554 
_pdbx_validate_symm_contact.PDB_ins_code_2    ? 
_pdbx_validate_symm_contact.label_alt_id_2    ? 
_pdbx_validate_symm_contact.site_symmetry_2   3_455 
_pdbx_validate_symm_contact.dist              2.09 
# 
loop_
_pdbx_struct_special_symmetry.id 
_pdbx_struct_special_symmetry.PDB_model_num 
_pdbx_struct_special_symmetry.auth_asym_id 
_pdbx_struct_special_symmetry.auth_comp_id 
_pdbx_struct_special_symmetry.auth_seq_id 
_pdbx_struct_special_symmetry.PDB_ins_code 
_pdbx_struct_special_symmetry.label_asym_id 
_pdbx_struct_special_symmetry.label_comp_id 
_pdbx_struct_special_symmetry.label_seq_id 
1 1 A HOH 522 ? B HOH . 
2 1 A HOH 557 ? B HOH . 
3 1 A HOH 561 ? B HOH . 
# 
_pdbx_phasing_MR.entry_id                     6S92 
_pdbx_phasing_MR.method_rotation              ? 
_pdbx_phasing_MR.method_translation           ? 
_pdbx_phasing_MR.model_details                ? 
_pdbx_phasing_MR.R_factor                     ? 
_pdbx_phasing_MR.R_rigid_body                 ? 
_pdbx_phasing_MR.correlation_coeff_Fo_to_Fc   ? 
_pdbx_phasing_MR.correlation_coeff_Io_to_Ic   ? 
_pdbx_phasing_MR.d_res_high_rotation          1.930 
_pdbx_phasing_MR.d_res_low_rotation           30.460 
_pdbx_phasing_MR.d_res_high_translation       ? 
_pdbx_phasing_MR.d_res_low_translation        ? 
_pdbx_phasing_MR.packing                      ? 
_pdbx_phasing_MR.reflns_percent_rotation      ? 
_pdbx_phasing_MR.reflns_percent_translation   ? 
_pdbx_phasing_MR.sigma_F_rotation             ? 
_pdbx_phasing_MR.sigma_F_translation          ? 
_pdbx_phasing_MR.sigma_I_rotation             ? 
_pdbx_phasing_MR.sigma_I_translation          ? 
# 
_phasing.method   MR 
# 
loop_
_pdbx_unobs_or_zero_occ_residues.id 
_pdbx_unobs_or_zero_occ_residues.PDB_model_num 
_pdbx_unobs_or_zero_occ_residues.polymer_flag 
_pdbx_unobs_or_zero_occ_residues.occupancy_flag 
_pdbx_unobs_or_zero_occ_residues.auth_asym_id 
_pdbx_unobs_or_zero_occ_residues.auth_comp_id 
_pdbx_unobs_or_zero_occ_residues.auth_seq_id 
_pdbx_unobs_or_zero_occ_residues.PDB_ins_code 
_pdbx_unobs_or_zero_occ_residues.label_asym_id 
_pdbx_unobs_or_zero_occ_residues.label_comp_id 
_pdbx_unobs_or_zero_occ_residues.label_seq_id 
1 1 Y 1 A GLY 299 ? A GLY 1   
2 1 Y 1 A GLY 401 ? A GLY 103 
# 
loop_
_chem_comp_atom.comp_id 
_chem_comp_atom.atom_id 
_chem_comp_atom.type_symbol 
_chem_comp_atom.pdbx_aromatic_flag 
_chem_comp_atom.pdbx_stereo_config 
_chem_comp_atom.pdbx_ordinal 
ALA N    N N N 1   
ALA CA   C N S 2   
ALA C    C N N 3   
ALA O    O N N 4   
ALA CB   C N N 5   
ALA OXT  O N N 6   
ALA H    H N N 7   
ALA H2   H N N 8   
ALA HA   H N N 9   
ALA HB1  H N N 10  
ALA HB2  H N N 11  
ALA HB3  H N N 12  
ALA HXT  H N N 13  
ARG N    N N N 14  
ARG CA   C N S 15  
ARG C    C N N 16  
ARG O    O N N 17  
ARG CB   C N N 18  
ARG CG   C N N 19  
ARG CD   C N N 20  
ARG NE   N N N 21  
ARG CZ   C N N 22  
ARG NH1  N N N 23  
ARG NH2  N N N 24  
ARG OXT  O N N 25  
ARG H    H N N 26  
ARG H2   H N N 27  
ARG HA   H N N 28  
ARG HB2  H N N 29  
ARG HB3  H N N 30  
ARG HG2  H N N 31  
ARG HG3  H N N 32  
ARG HD2  H N N 33  
ARG HD3  H N N 34  
ARG HE   H N N 35  
ARG HH11 H N N 36  
ARG HH12 H N N 37  
ARG HH21 H N N 38  
ARG HH22 H N N 39  
ARG HXT  H N N 40  
ASN N    N N N 41  
ASN CA   C N S 42  
ASN C    C N N 43  
ASN O    O N N 44  
ASN CB   C N N 45  
ASN CG   C N N 46  
ASN OD1  O N N 47  
ASN ND2  N N N 48  
ASN OXT  O N N 49  
ASN H    H N N 50  
ASN H2   H N N 51  
ASN HA   H N N 52  
ASN HB2  H N N 53  
ASN HB3  H N N 54  
ASN HD21 H N N 55  
ASN HD22 H N N 56  
ASN HXT  H N N 57  
ASP N    N N N 58  
ASP CA   C N S 59  
ASP C    C N N 60  
ASP O    O N N 61  
ASP CB   C N N 62  
ASP CG   C N N 63  
ASP OD1  O N N 64  
ASP OD2  O N N 65  
ASP OXT  O N N 66  
ASP H    H N N 67  
ASP H2   H N N 68  
ASP HA   H N N 69  
ASP HB2  H N N 70  
ASP HB3  H N N 71  
ASP HD2  H N N 72  
ASP HXT  H N N 73  
CYS N    N N N 74  
CYS CA   C N R 75  
CYS C    C N N 76  
CYS O    O N N 77  
CYS CB   C N N 78  
CYS SG   S N N 79  
CYS OXT  O N N 80  
CYS H    H N N 81  
CYS H2   H N N 82  
CYS HA   H N N 83  
CYS HB2  H N N 84  
CYS HB3  H N N 85  
CYS HG   H N N 86  
CYS HXT  H N N 87  
GLN N    N N N 88  
GLN CA   C N S 89  
GLN C    C N N 90  
GLN O    O N N 91  
GLN CB   C N N 92  
GLN CG   C N N 93  
GLN CD   C N N 94  
GLN OE1  O N N 95  
GLN NE2  N N N 96  
GLN OXT  O N N 97  
GLN H    H N N 98  
GLN H2   H N N 99  
GLN HA   H N N 100 
GLN HB2  H N N 101 
GLN HB3  H N N 102 
GLN HG2  H N N 103 
GLN HG3  H N N 104 
GLN HE21 H N N 105 
GLN HE22 H N N 106 
GLN HXT  H N N 107 
GLU N    N N N 108 
GLU CA   C N S 109 
GLU C    C N N 110 
GLU O    O N N 111 
GLU CB   C N N 112 
GLU CG   C N N 113 
GLU CD   C N N 114 
GLU OE1  O N N 115 
GLU OE2  O N N 116 
GLU OXT  O N N 117 
GLU H    H N N 118 
GLU H2   H N N 119 
GLU HA   H N N 120 
GLU HB2  H N N 121 
GLU HB3  H N N 122 
GLU HG2  H N N 123 
GLU HG3  H N N 124 
GLU HE2  H N N 125 
GLU HXT  H N N 126 
GLY N    N N N 127 
GLY CA   C N N 128 
GLY C    C N N 129 
GLY O    O N N 130 
GLY OXT  O N N 131 
GLY H    H N N 132 
GLY H2   H N N 133 
GLY HA2  H N N 134 
GLY HA3  H N N 135 
GLY HXT  H N N 136 
HIS N    N N N 137 
HIS CA   C N S 138 
HIS C    C N N 139 
HIS O    O N N 140 
HIS CB   C N N 141 
HIS CG   C Y N 142 
HIS ND1  N Y N 143 
HIS CD2  C Y N 144 
HIS CE1  C Y N 145 
HIS NE2  N Y N 146 
HIS OXT  O N N 147 
HIS H    H N N 148 
HIS H2   H N N 149 
HIS HA   H N N 150 
HIS HB2  H N N 151 
HIS HB3  H N N 152 
HIS HD1  H N N 153 
HIS HD2  H N N 154 
HIS HE1  H N N 155 
HIS HE2  H N N 156 
HIS HXT  H N N 157 
HOH O    O N N 158 
HOH H1   H N N 159 
HOH H2   H N N 160 
ILE N    N N N 161 
ILE CA   C N S 162 
ILE C    C N N 163 
ILE O    O N N 164 
ILE CB   C N S 165 
ILE CG1  C N N 166 
ILE CG2  C N N 167 
ILE CD1  C N N 168 
ILE OXT  O N N 169 
ILE H    H N N 170 
ILE H2   H N N 171 
ILE HA   H N N 172 
ILE HB   H N N 173 
ILE HG12 H N N 174 
ILE HG13 H N N 175 
ILE HG21 H N N 176 
ILE HG22 H N N 177 
ILE HG23 H N N 178 
ILE HD11 H N N 179 
ILE HD12 H N N 180 
ILE HD13 H N N 181 
ILE HXT  H N N 182 
LEU N    N N N 183 
LEU CA   C N S 184 
LEU C    C N N 185 
LEU O    O N N 186 
LEU CB   C N N 187 
LEU CG   C N N 188 
LEU CD1  C N N 189 
LEU CD2  C N N 190 
LEU OXT  O N N 191 
LEU H    H N N 192 
LEU H2   H N N 193 
LEU HA   H N N 194 
LEU HB2  H N N 195 
LEU HB3  H N N 196 
LEU HG   H N N 197 
LEU HD11 H N N 198 
LEU HD12 H N N 199 
LEU HD13 H N N 200 
LEU HD21 H N N 201 
LEU HD22 H N N 202 
LEU HD23 H N N 203 
LEU HXT  H N N 204 
LYS N    N N N 205 
LYS CA   C N S 206 
LYS C    C N N 207 
LYS O    O N N 208 
LYS CB   C N N 209 
LYS CG   C N N 210 
LYS CD   C N N 211 
LYS CE   C N N 212 
LYS NZ   N N N 213 
LYS OXT  O N N 214 
LYS H    H N N 215 
LYS H2   H N N 216 
LYS HA   H N N 217 
LYS HB2  H N N 218 
LYS HB3  H N N 219 
LYS HG2  H N N 220 
LYS HG3  H N N 221 
LYS HD2  H N N 222 
LYS HD3  H N N 223 
LYS HE2  H N N 224 
LYS HE3  H N N 225 
LYS HZ1  H N N 226 
LYS HZ2  H N N 227 
LYS HZ3  H N N 228 
LYS HXT  H N N 229 
MET N    N N N 230 
MET CA   C N S 231 
MET C    C N N 232 
MET O    O N N 233 
MET CB   C N N 234 
MET CG   C N N 235 
MET SD   S N N 236 
MET CE   C N N 237 
MET OXT  O N N 238 
MET H    H N N 239 
MET H2   H N N 240 
MET HA   H N N 241 
MET HB2  H N N 242 
MET HB3  H N N 243 
MET HG2  H N N 244 
MET HG3  H N N 245 
MET HE1  H N N 246 
MET HE2  H N N 247 
MET HE3  H N N 248 
MET HXT  H N N 249 
PHE N    N N N 250 
PHE CA   C N S 251 
PHE C    C N N 252 
PHE O    O N N 253 
PHE CB   C N N 254 
PHE CG   C Y N 255 
PHE CD1  C Y N 256 
PHE CD2  C Y N 257 
PHE CE1  C Y N 258 
PHE CE2  C Y N 259 
PHE CZ   C Y N 260 
PHE OXT  O N N 261 
PHE H    H N N 262 
PHE H2   H N N 263 
PHE HA   H N N 264 
PHE HB2  H N N 265 
PHE HB3  H N N 266 
PHE HD1  H N N 267 
PHE HD2  H N N 268 
PHE HE1  H N N 269 
PHE HE2  H N N 270 
PHE HZ   H N N 271 
PHE HXT  H N N 272 
PRO N    N N N 273 
PRO CA   C N S 274 
PRO C    C N N 275 
PRO O    O N N 276 
PRO CB   C N N 277 
PRO CG   C N N 278 
PRO CD   C N N 279 
PRO OXT  O N N 280 
PRO H    H N N 281 
PRO HA   H N N 282 
PRO HB2  H N N 283 
PRO HB3  H N N 284 
PRO HG2  H N N 285 
PRO HG3  H N N 286 
PRO HD2  H N N 287 
PRO HD3  H N N 288 
PRO HXT  H N N 289 
SER N    N N N 290 
SER CA   C N S 291 
SER C    C N N 292 
SER O    O N N 293 
SER CB   C N N 294 
SER OG   O N N 295 
SER OXT  O N N 296 
SER H    H N N 297 
SER H2   H N N 298 
SER HA   H N N 299 
SER HB2  H N N 300 
SER HB3  H N N 301 
SER HG   H N N 302 
SER HXT  H N N 303 
THR N    N N N 304 
THR CA   C N S 305 
THR C    C N N 306 
THR O    O N N 307 
THR CB   C N R 308 
THR OG1  O N N 309 
THR CG2  C N N 310 
THR OXT  O N N 311 
THR H    H N N 312 
THR H2   H N N 313 
THR HA   H N N 314 
THR HB   H N N 315 
THR HG1  H N N 316 
THR HG21 H N N 317 
THR HG22 H N N 318 
THR HG23 H N N 319 
THR HXT  H N N 320 
TRP N    N N N 321 
TRP CA   C N S 322 
TRP C    C N N 323 
TRP O    O N N 324 
TRP CB   C N N 325 
TRP CG   C Y N 326 
TRP CD1  C Y N 327 
TRP CD2  C Y N 328 
TRP NE1  N Y N 329 
TRP CE2  C Y N 330 
TRP CE3  C Y N 331 
TRP CZ2  C Y N 332 
TRP CZ3  C Y N 333 
TRP CH2  C Y N 334 
TRP OXT  O N N 335 
TRP H    H N N 336 
TRP H2   H N N 337 
TRP HA   H N N 338 
TRP HB2  H N N 339 
TRP HB3  H N N 340 
TRP HD1  H N N 341 
TRP HE1  H N N 342 
TRP HE3  H N N 343 
TRP HZ2  H N N 344 
TRP HZ3  H N N 345 
TRP HH2  H N N 346 
TRP HXT  H N N 347 
TYR N    N N N 348 
TYR CA   C N S 349 
TYR C    C N N 350 
TYR O    O N N 351 
TYR CB   C N N 352 
TYR CG   C Y N 353 
TYR CD1  C Y N 354 
TYR CD2  C Y N 355 
TYR CE1  C Y N 356 
TYR CE2  C Y N 357 
TYR CZ   C Y N 358 
TYR OH   O N N 359 
TYR OXT  O N N 360 
TYR H    H N N 361 
TYR H2   H N N 362 
TYR HA   H N N 363 
TYR HB2  H N N 364 
TYR HB3  H N N 365 
TYR HD1  H N N 366 
TYR HD2  H N N 367 
TYR HE1  H N N 368 
TYR HE2  H N N 369 
TYR HH   H N N 370 
TYR HXT  H N N 371 
VAL N    N N N 372 
VAL CA   C N S 373 
VAL C    C N N 374 
VAL O    O N N 375 
VAL CB   C N N 376 
VAL CG1  C N N 377 
VAL CG2  C N N 378 
VAL OXT  O N N 379 
VAL H    H N N 380 
VAL H2   H N N 381 
VAL HA   H N N 382 
VAL HB   H N N 383 
VAL HG11 H N N 384 
VAL HG12 H N N 385 
VAL HG13 H N N 386 
VAL HG21 H N N 387 
VAL HG22 H N N 388 
VAL HG23 H N N 389 
VAL HXT  H N N 390 
# 
loop_
_chem_comp_bond.comp_id 
_chem_comp_bond.atom_id_1 
_chem_comp_bond.atom_id_2 
_chem_comp_bond.value_order 
_chem_comp_bond.pdbx_aromatic_flag 
_chem_comp_bond.pdbx_stereo_config 
_chem_comp_bond.pdbx_ordinal 
ALA N   CA   sing N N 1   
ALA N   H    sing N N 2   
ALA N   H2   sing N N 3   
ALA CA  C    sing N N 4   
ALA CA  CB   sing N N 5   
ALA CA  HA   sing N N 6   
ALA C   O    doub N N 7   
ALA C   OXT  sing N N 8   
ALA CB  HB1  sing N N 9   
ALA CB  HB2  sing N N 10  
ALA CB  HB3  sing N N 11  
ALA OXT HXT  sing N N 12  
ARG N   CA   sing N N 13  
ARG N   H    sing N N 14  
ARG N   H2   sing N N 15  
ARG CA  C    sing N N 16  
ARG CA  CB   sing N N 17  
ARG CA  HA   sing N N 18  
ARG C   O    doub N N 19  
ARG C   OXT  sing N N 20  
ARG CB  CG   sing N N 21  
ARG CB  HB2  sing N N 22  
ARG CB  HB3  sing N N 23  
ARG CG  CD   sing N N 24  
ARG CG  HG2  sing N N 25  
ARG CG  HG3  sing N N 26  
ARG CD  NE   sing N N 27  
ARG CD  HD2  sing N N 28  
ARG CD  HD3  sing N N 29  
ARG NE  CZ   sing N N 30  
ARG NE  HE   sing N N 31  
ARG CZ  NH1  sing N N 32  
ARG CZ  NH2  doub N N 33  
ARG NH1 HH11 sing N N 34  
ARG NH1 HH12 sing N N 35  
ARG NH2 HH21 sing N N 36  
ARG NH2 HH22 sing N N 37  
ARG OXT HXT  sing N N 38  
ASN N   CA   sing N N 39  
ASN N   H    sing N N 40  
ASN N   H2   sing N N 41  
ASN CA  C    sing N N 42  
ASN CA  CB   sing N N 43  
ASN CA  HA   sing N N 44  
ASN C   O    doub N N 45  
ASN C   OXT  sing N N 46  
ASN CB  CG   sing N N 47  
ASN CB  HB2  sing N N 48  
ASN CB  HB3  sing N N 49  
ASN CG  OD1  doub N N 50  
ASN CG  ND2  sing N N 51  
ASN ND2 HD21 sing N N 52  
ASN ND2 HD22 sing N N 53  
ASN OXT HXT  sing N N 54  
ASP N   CA   sing N N 55  
ASP N   H    sing N N 56  
ASP N   H2   sing N N 57  
ASP CA  C    sing N N 58  
ASP CA  CB   sing N N 59  
ASP CA  HA   sing N N 60  
ASP C   O    doub N N 61  
ASP C   OXT  sing N N 62  
ASP CB  CG   sing N N 63  
ASP CB  HB2  sing N N 64  
ASP CB  HB3  sing N N 65  
ASP CG  OD1  doub N N 66  
ASP CG  OD2  sing N N 67  
ASP OD2 HD2  sing N N 68  
ASP OXT HXT  sing N N 69  
CYS N   CA   sing N N 70  
CYS N   H    sing N N 71  
CYS N   H2   sing N N 72  
CYS CA  C    sing N N 73  
CYS CA  CB   sing N N 74  
CYS CA  HA   sing N N 75  
CYS C   O    doub N N 76  
CYS C   OXT  sing N N 77  
CYS CB  SG   sing N N 78  
CYS CB  HB2  sing N N 79  
CYS CB  HB3  sing N N 80  
CYS SG  HG   sing N N 81  
CYS OXT HXT  sing N N 82  
GLN N   CA   sing N N 83  
GLN N   H    sing N N 84  
GLN N   H2   sing N N 85  
GLN CA  C    sing N N 86  
GLN CA  CB   sing N N 87  
GLN CA  HA   sing N N 88  
GLN C   O    doub N N 89  
GLN C   OXT  sing N N 90  
GLN CB  CG   sing N N 91  
GLN CB  HB2  sing N N 92  
GLN CB  HB3  sing N N 93  
GLN CG  CD   sing N N 94  
GLN CG  HG2  sing N N 95  
GLN CG  HG3  sing N N 96  
GLN CD  OE1  doub N N 97  
GLN CD  NE2  sing N N 98  
GLN NE2 HE21 sing N N 99  
GLN NE2 HE22 sing N N 100 
GLN OXT HXT  sing N N 101 
GLU N   CA   sing N N 102 
GLU N   H    sing N N 103 
GLU N   H2   sing N N 104 
GLU CA  C    sing N N 105 
GLU CA  CB   sing N N 106 
GLU CA  HA   sing N N 107 
GLU C   O    doub N N 108 
GLU C   OXT  sing N N 109 
GLU CB  CG   sing N N 110 
GLU CB  HB2  sing N N 111 
GLU CB  HB3  sing N N 112 
GLU CG  CD   sing N N 113 
GLU CG  HG2  sing N N 114 
GLU CG  HG3  sing N N 115 
GLU CD  OE1  doub N N 116 
GLU CD  OE2  sing N N 117 
GLU OE2 HE2  sing N N 118 
GLU OXT HXT  sing N N 119 
GLY N   CA   sing N N 120 
GLY N   H    sing N N 121 
GLY N   H2   sing N N 122 
GLY CA  C    sing N N 123 
GLY CA  HA2  sing N N 124 
GLY CA  HA3  sing N N 125 
GLY C   O    doub N N 126 
GLY C   OXT  sing N N 127 
GLY OXT HXT  sing N N 128 
HIS N   CA   sing N N 129 
HIS N   H    sing N N 130 
HIS N   H2   sing N N 131 
HIS CA  C    sing N N 132 
HIS CA  CB   sing N N 133 
HIS CA  HA   sing N N 134 
HIS C   O    doub N N 135 
HIS C   OXT  sing N N 136 
HIS CB  CG   sing N N 137 
HIS CB  HB2  sing N N 138 
HIS CB  HB3  sing N N 139 
HIS CG  ND1  sing Y N 140 
HIS CG  CD2  doub Y N 141 
HIS ND1 CE1  doub Y N 142 
HIS ND1 HD1  sing N N 143 
HIS CD2 NE2  sing Y N 144 
HIS CD2 HD2  sing N N 145 
HIS CE1 NE2  sing Y N 146 
HIS CE1 HE1  sing N N 147 
HIS NE2 HE2  sing N N 148 
HIS OXT HXT  sing N N 149 
HOH O   H1   sing N N 150 
HOH O   H2   sing N N 151 
ILE N   CA   sing N N 152 
ILE N   H    sing N N 153 
ILE N   H2   sing N N 154 
ILE CA  C    sing N N 155 
ILE CA  CB   sing N N 156 
ILE CA  HA   sing N N 157 
ILE C   O    doub N N 158 
ILE C   OXT  sing N N 159 
ILE CB  CG1  sing N N 160 
ILE CB  CG2  sing N N 161 
ILE CB  HB   sing N N 162 
ILE CG1 CD1  sing N N 163 
ILE CG1 HG12 sing N N 164 
ILE CG1 HG13 sing N N 165 
ILE CG2 HG21 sing N N 166 
ILE CG2 HG22 sing N N 167 
ILE CG2 HG23 sing N N 168 
ILE CD1 HD11 sing N N 169 
ILE CD1 HD12 sing N N 170 
ILE CD1 HD13 sing N N 171 
ILE OXT HXT  sing N N 172 
LEU N   CA   sing N N 173 
LEU N   H    sing N N 174 
LEU N   H2   sing N N 175 
LEU CA  C    sing N N 176 
LEU CA  CB   sing N N 177 
LEU CA  HA   sing N N 178 
LEU C   O    doub N N 179 
LEU C   OXT  sing N N 180 
LEU CB  CG   sing N N 181 
LEU CB  HB2  sing N N 182 
LEU CB  HB3  sing N N 183 
LEU CG  CD1  sing N N 184 
LEU CG  CD2  sing N N 185 
LEU CG  HG   sing N N 186 
LEU CD1 HD11 sing N N 187 
LEU CD1 HD12 sing N N 188 
LEU CD1 HD13 sing N N 189 
LEU CD2 HD21 sing N N 190 
LEU CD2 HD22 sing N N 191 
LEU CD2 HD23 sing N N 192 
LEU OXT HXT  sing N N 193 
LYS N   CA   sing N N 194 
LYS N   H    sing N N 195 
LYS N   H2   sing N N 196 
LYS CA  C    sing N N 197 
LYS CA  CB   sing N N 198 
LYS CA  HA   sing N N 199 
LYS C   O    doub N N 200 
LYS C   OXT  sing N N 201 
LYS CB  CG   sing N N 202 
LYS CB  HB2  sing N N 203 
LYS CB  HB3  sing N N 204 
LYS CG  CD   sing N N 205 
LYS CG  HG2  sing N N 206 
LYS CG  HG3  sing N N 207 
LYS CD  CE   sing N N 208 
LYS CD  HD2  sing N N 209 
LYS CD  HD3  sing N N 210 
LYS CE  NZ   sing N N 211 
LYS CE  HE2  sing N N 212 
LYS CE  HE3  sing N N 213 
LYS NZ  HZ1  sing N N 214 
LYS NZ  HZ2  sing N N 215 
LYS NZ  HZ3  sing N N 216 
LYS OXT HXT  sing N N 217 
MET N   CA   sing N N 218 
MET N   H    sing N N 219 
MET N   H2   sing N N 220 
MET CA  C    sing N N 221 
MET CA  CB   sing N N 222 
MET CA  HA   sing N N 223 
MET C   O    doub N N 224 
MET C   OXT  sing N N 225 
MET CB  CG   sing N N 226 
MET CB  HB2  sing N N 227 
MET CB  HB3  sing N N 228 
MET CG  SD   sing N N 229 
MET CG  HG2  sing N N 230 
MET CG  HG3  sing N N 231 
MET SD  CE   sing N N 232 
MET CE  HE1  sing N N 233 
MET CE  HE2  sing N N 234 
MET CE  HE3  sing N N 235 
MET OXT HXT  sing N N 236 
PHE N   CA   sing N N 237 
PHE N   H    sing N N 238 
PHE N   H2   sing N N 239 
PHE CA  C    sing N N 240 
PHE CA  CB   sing N N 241 
PHE CA  HA   sing N N 242 
PHE C   O    doub N N 243 
PHE C   OXT  sing N N 244 
PHE CB  CG   sing N N 245 
PHE CB  HB2  sing N N 246 
PHE CB  HB3  sing N N 247 
PHE CG  CD1  doub Y N 248 
PHE CG  CD2  sing Y N 249 
PHE CD1 CE1  sing Y N 250 
PHE CD1 HD1  sing N N 251 
PHE CD2 CE2  doub Y N 252 
PHE CD2 HD2  sing N N 253 
PHE CE1 CZ   doub Y N 254 
PHE CE1 HE1  sing N N 255 
PHE CE2 CZ   sing Y N 256 
PHE CE2 HE2  sing N N 257 
PHE CZ  HZ   sing N N 258 
PHE OXT HXT  sing N N 259 
PRO N   CA   sing N N 260 
PRO N   CD   sing N N 261 
PRO N   H    sing N N 262 
PRO CA  C    sing N N 263 
PRO CA  CB   sing N N 264 
PRO CA  HA   sing N N 265 
PRO C   O    doub N N 266 
PRO C   OXT  sing N N 267 
PRO CB  CG   sing N N 268 
PRO CB  HB2  sing N N 269 
PRO CB  HB3  sing N N 270 
PRO CG  CD   sing N N 271 
PRO CG  HG2  sing N N 272 
PRO CG  HG3  sing N N 273 
PRO CD  HD2  sing N N 274 
PRO CD  HD3  sing N N 275 
PRO OXT HXT  sing N N 276 
SER N   CA   sing N N 277 
SER N   H    sing N N 278 
SER N   H2   sing N N 279 
SER CA  C    sing N N 280 
SER CA  CB   sing N N 281 
SER CA  HA   sing N N 282 
SER C   O    doub N N 283 
SER C   OXT  sing N N 284 
SER CB  OG   sing N N 285 
SER CB  HB2  sing N N 286 
SER CB  HB3  sing N N 287 
SER OG  HG   sing N N 288 
SER OXT HXT  sing N N 289 
THR N   CA   sing N N 290 
THR N   H    sing N N 291 
THR N   H2   sing N N 292 
THR CA  C    sing N N 293 
THR CA  CB   sing N N 294 
THR CA  HA   sing N N 295 
THR C   O    doub N N 296 
THR C   OXT  sing N N 297 
THR CB  OG1  sing N N 298 
THR CB  CG2  sing N N 299 
THR CB  HB   sing N N 300 
THR OG1 HG1  sing N N 301 
THR CG2 HG21 sing N N 302 
THR CG2 HG22 sing N N 303 
THR CG2 HG23 sing N N 304 
THR OXT HXT  sing N N 305 
TRP N   CA   sing N N 306 
TRP N   H    sing N N 307 
TRP N   H2   sing N N 308 
TRP CA  C    sing N N 309 
TRP CA  CB   sing N N 310 
TRP CA  HA   sing N N 311 
TRP C   O    doub N N 312 
TRP C   OXT  sing N N 313 
TRP CB  CG   sing N N 314 
TRP CB  HB2  sing N N 315 
TRP CB  HB3  sing N N 316 
TRP CG  CD1  doub Y N 317 
TRP CG  CD2  sing Y N 318 
TRP CD1 NE1  sing Y N 319 
TRP CD1 HD1  sing N N 320 
TRP CD2 CE2  doub Y N 321 
TRP CD2 CE3  sing Y N 322 
TRP NE1 CE2  sing Y N 323 
TRP NE1 HE1  sing N N 324 
TRP CE2 CZ2  sing Y N 325 
TRP CE3 CZ3  doub Y N 326 
TRP CE3 HE3  sing N N 327 
TRP CZ2 CH2  doub Y N 328 
TRP CZ2 HZ2  sing N N 329 
TRP CZ3 CH2  sing Y N 330 
TRP CZ3 HZ3  sing N N 331 
TRP CH2 HH2  sing N N 332 
TRP OXT HXT  sing N N 333 
TYR N   CA   sing N N 334 
TYR N   H    sing N N 335 
TYR N   H2   sing N N 336 
TYR CA  C    sing N N 337 
TYR CA  CB   sing N N 338 
TYR CA  HA   sing N N 339 
TYR C   O    doub N N 340 
TYR C   OXT  sing N N 341 
TYR CB  CG   sing N N 342 
TYR CB  HB2  sing N N 343 
TYR CB  HB3  sing N N 344 
TYR CG  CD1  doub Y N 345 
TYR CG  CD2  sing Y N 346 
TYR CD1 CE1  sing Y N 347 
TYR CD1 HD1  sing N N 348 
TYR CD2 CE2  doub Y N 349 
TYR CD2 HD2  sing N N 350 
TYR CE1 CZ   doub Y N 351 
TYR CE1 HE1  sing N N 352 
TYR CE2 CZ   sing Y N 353 
TYR CE2 HE2  sing N N 354 
TYR CZ  OH   sing N N 355 
TYR OH  HH   sing N N 356 
TYR OXT HXT  sing N N 357 
VAL N   CA   sing N N 358 
VAL N   H    sing N N 359 
VAL N   H2   sing N N 360 
VAL CA  C    sing N N 361 
VAL CA  CB   sing N N 362 
VAL CA  HA   sing N N 363 
VAL C   O    doub N N 364 
VAL C   OXT  sing N N 365 
VAL CB  CG1  sing N N 366 
VAL CB  CG2  sing N N 367 
VAL CB  HB   sing N N 368 
VAL CG1 HG11 sing N N 369 
VAL CG1 HG12 sing N N 370 
VAL CG1 HG13 sing N N 371 
VAL CG2 HG21 sing N N 372 
VAL CG2 HG22 sing N N 373 
VAL CG2 HG23 sing N N 374 
VAL OXT HXT  sing N N 375 
# 
_pdbx_audit_support.funding_organization   'Austrian Science Fund' 
_pdbx_audit_support.country                Austria 
_pdbx_audit_support.grant_number           W1258 
_pdbx_audit_support.ordinal                1 
# 
_pdbx_initial_refinement_model.id               1 
_pdbx_initial_refinement_model.entity_id_list   ? 
_pdbx_initial_refinement_model.type             'experimental model' 
_pdbx_initial_refinement_model.source_name      PDB 
_pdbx_initial_refinement_model.accession_code   6S95 
_pdbx_initial_refinement_model.details          ? 
# 
_atom_sites.entry_id                    6S92 
_atom_sites.Cartn_transf_matrix[1][1]   ? 
_atom_sites.Cartn_transf_matrix[1][2]   ? 
_atom_sites.Cartn_transf_matrix[1][3]   ? 
_atom_sites.Cartn_transf_matrix[2][1]   ? 
_atom_sites.Cartn_transf_matrix[2][2]   ? 
_atom_sites.Cartn_transf_matrix[2][3]   ? 
_atom_sites.Cartn_transf_matrix[3][1]   ? 
_atom_sites.Cartn_transf_matrix[3][2]   ? 
_atom_sites.Cartn_transf_matrix[3][3]   ? 
_atom_sites.Cartn_transf_vector[1]      ? 
_atom_sites.Cartn_transf_vector[2]      ? 
_atom_sites.Cartn_transf_vector[3]      ? 
_atom_sites.fract_transf_matrix[1][1]   -0.01325316 
_atom_sites.fract_transf_matrix[1][2]   -0.02536117 
_atom_sites.fract_transf_matrix[1][3]   -0.01427883 
_atom_sites.fract_transf_matrix[2][1]   -0.01447642 
_atom_sites.fract_transf_matrix[2][2]   0.00799667 
_atom_sites.fract_transf_matrix[2][3]   -0.00076663 
_atom_sites.fract_transf_matrix[3][1]   0.00295639 
_atom_sites.fract_transf_matrix[3][2]   0.00434846 
_atom_sites.fract_transf_matrix[3][3]   -0.01046749 
_atom_sites.fract_transf_vector[1]      -0.039631 
_atom_sites.fract_transf_vector[2]      -0.108358 
_atom_sites.fract_transf_vector[3]      0.097154 
_atom_sites.solution_primary            ? 
_atom_sites.solution_secondary          ? 
_atom_sites.solution_hydrogens          ? 
_atom_sites.special_details             ? 
# 
loop_
_atom_type.symbol 
C 
N 
O 
S 
# 
loop_
_atom_site.group_PDB 
_atom_site.id 
_atom_site.type_symbol 
_atom_site.label_atom_id 
_atom_site.label_alt_id 
_atom_site.label_comp_id 
_atom_site.label_asym_id 
_atom_site.label_entity_id 
_atom_site.label_seq_id 
_atom_site.pdbx_PDB_ins_code 
_atom_site.Cartn_x 
_atom_site.Cartn_y 
_atom_site.Cartn_z 
_atom_site.occupancy 
_atom_site.B_iso_or_equiv 
_atom_site.pdbx_formal_charge 
_atom_site.auth_seq_id 
_atom_site.auth_comp_id 
_atom_site.auth_asym_id 
_atom_site.auth_atom_id 
_atom_site.pdbx_PDB_model_num 
ATOM   1   N N   . THR A 1 2   ? -4.065  -11.371 21.509  1.00 32.71 ? 300 THR A N   1 
ATOM   2   C CA  . THR A 1 2   ? -4.490  -11.512 20.118  1.00 32.27 ? 300 THR A CA  1 
ATOM   3   C C   . THR A 1 2   ? -3.724  -10.562 19.195  1.00 34.93 ? 300 THR A C   1 
ATOM   4   O O   . THR A 1 2   ? -3.909  -9.342  19.231  1.00 33.43 ? 300 THR A O   1 
ATOM   5   C CB  . THR A 1 2   ? -5.996  -11.249 19.948  1.00 32.67 ? 300 THR A CB  1 
ATOM   6   O OG1 . THR A 1 2   ? -6.736  -12.304 20.563  1.00 35.67 ? 300 THR A OG1 1 
ATOM   7   C CG2 . THR A 1 2   ? -6.368  -11.189 18.471  1.00 32.11 ? 300 THR A CG2 1 
ATOM   8   N N   . THR A 1 3   ? -2.859  -11.137 18.368  1.00 31.02 ? 301 THR A N   1 
ATOM   9   C CA  . THR A 1 3   ? -2.102  -10.365 17.398  1.00 32.99 ? 301 THR A CA  1 
ATOM   10  C C   . THR A 1 3   ? -2.086  -11.108 16.073  1.00 30.98 ? 301 THR A C   1 
ATOM   11  O O   . THR A 1 3   ? -2.313  -12.320 16.010  1.00 29.46 ? 301 THR A O   1 
ATOM   12  C CB  . THR A 1 3   ? -0.651  -10.126 17.840  1.00 36.23 ? 301 THR A CB  1 
ATOM   13  O OG1 . THR A 1 3   ? 0.125   -11.301 17.559  1.00 38.43 ? 301 THR A OG1 1 
ATOM   14  C CG2 . THR A 1 3   ? -0.555  -9.793  19.332  1.00 38.11 ? 301 THR A CG2 1 
ATOM   15  N N   . TYR A 1 4   ? -1.793  -10.368 15.011  1.00 31.29 ? 302 TYR A N   1 
ATOM   16  C CA  . TYR A 1 4   ? -1.532  -10.955 13.709  1.00 29.21 ? 302 TYR A CA  1 
ATOM   17  C C   . TYR A 1 4   ? -0.174  -10.481 13.212  1.00 29.43 ? 302 TYR A C   1 
ATOM   18  O O   . TYR A 1 4   ? 0.311   -9.416  13.604  1.00 32.11 ? 302 TYR A O   1 
ATOM   19  C CB  . TYR A 1 4   ? -2.619  -10.586 12.696  1.00 27.16 ? 302 TYR A CB  1 
ATOM   20  C CG  . TYR A 1 4   ? -3.943  -11.244 12.983  1.00 29.26 ? 302 TYR A CG  1 
ATOM   21  C CD1 . TYR A 1 4   ? -4.157  -12.574 12.651  1.00 29.46 ? 302 TYR A CD1 1 
ATOM   22  C CD2 . TYR A 1 4   ? -4.971  -10.544 13.601  1.00 33.08 ? 302 TYR A CD2 1 
ATOM   23  C CE1 . TYR A 1 4   ? -5.369  -13.188 12.915  1.00 32.51 ? 302 TYR A CE1 1 
ATOM   24  C CE2 . TYR A 1 4   ? -6.188  -11.153 13.872  1.00 30.83 ? 302 TYR A CE2 1 
ATOM   25  C CZ  . TYR A 1 4   ? -6.377  -12.471 13.520  1.00 33.88 ? 302 TYR A CZ  1 
ATOM   26  O OH  . TYR A 1 4   ? -7.583  -13.093 13.784  1.00 37.84 ? 302 TYR A OH  1 
ATOM   27  N N   . GLY A 1 5   ? 0.442   -11.283 12.353  1.00 28.27 ? 303 GLY A N   1 
ATOM   28  C CA  . GLY A 1 5   ? 1.740   -10.942 11.806  1.00 29.47 ? 303 GLY A CA  1 
ATOM   29  C C   . GLY A 1 5   ? 1.648   -9.971  10.641  1.00 27.35 ? 303 GLY A C   1 
ATOM   30  O O   . GLY A 1 5   ? 0.567   -9.646  10.156  1.00 27.17 ? 303 GLY A O   1 
ATOM   31  N N   . MET A 1 6   ? 2.812   -9.499  10.195  1.00 26.83 ? 304 MET A N   1 
ATOM   32  C CA  . MET A 1 6   ? 2.883   -8.802  8.915   1.00 25.88 ? 304 MET A CA  1 
ATOM   33  C C   . MET A 1 6   ? 2.600   -9.761  7.771   1.00 27.98 ? 304 MET A C   1 
ATOM   34  O O   . MET A 1 6   ? 3.051   -10.912 7.771   1.00 27.75 ? 304 MET A O   1 
ATOM   35  C CB  . MET A 1 6   ? 4.265   -8.186  8.700   1.00 30.94 ? 304 MET A CB  1 
ATOM   36  C CG  . MET A 1 6   ? 4.729   -7.251  9.784   1.00 31.16 ? 304 MET A CG  1 
ATOM   37  S SD  . MET A 1 6   ? 3.650   -5.831  9.994   1.00 44.20 ? 304 MET A SD  1 
ATOM   38  C CE  . MET A 1 6   ? 3.618   -5.114  8.339   1.00 28.83 ? 304 MET A CE  1 
ATOM   39  N N   . CYS A 1 7   ? 1.869   -9.280  6.770   1.00 25.86 ? 305 CYS A N   1 
ATOM   40  C CA  . CYS A 1 7   ? 1.718   -10.063 5.555   1.00 24.68 ? 305 CYS A CA  1 
ATOM   41  C C   . CYS A 1 7   ? 3.081   -10.326 4.933   1.00 28.23 ? 305 CYS A C   1 
ATOM   42  O O   . CYS A 1 7   ? 3.892   -9.408  4.778   1.00 30.55 ? 305 CYS A O   1 
ATOM   43  C CB  . CYS A 1 7   ? 0.824   -9.329  4.566   1.00 26.51 ? 305 CYS A CB  1 
ATOM   44  S SG  . CYS A 1 7   ? -0.833  -8.946  5.192   1.00 24.00 ? 305 CYS A SG  1 
ATOM   45  N N   . THR A 1 8   ? 3.341   -11.588 4.590   1.00 30.79 ? 306 THR A N   1 
ATOM   46  C CA  . THR A 1 8   ? 4.635   -11.957 4.025   1.00 32.19 ? 306 THR A CA  1 
ATOM   47  C C   . THR A 1 8   ? 4.610   -12.159 2.515   1.00 32.11 ? 306 THR A C   1 
ATOM   48  O O   . THR A 1 8   ? 5.681   -12.222 1.908   1.00 34.46 ? 306 THR A O   1 
ATOM   49  C CB  . THR A 1 8   ? 5.170   -13.240 4.672   1.00 32.16 ? 306 THR A CB  1 
ATOM   50  O OG1 . THR A 1 8   ? 4.366   -14.346 4.256   1.00 36.89 ? 306 THR A OG1 1 
ATOM   51  C CG2 . THR A 1 8   ? 5.149   -13.137 6.205   1.00 32.85 ? 306 THR A CG2 1 
ATOM   52  N N   . GLU A 1 9   ? 3.441   -12.280 1.898   1.00 32.67 ? 307 GLU A N   1 
ATOM   53  C CA  . GLU A 1 9   ? 3.368   -12.608 0.483   1.00 32.74 ? 307 GLU A CA  1 
ATOM   54  C C   . GLU A 1 9   ? 3.164   -11.344 -0.359  1.00 32.14 ? 307 GLU A C   1 
ATOM   55  O O   . GLU A 1 9   ? 3.105   -10.219 0.148   1.00 32.00 ? 307 GLU A O   1 
ATOM   56  C CB  . GLU A 1 9   ? 2.273   -13.646 0.234   1.00 35.45 ? 307 GLU A CB  1 
ATOM   57  C CG  . GLU A 1 9   ? 2.529   -14.982 0.927   1.00 35.38 ? 307 GLU A CG  1 
ATOM   58  C CD  . GLU A 1 9   ? 3.868   -15.598 0.535   1.00 39.89 ? 307 GLU A CD  1 
ATOM   59  O OE1 . GLU A 1 9   ? 4.205   -15.600 -0.670  1.00 42.32 ? 307 GLU A OE1 1 
ATOM   60  O OE2 . GLU A 1 9   ? 4.585   -16.079 1.436   1.00 42.02 ? 307 GLU A OE2 1 
ATOM   61  N N   . LYS A 1 10  ? 3.083   -11.525 -1.671  1.00 32.07 ? 308 LYS A N   1 
ATOM   62  C CA  . LYS A 1 10  ? 3.081   -10.376 -2.561  1.00 31.74 ? 308 LYS A CA  1 
ATOM   63  C C   . LYS A 1 10  ? 1.669   -9.832  -2.728  1.00 30.67 ? 308 LYS A C   1 
ATOM   64  O O   . LYS A 1 10  ? 0.678   -10.568 -2.680  1.00 28.88 ? 308 LYS A O   1 
ATOM   65  C CB  . LYS A 1 10  ? 3.674   -10.726 -3.929  1.00 35.58 ? 308 LYS A CB  1 
ATOM   66  C CG  . LYS A 1 10  ? 2.748   -11.528 -4.833  1.00 36.88 ? 308 LYS A CG  1 
ATOM   67  C CD  . LYS A 1 10  ? 3.183   -11.468 -6.298  1.00 39.39 ? 308 LYS A CD  1 
ATOM   68  C CE  . LYS A 1 10  ? 1.973   -11.563 -7.232  1.00 42.75 ? 308 LYS A CE  1 
ATOM   69  N NZ  . LYS A 1 10  ? 1.854   -12.919 -7.853  1.00 44.62 ? 308 LYS A NZ  1 
ATOM   70  N N   . PHE A 1 11  ? 1.594   -8.520  -2.880  1.00 26.94 ? 309 PHE A N   1 
ATOM   71  C CA  . PHE A 1 11  ? 0.375   -7.804  -3.211  1.00 27.75 ? 309 PHE A CA  1 
ATOM   72  C C   . PHE A 1 11  ? 0.357   -7.486  -4.698  1.00 29.32 ? 309 PHE A C   1 
ATOM   73  O O   . PHE A 1 11  ? 1.369   -7.602  -5.391  1.00 28.67 ? 309 PHE A O   1 
ATOM   74  C CB  . PHE A 1 11  ? 0.287   -6.507  -2.401  1.00 26.97 ? 309 PHE A CB  1 
ATOM   75  C CG  . PHE A 1 11  ? 0.003   -6.731  -0.946  1.00 22.07 ? 309 PHE A CG  1 
ATOM   76  C CD1 . PHE A 1 11  ? 1.005   -7.117  -0.082  1.00 25.56 ? 309 PHE A CD1 1 
ATOM   77  C CD2 . PHE A 1 11  ? -1.275  -6.578  -0.454  1.00 23.87 ? 309 PHE A CD2 1 
ATOM   78  C CE1 . PHE A 1 11  ? 0.736   -7.335  1.258   1.00 24.20 ? 309 PHE A CE1 1 
ATOM   79  C CE2 . PHE A 1 11  ? -1.555  -6.788  0.894   1.00 20.76 ? 309 PHE A CE2 1 
ATOM   80  C CZ  . PHE A 1 11  ? -0.549  -7.173  1.740   1.00 22.70 ? 309 PHE A CZ  1 
ATOM   81  N N   . SER A 1 12  ? -0.805  -7.058  -5.184  1.00 24.29 ? 310 SER A N   1 
ATOM   82  C CA  . SER A 1 12  ? -0.888  -6.517  -6.528  1.00 27.95 ? 310 SER A CA  1 
ATOM   83  C C   . SER A 1 12  ? -1.835  -5.328  -6.527  1.00 28.98 ? 310 SER A C   1 
ATOM   84  O O   . SER A 1 12  ? -2.708  -5.208  -5.666  1.00 28.11 ? 310 SER A O   1 
ATOM   85  C CB  . SER A 1 12  ? -1.342  -7.577  -7.529  1.00 29.31 ? 310 SER A CB  1 
ATOM   86  O OG  . SER A 1 12  ? -2.566  -8.130  -7.119  1.00 33.96 ? 310 SER A OG  1 
ATOM   87  N N   . PHE A 1 13  ? -1.630  -4.424  -7.477  1.00 30.07 ? 311 PHE A N   1 
ATOM   88  C CA  . PHE A 1 13  ? -2.564  -3.323  -7.668  1.00 29.77 ? 311 PHE A CA  1 
ATOM   89  C C   . PHE A 1 13  ? -3.717  -3.826  -8.529  1.00 31.21 ? 311 PHE A C   1 
ATOM   90  O O   . PHE A 1 13  ? -3.531  -4.121  -9.714  1.00 33.77 ? 311 PHE A O   1 
ATOM   91  C CB  . PHE A 1 13  ? -1.862  -2.131  -8.314  1.00 29.74 ? 311 PHE A CB  1 
ATOM   92  C CG  . PHE A 1 13  ? -0.616  -1.689  -7.601  1.00 32.94 ? 311 PHE A CG  1 
ATOM   93  C CD1 . PHE A 1 13  ? -0.657  -1.282  -6.278  1.00 32.05 ? 311 PHE A CD1 1 
ATOM   94  C CD2 . PHE A 1 13  ? 0.599   -1.661  -8.267  1.00 33.65 ? 311 PHE A CD2 1 
ATOM   95  C CE1 . PHE A 1 13  ? 0.499   -0.858  -5.628  1.00 32.27 ? 311 PHE A CE1 1 
ATOM   96  C CE2 . PHE A 1 13  ? 1.758   -1.242  -7.627  1.00 33.53 ? 311 PHE A CE2 1 
ATOM   97  C CZ  . PHE A 1 13  ? 1.710   -0.838  -6.309  1.00 32.67 ? 311 PHE A CZ  1 
ATOM   98  N N   . ALA A 1 14  ? -4.914  -3.929  -7.944  1.00 29.56 ? 312 ALA A N   1 
ATOM   99  C CA  . ALA A 1 14  ? -6.073  -4.415  -8.692  1.00 31.61 ? 312 ALA A CA  1 
ATOM   100 C C   . ALA A 1 14  ? -6.542  -3.411  -9.745  1.00 33.61 ? 312 ALA A C   1 
ATOM   101 O O   . ALA A 1 14  ? -7.097  -3.807  -10.783 1.00 31.19 ? 312 ALA A O   1 
ATOM   102 C CB  . ALA A 1 14  ? -7.216  -4.742  -7.732  1.00 33.04 ? 312 ALA A CB  1 
ATOM   103 N N   . LYS A 1 15  ? -6.349  -2.121  -9.478  1.00 29.34 ? 313 LYS A N   1 
ATOM   104 C CA  . LYS A 1 15  ? -6.719  -1.027  -10.362 1.00 27.57 ? 313 LYS A CA  1 
ATOM   105 C C   . LYS A 1 15  ? -5.632  0.031   -10.275 1.00 28.27 ? 313 LYS A C   1 
ATOM   106 O O   . LYS A 1 15  ? -4.761  -0.021  -9.405  1.00 26.76 ? 313 LYS A O   1 
ATOM   107 C CB  . LYS A 1 15  ? -8.067  -0.400  -9.983  1.00 31.39 ? 313 LYS A CB  1 
ATOM   108 C CG  . LYS A 1 15  ? -9.253  -1.335  -9.970  1.00 34.09 ? 313 LYS A CG  1 
ATOM   109 C CD  . LYS A 1 15  ? -10.524 -0.539  -9.687  1.00 38.34 ? 313 LYS A CD  1 
ATOM   110 C CE  . LYS A 1 15  ? -11.568 -1.361  -8.954  1.00 42.21 ? 313 LYS A CE  1 
ATOM   111 N NZ  . LYS A 1 15  ? -12.824 -0.582  -8.731  1.00 44.00 ? 313 LYS A NZ  1 
ATOM   112 N N   . ASN A 1 16  ? -5.688  1.007   -11.175 1.00 26.68 ? 314 ASN A N   1 
ATOM   113 C CA  . ASN A 1 16  ? -4.790  2.143   -11.059 1.00 27.51 ? 314 ASN A CA  1 
ATOM   114 C C   . ASN A 1 16  ? -5.041  2.866   -9.736  1.00 26.21 ? 314 ASN A C   1 
ATOM   115 O O   . ASN A 1 16  ? -6.195  2.990   -9.307  1.00 26.47 ? 314 ASN A O   1 
ATOM   116 C CB  . ASN A 1 16  ? -5.011  3.136   -12.202 1.00 26.88 ? 314 ASN A CB  1 
ATOM   117 C CG  . ASN A 1 16  ? -4.609  2.588   -13.561 1.00 27.44 ? 314 ASN A CG  1 
ATOM   118 O OD1 . ASN A 1 16  ? -3.577  1.937   -13.705 1.00 24.03 ? 314 ASN A OD1 1 
ATOM   119 N ND2 . ASN A 1 16  ? -5.430  2.867   -14.568 1.00 27.89 ? 314 ASN A ND2 1 
ATOM   120 N N   . PRO A 1 17  ? -3.998  3.353   -9.067  1.00 24.87 ? 315 PRO A N   1 
ATOM   121 C CA  . PRO A 1 17  ? -4.204  4.383   -8.042  1.00 24.64 ? 315 PRO A CA  1 
ATOM   122 C C   . PRO A 1 17  ? -4.997  5.530   -8.645  1.00 26.76 ? 315 PRO A C   1 
ATOM   123 O O   . PRO A 1 17  ? -4.744  5.953   -9.776  1.00 24.75 ? 315 PRO A O   1 
ATOM   124 C CB  . PRO A 1 17  ? -2.780  4.810   -7.665  1.00 28.58 ? 315 PRO A CB  1 
ATOM   125 C CG  . PRO A 1 17  ? -1.897  3.691   -8.115  1.00 28.51 ? 315 PRO A CG  1 
ATOM   126 C CD  . PRO A 1 17  ? -2.581  3.011   -9.267  1.00 25.80 ? 315 PRO A CD  1 
ATOM   127 N N   . ALA A 1 18  ? -5.981  6.026   -7.899  1.00 25.38 ? 316 ALA A N   1 
ATOM   128 C CA  . ALA A 1 18  ? -6.962  6.969   -8.431  1.00 26.07 ? 316 ALA A CA  1 
ATOM   129 C C   . ALA A 1 18  ? -6.937  8.260   -7.625  1.00 27.29 ? 316 ALA A C   1 
ATOM   130 O O   . ALA A 1 18  ? -7.022  8.233   -6.390  1.00 26.14 ? 316 ALA A O   1 
ATOM   131 C CB  . ALA A 1 18  ? -8.363  6.352   -8.418  1.00 30.22 ? 316 ALA A CB  1 
ATOM   132 N N   . ASP A 1 19  ? -6.803  9.385   -8.322  1.00 24.04 ? 317 ASP A N   1 
ATOM   133 C CA  . ASP A 1 19  ? -6.864  10.686  -7.666  1.00 29.38 ? 317 ASP A CA  1 
ATOM   134 C C   . ASP A 1 19  ? -8.278  10.916  -7.136  1.00 30.13 ? 317 ASP A C   1 
ATOM   135 O O   . ASP A 1 19  ? -9.260  10.704  -7.852  1.00 30.78 ? 317 ASP A O   1 
ATOM   136 C CB  . ASP A 1 19  ? -6.419  11.764  -8.665  1.00 31.15 ? 317 ASP A CB  1 
ATOM   137 C CG  . ASP A 1 19  ? -6.773  13.197  -8.234  1.00 34.94 ? 317 ASP A CG  1 
ATOM   138 O OD1 . ASP A 1 19  ? -6.585  13.573  -7.069  1.00 36.50 ? 317 ASP A OD1 1 
ATOM   139 O OD2 . ASP A 1 19  ? -7.152  13.997  -9.131  1.00 43.69 ? 317 ASP A OD2 1 
ATOM   140 N N   . THR A 1 20  ? -8.384  11.239  -5.846  1.00 28.96 ? 318 THR A N   1 
ATOM   141 C CA  . THR A 1 20  ? -9.695  11.468  -5.262  1.00 32.21 ? 318 THR A CA  1 
ATOM   142 C C   . THR A 1 20  ? -10.229 12.862  -5.548  1.00 34.36 ? 318 THR A C   1 
ATOM   143 O O   . THR A 1 20  ? -11.425 13.101  -5.357  1.00 36.10 ? 318 THR A O   1 
ATOM   144 C CB  . THR A 1 20  ? -9.635  11.274  -3.762  1.00 33.53 ? 318 THR A CB  1 
ATOM   145 O OG1 . THR A 1 20  ? -10.960 11.177  -3.241  1.00 42.09 ? 318 THR A OG1 1 
ATOM   146 C CG2 . THR A 1 20  ? -8.962  12.456  -3.160  1.00 28.20 ? 318 THR A CG2 1 
ATOM   147 N N   . GLY A 1 21  ? -9.369  13.773  -5.999  1.00 32.87 ? 319 GLY A N   1 
ATOM   148 C CA  . GLY A 1 21  ? -9.734  15.157  -6.197  1.00 35.29 ? 319 GLY A CA  1 
ATOM   149 C C   . GLY A 1 21  ? -9.426  16.086  -5.037  1.00 35.96 ? 319 GLY A C   1 
ATOM   150 O O   . GLY A 1 21  ? -9.537  17.305  -5.206  1.00 40.79 ? 319 GLY A O   1 
ATOM   151 N N   . HIS A 1 22  ? -9.064  15.570  -3.863  1.00 34.80 ? 320 HIS A N   1 
ATOM   152 C CA  . HIS A 1 22  ? -8.695  16.442  -2.751  1.00 35.85 ? 320 HIS A CA  1 
ATOM   153 C C   . HIS A 1 22  ? -7.372  16.005  -2.148  1.00 34.40 ? 320 HIS A C   1 
ATOM   154 O O   . HIS A 1 22  ? -7.217  15.851  -0.931  1.00 35.20 ? 320 HIS A O   1 
ATOM   155 C CB  . HIS A 1 22  ? -9.784  16.514  -1.688  1.00 38.64 ? 320 HIS A CB  1 
ATOM   156 C CG  . HIS A 1 22  ? -10.451 15.208  -1.413  1.00 35.73 ? 320 HIS A CG  1 
ATOM   157 N ND1 . HIS A 1 22  ? -10.106 14.412  -0.341  1.00 41.29 ? 320 HIS A ND1 1 
ATOM   158 C CD2 . HIS A 1 22  ? -11.450 14.564  -2.058  1.00 38.03 ? 320 HIS A CD2 1 
ATOM   159 C CE1 . HIS A 1 22  ? -10.862 13.328  -0.341  1.00 39.99 ? 320 HIS A CE1 1 
ATOM   160 N NE2 . HIS A 1 22  ? -11.687 13.396  -1.373  1.00 40.38 ? 320 HIS A NE2 1 
ATOM   161 N N   . GLY A 1 23  ? -6.386  15.827  -3.021  1.00 33.77 ? 321 GLY A N   1 
ATOM   162 C CA  . GLY A 1 23  ? -5.010  15.624  -2.634  1.00 33.24 ? 321 GLY A CA  1 
ATOM   163 C C   . GLY A 1 23  ? -4.678  14.244  -2.128  1.00 31.66 ? 321 GLY A C   1 
ATOM   164 O O   . GLY A 1 23  ? -3.548  14.033  -1.674  1.00 29.26 ? 321 GLY A O   1 
ATOM   165 N N   . THR A 1 24  ? -5.622  13.304  -2.168  1.00 30.26 ? 322 THR A N   1 
ATOM   166 C CA  . THR A 1 24  ? -5.368  11.946  -1.710  1.00 29.29 ? 322 THR A CA  1 
ATOM   167 C C   . THR A 1 24  ? -5.603  10.965  -2.856  1.00 26.79 ? 322 THR A C   1 
ATOM   168 O O   . THR A 1 24  ? -6.132  11.314  -3.914  1.00 27.92 ? 322 THR A O   1 
ATOM   169 C CB  . THR A 1 24  ? -6.216  11.586  -0.469  1.00 28.50 ? 322 THR A CB  1 
ATOM   170 O OG1 . THR A 1 24  ? -7.603  11.449  -0.800  1.00 32.04 ? 322 THR A OG1 1 
ATOM   171 C CG2 . THR A 1 24  ? -6.066  12.633  0.627   1.00 31.87 ? 322 THR A CG2 1 
ATOM   172 N N   . VAL A 1 25  ? -5.148  9.734   -2.646  1.00 24.63 ? 323 VAL A N   1 
ATOM   173 C CA  . VAL A 1 25  ? -5.090  8.698   -3.674  1.00 23.57 ? 323 VAL A CA  1 
ATOM   174 C C   . VAL A 1 25  ? -5.713  7.433   -3.101  1.00 25.82 ? 323 VAL A C   1 
ATOM   175 O O   . VAL A 1 25  ? -5.327  6.996   -2.012  1.00 23.23 ? 323 VAL A O   1 
ATOM   176 C CB  . VAL A 1 25  ? -3.636  8.422   -4.104  1.00 23.00 ? 323 VAL A CB  1 
ATOM   177 C CG1 . VAL A 1 25  ? -3.582  7.460   -5.267  1.00 24.76 ? 323 VAL A CG1 1 
ATOM   178 C CG2 . VAL A 1 25  ? -2.931  9.712   -4.465  1.00 27.98 ? 323 VAL A CG2 1 
ATOM   179 N N   . VAL A 1 26  ? -6.664  6.845   -3.827  1.00 24.08 ? 324 VAL A N   1 
ATOM   180 C CA  . VAL A 1 26  ? -7.318  5.607   -3.416  1.00 21.61 ? 324 VAL A CA  1 
ATOM   181 C C   . VAL A 1 26  ? -6.698  4.463   -4.200  1.00 25.49 ? 324 VAL A C   1 
ATOM   182 O O   . VAL A 1 26  ? -6.498  4.572   -5.413  1.00 23.72 ? 324 VAL A O   1 
ATOM   183 C CB  . VAL A 1 26  ? -8.838  5.683   -3.628  1.00 24.94 ? 324 VAL A CB  1 
ATOM   184 C CG1 . VAL A 1 26  ? -9.464  4.293   -3.603  1.00 28.18 ? 324 VAL A CG1 1 
ATOM   185 C CG2 . VAL A 1 26  ? -9.460  6.558   -2.571  1.00 24.60 ? 324 VAL A CG2 1 
ATOM   186 N N   . LEU A 1 27  ? -6.351  3.384   -3.505  1.00 21.36 ? 325 LEU A N   1 
ATOM   187 C CA  . LEU A 1 27  ? -5.739  2.222   -4.136  1.00 25.02 ? 325 LEU A CA  1 
ATOM   188 C C   . LEU A 1 27  ? -6.454  0.953   -3.711  1.00 23.54 ? 325 LEU A C   1 
ATOM   189 O O   . LEU A 1 27  ? -6.598  0.688   -2.514  1.00 22.28 ? 325 LEU A O   1 
ATOM   190 C CB  . LEU A 1 27  ? -4.268  2.104   -3.770  1.00 24.43 ? 325 LEU A CB  1 
ATOM   191 C CG  . LEU A 1 27  ? -3.487  1.051   -4.546  1.00 27.25 ? 325 LEU A CG  1 
ATOM   192 C CD1 . LEU A 1 27  ? -3.823  1.064   -6.051  1.00 28.37 ? 325 LEU A CD1 1 
ATOM   193 C CD2 . LEU A 1 27  ? -2.010  1.298   -4.305  1.00 26.50 ? 325 LEU A CD2 1 
ATOM   194 N N   . GLU A 1 28  ? -6.880  0.162   -4.691  1.00 24.46 ? 326 GLU A N   1 
ATOM   195 C CA  . GLU A 1 28  ? -7.488  -1.131  -4.418  1.00 27.12 ? 326 GLU A CA  1 
ATOM   196 C C   . GLU A 1 28  ? -6.405  -2.176  -4.636  1.00 26.79 ? 326 GLU A C   1 
ATOM   197 O O   . GLU A 1 28  ? -5.906  -2.343  -5.756  1.00 27.71 ? 326 GLU A O   1 
ATOM   198 C CB  . GLU A 1 28  ? -8.724  -1.333  -5.296  1.00 28.25 ? 326 GLU A CB  1 
ATOM   199 C CG  . GLU A 1 28  ? -9.737  -0.174  -5.016  1.00 31.99 ? 326 GLU A CG  1 
ATOM   200 C CD  . GLU A 1 28  ? -11.126 -0.312  -5.650  1.00 38.40 ? 326 GLU A CD  1 
ATOM   201 O OE1 . GLU A 1 28  ? -11.783 -1.363  -5.494  1.00 41.93 ? 326 GLU A OE1 1 
ATOM   202 O OE2 . GLU A 1 28  ? -11.572 0.665   -6.293  1.00 40.42 ? 326 GLU A OE2 1 
ATOM   203 N N   . LEU A 1 29  ? -5.990  -2.813  -3.545  1.00 25.83 ? 327 LEU A N   1 
ATOM   204 C CA  . LEU A 1 29  ? -4.978  -3.854  -3.568  1.00 24.55 ? 327 LEU A CA  1 
ATOM   205 C C   . LEU A 1 29  ? -5.635  -5.219  -3.501  1.00 26.67 ? 327 LEU A C   1 
ATOM   206 O O   . LEU A 1 29  ? -6.757  -5.367  -3.003  1.00 24.71 ? 327 LEU A O   1 
ATOM   207 C CB  . LEU A 1 29  ? -4.016  -3.716  -2.392  1.00 25.51 ? 327 LEU A CB  1 
ATOM   208 C CG  . LEU A 1 29  ? -3.305  -2.374  -2.287  1.00 26.91 ? 327 LEU A CG  1 
ATOM   209 C CD1 . LEU A 1 29  ? -2.564  -2.289  -0.977  1.00 26.46 ? 327 LEU A CD1 1 
ATOM   210 C CD2 . LEU A 1 29  ? -2.363  -2.218  -3.450  1.00 29.39 ? 327 LEU A CD2 1 
ATOM   211 N N   . GLN A 1 30  ? -4.937  -6.216  -4.022  1.00 26.33 ? 328 GLN A N   1 
ATOM   212 C CA  . GLN A 1 30  ? -5.294  -7.598  -3.750  1.00 25.62 ? 328 GLN A CA  1 
ATOM   213 C C   . GLN A 1 30  ? -4.078  -8.306  -3.186  1.00 24.11 ? 328 GLN A C   1 
ATOM   214 O O   . GLN A 1 30  ? -2.938  -7.991  -3.542  1.00 26.70 ? 328 GLN A O   1 
ATOM   215 C CB  . GLN A 1 30  ? -5.814  -8.316  -4.999  1.00 29.95 ? 328 GLN A CB  1 
ATOM   216 C CG  . GLN A 1 30  ? -7.330  -8.187  -5.191  1.00 33.11 ? 328 GLN A CG  1 
ATOM   217 C CD  . GLN A 1 30  ? -7.800  -8.721  -6.528  1.00 40.11 ? 328 GLN A CD  1 
ATOM   218 O OE1 . GLN A 1 30  ? -8.552  -8.057  -7.252  1.00 44.04 ? 328 GLN A OE1 1 
ATOM   219 N NE2 . GLN A 1 30  ? -7.355  -9.925  -6.870  1.00 40.58 ? 328 GLN A NE2 1 
ATOM   220 N N   . TYR A 1 31  ? -4.326  -9.224  -2.262  1.00 27.08 ? 329 TYR A N   1 
ATOM   221 C CA  . TYR A 1 31  ? -3.274  -9.954  -1.575  1.00 24.90 ? 329 TYR A CA  1 
ATOM   222 C C   . TYR A 1 31  ? -3.294  -11.384 -2.078  1.00 29.78 ? 329 TYR A C   1 
ATOM   223 O O   . TYR A 1 31  ? -4.292  -12.085 -1.896  1.00 28.47 ? 329 TYR A O   1 
ATOM   224 C CB  . TYR A 1 31  ? -3.483  -9.917  -0.066  1.00 24.65 ? 329 TYR A CB  1 
ATOM   225 C CG  . TYR A 1 31  ? -2.417  -10.632 0.716   1.00 27.36 ? 329 TYR A CG  1 
ATOM   226 C CD1 . TYR A 1 31  ? -1.072  -10.326 0.532   1.00 28.89 ? 329 TYR A CD1 1 
ATOM   227 C CD2 . TYR A 1 31  ? -2.749  -11.608 1.639   1.00 27.06 ? 329 TYR A CD2 1 
ATOM   228 C CE1 . TYR A 1 31  ? -0.090  -10.969 1.258   1.00 26.40 ? 329 TYR A CE1 1 
ATOM   229 C CE2 . TYR A 1 31  ? -1.779  -12.255 2.361   1.00 30.22 ? 329 TYR A CE2 1 
ATOM   230 C CZ  . TYR A 1 31  ? -0.445  -11.938 2.156   1.00 29.30 ? 329 TYR A CZ  1 
ATOM   231 O OH  . TYR A 1 31  ? 0.532   -12.592 2.882   1.00 30.93 ? 329 TYR A OH  1 
ATOM   232 N N   . THR A 1 32  ? -2.195  -11.810 -2.701  1.00 29.84 ? 330 THR A N   1 
ATOM   233 C CA  . THR A 1 32  ? -2.081  -13.141 -3.283  1.00 34.23 ? 330 THR A CA  1 
ATOM   234 C C   . THR A 1 32  ? -1.764  -14.201 -2.247  1.00 35.09 ? 330 THR A C   1 
ATOM   235 O O   . THR A 1 32  ? -1.783  -15.391 -2.581  1.00 40.53 ? 330 THR A O   1 
ATOM   236 C CB  . THR A 1 32  ? -0.990  -13.170 -4.353  1.00 30.29 ? 330 THR A CB  1 
ATOM   237 O OG1 . THR A 1 32  ? 0.299   -13.206 -3.721  1.00 35.30 ? 330 THR A OG1 1 
ATOM   238 C CG2 . THR A 1 32  ? -1.072  -11.932 -5.246  1.00 34.51 ? 330 THR A CG2 1 
ATOM   239 N N   . GLY A 1 33  ? -1.429  -13.797 -1.025  1.00 33.40 ? 331 GLY A N   1 
ATOM   240 C CA  . GLY A 1 33  ? -1.292  -14.749 0.046   1.00 33.01 ? 331 GLY A CA  1 
ATOM   241 C C   . GLY A 1 33  ? -2.634  -15.323 0.455   1.00 36.92 ? 331 GLY A C   1 
ATOM   242 O O   . GLY A 1 33  ? -3.709  -14.771 0.202   1.00 39.15 ? 331 GLY A O   1 
ATOM   243 N N   . SER A 1 34  ? -2.565  -16.486 1.073   1.00 38.84 ? 332 SER A N   1 
ATOM   244 C CA  . SER A 1 34  ? -3.729  -17.121 1.654   1.00 38.78 ? 332 SER A CA  1 
ATOM   245 C C   . SER A 1 34  ? -3.615  -17.165 3.165   1.00 39.86 ? 332 SER A C   1 
ATOM   246 O O   . SER A 1 34  ? -4.369  -17.895 3.814   1.00 41.92 ? 332 SER A O   1 
ATOM   247 C CB  . SER A 1 34  ? -3.883  -18.532 1.088   1.00 42.60 ? 332 SER A CB  1 
ATOM   248 O OG  . SER A 1 34  ? -2.802  -19.361 1.516   1.00 45.99 ? 332 SER A OG  1 
ATOM   249 N N   . ASP A 1 35  ? -2.687  -16.394 3.734   1.00 36.47 ? 333 ASP A N   1 
ATOM   250 C CA  . ASP A 1 35  ? -2.229  -16.556 5.106   1.00 35.29 ? 333 ASP A CA  1 
ATOM   251 C C   . ASP A 1 35  ? -2.785  -15.496 6.056   1.00 33.41 ? 333 ASP A C   1 
ATOM   252 O O   . ASP A 1 35  ? -2.302  -15.390 7.186   1.00 32.02 ? 333 ASP A O   1 
ATOM   253 C CB  . ASP A 1 35  ? -0.688  -16.545 5.145   1.00 35.69 ? 333 ASP A CB  1 
ATOM   254 C CG  . ASP A 1 35  ? -0.087  -15.179 4.769   1.00 38.22 ? 333 ASP A CG  1 
ATOM   255 O OD1 . ASP A 1 35  ? 0.682   -14.578 5.570   1.00 40.18 ? 333 ASP A OD1 1 
ATOM   256 O OD2 . ASP A 1 35  ? -0.399  -14.691 3.671   1.00 39.46 ? 333 ASP A OD2 1 
ATOM   257 N N   . GLY A 1 36  ? -3.782  -14.708 5.628   1.00 31.11 ? 334 GLY A N   1 
ATOM   258 C CA  . GLY A 1 36  ? -4.297  -13.642 6.453   1.00 29.54 ? 334 GLY A CA  1 
ATOM   259 C C   . GLY A 1 36  ? -5.229  -14.161 7.522   1.00 31.29 ? 334 GLY A C   1 
ATOM   260 O O   . GLY A 1 36  ? -5.512  -15.363 7.616   1.00 31.57 ? 334 GLY A O   1 
ATOM   261 N N   . PRO A 1 37  ? -5.733  -13.243 8.364   1.00 29.21 ? 335 PRO A N   1 
ATOM   262 C CA  . PRO A 1 37  ? -5.480  -11.803 8.491   1.00 26.92 ? 335 PRO A CA  1 
ATOM   263 C C   . PRO A 1 37  ? -4.033  -11.460 8.798   1.00 28.83 ? 335 PRO A C   1 
ATOM   264 O O   . PRO A 1 37  ? -3.380  -12.219 9.509   1.00 25.67 ? 335 PRO A O   1 
ATOM   265 C CB  . PRO A 1 37  ? -6.377  -11.391 9.666   1.00 29.26 ? 335 PRO A CB  1 
ATOM   266 C CG  . PRO A 1 37  ? -7.426  -12.420 9.726   1.00 29.94 ? 335 PRO A CG  1 
ATOM   267 C CD  . PRO A 1 37  ? -6.772  -13.691 9.307   1.00 29.75 ? 335 PRO A CD  1 
ATOM   268 N N   . CYS A 1 38  ? -3.558  -10.326 8.281   1.00 24.02 ? 336 CYS A N   1 
ATOM   269 C CA  . CYS A 1 38  ? -2.186  -9.898  8.510   1.00 26.86 ? 336 CYS A CA  1 
ATOM   270 C C   . CYS A 1 38  ? -2.086  -8.395  8.250   1.00 24.62 ? 336 CYS A C   1 
ATOM   271 O O   . CYS A 1 38  ? -2.961  -7.793  7.623   1.00 21.81 ? 336 CYS A O   1 
ATOM   272 C CB  . CYS A 1 38  ? -1.213  -10.693 7.634   1.00 27.87 ? 336 CYS A CB  1 
ATOM   273 S SG  . CYS A 1 38  ? -1.629  -10.723 5.865   1.00 24.59 ? 336 CYS A SG  1 
ATOM   274 N N   . LYS A 1 39  ? -1.017  -7.791  8.761   1.00 23.12 ? 337 LYS A N   1 
ATOM   275 C CA  . LYS A 1 39  ? -0.843  -6.348  8.652   1.00 23.29 ? 337 LYS A CA  1 
ATOM   276 C C   . LYS A 1 39  ? -0.097  -5.996  7.374   1.00 24.21 ? 337 LYS A C   1 
ATOM   277 O O   . LYS A 1 39  ? 0.920   -6.608  7.058   1.00 24.37 ? 337 LYS A O   1 
ATOM   278 C CB  . LYS A 1 39  ? -0.086  -5.828  9.872   1.00 26.21 ? 337 LYS A CB  1 
ATOM   279 C CG  . LYS A 1 39  ? -0.032  -4.340  9.970   1.00 28.03 ? 337 LYS A CG  1 
ATOM   280 C CD  . LYS A 1 39  ? 0.395   -3.934  11.364  1.00 34.79 ? 337 LYS A CD  1 
ATOM   281 C CE  . LYS A 1 39  ? 0.090   -2.462  11.592  1.00 35.80 ? 337 LYS A CE  1 
ATOM   282 N NZ  . LYS A 1 39  ? 0.808   -1.628  10.606  1.00 35.77 ? 337 LYS A NZ  1 
ATOM   283 N N   . ILE A 1 40  ? -0.585  -4.994  6.644   1.00 20.15 ? 338 ILE A N   1 
ATOM   284 C CA  . ILE A 1 40  ? 0.016   -4.702  5.336   1.00 21.68 ? 338 ILE A CA  1 
ATOM   285 C C   . ILE A 1 40  ? 1.249   -3.821  5.485   1.00 24.08 ? 338 ILE A C   1 
ATOM   286 O O   . ILE A 1 40  ? 1.166   -2.721  6.050   1.00 22.44 ? 338 ILE A O   1 
ATOM   287 C CB  . ILE A 1 40  ? -0.979  -4.020  4.388   1.00 21.66 ? 338 ILE A CB  1 
ATOM   288 C CG1 . ILE A 1 40  ? -2.198  -4.906  4.198   1.00 20.97 ? 338 ILE A CG1 1 
ATOM   289 C CG2 . ILE A 1 40  ? -0.297  -3.726  3.046   1.00 21.67 ? 338 ILE A CG2 1 
ATOM   290 C CD1 . ILE A 1 40  ? -3.300  -4.251  3.392   1.00 23.15 ? 338 ILE A CD1 1 
ATOM   291 N N   . PRO A 1 41  ? 2.392   -4.232  4.979   1.00 23.86 ? 339 PRO A N   1 
ATOM   292 C CA  . PRO A 1 41  ? 3.531   -3.311  4.883   1.00 23.32 ? 339 PRO A CA  1 
ATOM   293 C C   . PRO A 1 41  ? 3.309   -2.346  3.727   1.00 24.07 ? 339 PRO A C   1 
ATOM   294 O O   . PRO A 1 41  ? 3.292   -2.746  2.560   1.00 26.24 ? 339 PRO A O   1 
ATOM   295 C CB  . PRO A 1 41  ? 4.720   -4.254  4.635   1.00 26.00 ? 339 PRO A CB  1 
ATOM   296 C CG  . PRO A 1 41  ? 4.131   -5.507  4.062   1.00 29.58 ? 339 PRO A CG  1 
ATOM   297 C CD  . PRO A 1 41  ? 2.662   -5.554  4.386   1.00 24.26 ? 339 PRO A CD  1 
ATOM   298 N N   . ILE A 1 42  ? 3.081   -1.078  4.052   1.00 23.06 ? 340 ILE A N   1 
ATOM   299 C CA  . ILE A 1 42  ? 2.777   -0.064  3.044   1.00 20.57 ? 340 ILE A CA  1 
ATOM   300 C C   . ILE A 1 42  ? 3.342   1.265   3.520   1.00 23.52 ? 340 ILE A C   1 
ATOM   301 O O   . ILE A 1 42  ? 3.219   1.617   4.697   1.00 23.67 ? 340 ILE A O   1 
ATOM   302 C CB  . ILE A 1 42  ? 1.254   0.029   2.771   1.00 24.16 ? 340 ILE A CB  1 
ATOM   303 C CG1 . ILE A 1 42  ? 0.965   1.088   1.698   1.00 22.52 ? 340 ILE A CG1 1 
ATOM   304 C CG2 . ILE A 1 42  ? 0.474   0.305   4.055   1.00 25.79 ? 340 ILE A CG2 1 
ATOM   305 C CD1 . ILE A 1 42  ? -0.417  0.943   1.047   1.00 25.75 ? 340 ILE A CD1 1 
ATOM   306 N N   . SER A 1 43  ? 3.968   2.004   2.605   1.00 19.51 ? 341 SER A N   1 
ATOM   307 C CA  . SER A 1 43  ? 4.469   3.331   2.932   1.00 21.18 ? 341 SER A CA  1 
ATOM   308 C C   . SER A 1 43  ? 4.570   4.157   1.659   1.00 20.37 ? 341 SER A C   1 
ATOM   309 O O   . SER A 1 43  ? 4.410   3.647   0.547   1.00 20.91 ? 341 SER A O   1 
ATOM   310 C CB  . SER A 1 43  ? 5.831   3.261   3.628   1.00 25.22 ? 341 SER A CB  1 
ATOM   311 O OG  . SER A 1 43  ? 6.803   2.714   2.759   1.00 25.32 ? 341 SER A OG  1 
ATOM   312 N N   . ILE A 1 44  ? 4.808   5.457   1.842   1.00 18.88 ? 342 ILE A N   1 
ATOM   313 C CA  . ILE A 1 44  ? 5.081   6.391   0.755   1.00 21.96 ? 342 ILE A CA  1 
ATOM   314 C C   . ILE A 1 44  ? 6.505   6.891   0.945   1.00 22.15 ? 342 ILE A C   1 
ATOM   315 O O   . ILE A 1 44  ? 6.866   7.297   2.054   1.00 24.59 ? 342 ILE A O   1 
ATOM   316 C CB  . ILE A 1 44  ? 4.091   7.568   0.764   1.00 23.38 ? 342 ILE A CB  1 
ATOM   317 C CG1 . ILE A 1 44  ? 2.650   7.054   0.851   1.00 23.12 ? 342 ILE A CG1 1 
ATOM   318 C CG2 . ILE A 1 44  ? 4.319   8.466   -0.465  1.00 22.70 ? 342 ILE A CG2 1 
ATOM   319 C CD1 . ILE A 1 44  ? 1.617   8.149   1.128   1.00 25.52 ? 342 ILE A CD1 1 
ATOM   320 N N   . VAL A 1 45  ? 7.318   6.859   -0.121  1.00 21.45 ? 343 VAL A N   1 
ATOM   321 C CA  . VAL A 1 45  ? 8.725   7.231   -0.011  1.00 18.87 ? 343 VAL A CA  1 
ATOM   322 C C   . VAL A 1 45  ? 9.092   8.236   -1.097  1.00 23.80 ? 343 VAL A C   1 
ATOM   323 O O   . VAL A 1 45  ? 8.485   8.282   -2.167  1.00 21.76 ? 343 VAL A O   1 
ATOM   324 C CB  . VAL A 1 45  ? 9.666   6.004   -0.079  1.00 22.81 ? 343 VAL A CB  1 
ATOM   325 C CG1 . VAL A 1 45  ? 9.437   5.079   1.117   1.00 26.05 ? 343 VAL A CG1 1 
ATOM   326 C CG2 . VAL A 1 45  ? 9.497   5.242   -1.406  1.00 22.42 ? 343 VAL A CG2 1 
ATOM   327 N N   . ALA A 1 46  ? 10.125  9.031   -0.807  1.00 21.67 ? 344 ALA A N   1 
ATOM   328 C CA  . ALA A 1 46  ? 10.609  10.010  -1.775  1.00 25.11 ? 344 ALA A CA  1 
ATOM   329 C C   . ALA A 1 46  ? 11.232  9.339   -2.989  1.00 24.81 ? 344 ALA A C   1 
ATOM   330 O O   . ALA A 1 46  ? 10.988  9.754   -4.128  1.00 27.08 ? 344 ALA A O   1 
ATOM   331 C CB  . ALA A 1 46  ? 11.614  10.942  -1.105  1.00 26.62 ? 344 ALA A CB  1 
ATOM   332 N N   . SER A 1 47  ? 12.060  8.328   -2.771  1.00 25.10 ? 345 SER A N   1 
ATOM   333 C CA  . SER A 1 47  ? 12.690  7.605   -3.861  1.00 26.31 ? 345 SER A CA  1 
ATOM   334 C C   . SER A 1 47  ? 12.884  6.164   -3.428  1.00 30.12 ? 345 SER A C   1 
ATOM   335 O O   . SER A 1 47  ? 12.711  5.818   -2.255  1.00 25.21 ? 345 SER A O   1 
ATOM   336 C CB  . SER A 1 47  ? 14.027  8.238   -4.253  1.00 31.48 ? 345 SER A CB  1 
ATOM   337 O OG  . SER A 1 47  ? 14.990  8.012   -3.246  1.00 31.33 ? 345 SER A OG  1 
ATOM   338 N N   . LEU A 1 48  ? 13.250  5.313   -4.390  1.00 29.34 ? 346 LEU A N   1 
ATOM   339 C CA  . LEU A 1 48  ? 13.492  3.921   -4.042  1.00 27.46 ? 346 LEU A CA  1 
ATOM   340 C C   . LEU A 1 48  ? 14.803  3.722   -3.292  1.00 30.42 ? 346 LEU A C   1 
ATOM   341 O O   . LEU A 1 48  ? 15.045  2.615   -2.805  1.00 29.59 ? 346 LEU A O   1 
ATOM   342 C CB  . LEU A 1 48  ? 13.444  3.051   -5.300  1.00 31.18 ? 346 LEU A CB  1 
ATOM   343 C CG  . LEU A 1 48  ? 12.043  3.063   -5.917  1.00 28.71 ? 346 LEU A CG  1 
ATOM   344 C CD1 . LEU A 1 48  ? 11.985  2.196   -7.160  1.00 31.60 ? 346 LEU A CD1 1 
ATOM   345 C CD2 . LEU A 1 48  ? 11.027  2.594   -4.875  1.00 29.95 ? 346 LEU A CD2 1 
ATOM   346 N N   . SER A 1 49  ? 15.626  4.761   -3.149  1.00 30.01 ? 347 SER A N   1 
ATOM   347 C CA  . SER A 1 49  ? 16.796  4.703   -2.276  1.00 30.56 ? 347 SER A CA  1 
ATOM   348 C C   . SER A 1 49  ? 16.583  5.390   -0.931  1.00 33.14 ? 347 SER A C   1 
ATOM   349 O O   . SER A 1 49  ? 17.162  4.955   0.072   1.00 32.74 ? 347 SER A O   1 
ATOM   350 C CB  . SER A 1 49  ? 18.012  5.324   -2.968  1.00 31.40 ? 347 SER A CB  1 
ATOM   351 O OG  . SER A 1 49  ? 17.667  6.501   -3.696  1.00 37.97 ? 347 SER A OG  1 
ATOM   352 N N   . ASP A 1 50  ? 15.779  6.452   -0.883  1.00 31.01 ? 348 ASP A N   1 
ATOM   353 C CA  . ASP A 1 50  ? 15.456  7.156   0.363   1.00 30.38 ? 348 ASP A CA  1 
ATOM   354 C C   . ASP A 1 50  ? 14.138  6.579   0.862   1.00 30.71 ? 348 ASP A C   1 
ATOM   355 O O   . ASP A 1 50  ? 13.050  7.066   0.537   1.00 28.71 ? 348 ASP A O   1 
ATOM   356 C CB  . ASP A 1 50  ? 15.370  8.661   0.116   1.00 33.58 ? 348 ASP A CB  1 
ATOM   357 C CG  . ASP A 1 50  ? 15.496  9.486   1.389   1.00 38.22 ? 348 ASP A CG  1 
ATOM   358 O OD1 . ASP A 1 50  ? 15.200  8.970   2.488   1.00 36.65 ? 348 ASP A OD1 1 
ATOM   359 O OD2 . ASP A 1 50  ? 15.883  10.671  1.279   1.00 46.47 ? 348 ASP A OD2 1 
ATOM   360 N N   . LEU A 1 51  ? 14.229  5.511   1.654   1.00 29.80 ? 349 LEU A N   1 
ATOM   361 C CA  . LEU A 1 51  ? 13.046  4.747   2.024   1.00 28.87 ? 349 LEU A CA  1 
ATOM   362 C C   . LEU A 1 51  ? 12.413  5.226   3.321   1.00 29.19 ? 349 LEU A C   1 
ATOM   363 O O   . LEU A 1 51  ? 11.562  4.527   3.876   1.00 30.88 ? 349 LEU A O   1 
ATOM   364 C CB  . LEU A 1 51  ? 13.385  3.256   2.101   1.00 30.89 ? 349 LEU A CB  1 
ATOM   365 C CG  . LEU A 1 51  ? 13.720  2.647   0.737   1.00 31.37 ? 349 LEU A CG  1 
ATOM   366 C CD1 . LEU A 1 51  ? 13.909  1.136   0.806   1.00 31.82 ? 349 LEU A CD1 1 
ATOM   367 C CD2 . LEU A 1 51  ? 12.620  2.991   -0.243  1.00 29.25 ? 349 LEU A CD2 1 
ATOM   368 N N   . THR A 1 52  ? 12.788  6.405   3.805   1.00 29.88 ? 350 THR A N   1 
ATOM   369 C CA  . THR A 1 52  ? 12.115  6.976   4.961   1.00 29.04 ? 350 THR A CA  1 
ATOM   370 C C   . THR A 1 52  ? 10.650  7.233   4.621   1.00 30.74 ? 350 THR A C   1 
ATOM   371 O O   . THR A 1 52  ? 10.364  7.936   3.642   1.00 27.27 ? 350 THR A O   1 
ATOM   372 C CB  . THR A 1 52  ? 12.794  8.279   5.374   1.00 30.31 ? 350 THR A CB  1 
ATOM   373 O OG1 . THR A 1 52  ? 14.165  8.014   5.697   1.00 30.49 ? 350 THR A OG1 1 
ATOM   374 C CG2 . THR A 1 52  ? 12.099  8.892   6.576   1.00 31.20 ? 350 THR A CG2 1 
ATOM   375 N N   . PRO A 1 53  ? 9.700   6.689   5.384   1.00 27.17 ? 351 PRO A N   1 
ATOM   376 C CA  . PRO A 1 53  ? 8.286   6.926   5.063   1.00 28.17 ? 351 PRO A CA  1 
ATOM   377 C C   . PRO A 1 53  ? 7.948   8.404   5.190   1.00 28.67 ? 351 PRO A C   1 
ATOM   378 O O   . PRO A 1 53  ? 8.350   9.062   6.147   1.00 32.52 ? 351 PRO A O   1 
ATOM   379 C CB  . PRO A 1 53  ? 7.538   6.073   6.098   1.00 28.33 ? 351 PRO A CB  1 
ATOM   380 C CG  . PRO A 1 53  ? 8.545   5.030   6.505   1.00 27.86 ? 351 PRO A CG  1 
ATOM   381 C CD  . PRO A 1 53  ? 9.854   5.749   6.511   1.00 27.17 ? 351 PRO A CD  1 
ATOM   382 N N   . ILE A 1 54  ? 7.239   8.933   4.189   1.00 26.69 ? 352 ILE A N   1 
ATOM   383 C CA  . ILE A 1 54  ? 6.852   10.343  4.161   1.00 25.89 ? 352 ILE A CA  1 
ATOM   384 C C   . ILE A 1 54  ? 5.377   10.428  3.806   1.00 28.05 ? 352 ILE A C   1 
ATOM   385 O O   . ILE A 1 54  ? 4.704   9.402   3.692   1.00 27.06 ? 352 ILE A O   1 
ATOM   386 C CB  . ILE A 1 54  ? 7.707   11.152  3.166   1.00 29.04 ? 352 ILE A CB  1 
ATOM   387 C CG1 . ILE A 1 54  ? 7.561   10.600  1.736   1.00 26.14 ? 352 ILE A CG1 1 
ATOM   388 C CG2 . ILE A 1 54  ? 9.164   11.161  3.611   1.00 28.92 ? 352 ILE A CG2 1 
ATOM   389 C CD1 . ILE A 1 54  ? 8.306   11.406  0.688   1.00 28.44 ? 352 ILE A CD1 1 
ATOM   390 N N   . GLY A 1 55  ? 4.860   11.638  3.625   1.00 27.72 ? 353 GLY A N   1 
ATOM   391 C CA  . GLY A 1 55  ? 3.445   11.600  3.314   1.00 26.41 ? 353 GLY A CA  1 
ATOM   392 C C   . GLY A 1 55  ? 2.634   11.204  4.546   1.00 30.24 ? 353 GLY A C   1 
ATOM   393 O O   . GLY A 1 55  ? 3.103   11.243  5.677   1.00 26.37 ? 353 GLY A O   1 
ATOM   394 N N   . ARG A 1 56  ? 1.386   10.822  4.301   1.00 26.18 ? 354 ARG A N   1 
ATOM   395 C CA  . ARG A 1 56  ? 0.495   10.374  5.364   1.00 28.52 ? 354 ARG A CA  1 
ATOM   396 C C   . ARG A 1 56  ? -0.364  9.248   4.820   1.00 29.14 ? 354 ARG A C   1 
ATOM   397 O O   . ARG A 1 56  ? -0.861  9.337   3.695   1.00 28.02 ? 354 ARG A O   1 
ATOM   398 C CB  . ARG A 1 56  ? -0.408  11.511  5.871   1.00 31.47 ? 354 ARG A CB  1 
ATOM   399 C CG  . ARG A 1 56  ? -1.463  11.071  6.890   1.00 35.44 ? 354 ARG A CG  1 
ATOM   400 C CD  . ARG A 1 56  ? -2.267  12.254  7.436   1.00 39.64 ? 354 ARG A CD  1 
ATOM   401 N NE  . ARG A 1 56  ? -3.168  12.816  6.433   1.00 39.87 ? 354 ARG A NE  1 
ATOM   402 C CZ  . ARG A 1 56  ? -4.485  12.619  6.414   1.00 37.86 ? 354 ARG A CZ  1 
ATOM   403 N NH1 . ARG A 1 56  ? -5.058  11.877  7.345   1.00 38.96 ? 354 ARG A NH1 1 
ATOM   404 N NH2 . ARG A 1 56  ? -5.229  13.165  5.458   1.00 37.00 ? 354 ARG A NH2 1 
ATOM   405 N N   . MET A 1 57  ? -0.543  8.188   5.608   1.00 26.68 ? 355 MET A N   1 
ATOM   406 C CA  . MET A 1 57  ? -1.542  7.187   5.265   1.00 26.57 ? 355 MET A CA  1 
ATOM   407 C C   . MET A 1 57  ? -2.884  7.661   5.813   1.00 25.88 ? 355 MET A C   1 
ATOM   408 O O   . MET A 1 57  ? -3.044  7.813   7.027   1.00 29.62 ? 355 MET A O   1 
ATOM   409 C CB  . MET A 1 57  ? -1.190  5.805   5.820   1.00 26.58 ? 355 MET A CB  1 
ATOM   410 C CG  . MET A 1 57  ? 0.005   5.110   5.166   1.00 29.61 ? 355 MET A CG  1 
ATOM   411 S SD  . MET A 1 57  ? -0.152  4.750   3.398   1.00 30.85 ? 355 MET A SD  1 
ATOM   412 C CE  . MET A 1 57  ? -1.581  3.665   3.377   1.00 28.45 ? 355 MET A CE  1 
ATOM   413 N N   . VAL A 1 58  ? -3.841  7.908   4.923   1.00 25.24 ? 356 VAL A N   1 
ATOM   414 C CA  . VAL A 1 58  ? -5.207  8.183   5.364   1.00 24.17 ? 356 VAL A CA  1 
ATOM   415 C C   . VAL A 1 58  ? -5.789  6.940   6.025   1.00 23.36 ? 356 VAL A C   1 
ATOM   416 O O   . VAL A 1 58  ? -6.236  6.968   7.182   1.00 23.25 ? 356 VAL A O   1 
ATOM   417 C CB  . VAL A 1 58  ? -6.066  8.655   4.176   1.00 26.51 ? 356 VAL A CB  1 
ATOM   418 C CG1 . VAL A 1 58  ? -7.520  8.843   4.586   1.00 26.66 ? 356 VAL A CG1 1 
ATOM   419 C CG2 . VAL A 1 58  ? -5.509  9.945   3.606   1.00 26.99 ? 356 VAL A CG2 1 
ATOM   420 N N   . THR A 1 59  ? -5.769  5.823   5.306   1.00 22.36 ? 357 THR A N   1 
ATOM   421 C CA  . THR A 1 59  ? -6.078  4.513   5.886   1.00 21.41 ? 357 THR A CA  1 
ATOM   422 C C   . THR A 1 59  ? -4.790  4.001   6.511   1.00 22.62 ? 357 THR A C   1 
ATOM   423 O O   . THR A 1 59  ? -4.016  3.270   5.890   1.00 22.24 ? 357 THR A O   1 
ATOM   424 C CB  . THR A 1 59  ? -6.603  3.554   4.830   1.00 19.73 ? 357 THR A CB  1 
ATOM   425 O OG1 . THR A 1 59  ? -5.568  3.304   3.864   1.00 22.97 ? 357 THR A OG1 1 
ATOM   426 C CG2 . THR A 1 59  ? -7.805  4.150   4.144   1.00 21.26 ? 357 THR A CG2 1 
ATOM   427 N N   . ALA A 1 60  ? -4.551  4.399   7.757   1.00 21.67 ? 358 ALA A N   1 
ATOM   428 C CA  . ALA A 1 60  ? -3.327  4.018   8.445   1.00 22.28 ? 358 ALA A CA  1 
ATOM   429 C C   . ALA A 1 60  ? -3.389  2.556   8.875   1.00 22.18 ? 358 ALA A C   1 
ATOM   430 O O   . ALA A 1 60  ? -4.459  2.018   9.167   1.00 20.75 ? 358 ALA A O   1 
ATOM   431 C CB  . ALA A 1 60  ? -3.106  4.932   9.655   1.00 25.02 ? 358 ALA A CB  1 
ATOM   432 N N   . ASN A 1 61  ? -2.224  1.912   8.922   1.00 21.61 ? 359 ASN A N   1 
ATOM   433 C CA  . ASN A 1 61  ? -2.082  0.557   9.447   1.00 24.10 ? 359 ASN A CA  1 
ATOM   434 C C   . ASN A 1 61  ? -3.134  -0.450  8.970   1.00 23.80 ? 359 ASN A C   1 
ATOM   435 O O   . ASN A 1 61  ? -3.706  -1.183  9.776   1.00 20.80 ? 359 ASN A O   1 
ATOM   436 C CB  . ASN A 1 61  ? -2.078  0.602   10.969  1.00 23.71 ? 359 ASN A CB  1 
ATOM   437 C CG  . ASN A 1 61  ? -0.945  1.423   11.507  1.00 29.55 ? 359 ASN A CG  1 
ATOM   438 O OD1 . ASN A 1 61  ? 0.214   1.050   11.356  1.00 29.42 ? 359 ASN A OD1 1 
ATOM   439 N ND2 . ASN A 1 61  ? -1.264  2.564   12.122  1.00 29.31 ? 359 ASN A ND2 1 
ATOM   440 N N   . PRO A 1 62  ? -3.389  -0.529  7.669   1.00 21.66 ? 360 PRO A N   1 
ATOM   441 C CA  . PRO A 1 62  ? -4.453  -1.418  7.194   1.00 18.12 ? 360 PRO A CA  1 
ATOM   442 C C   . PRO A 1 62  ? -4.073  -2.883  7.295   1.00 20.42 ? 360 PRO A C   1 
ATOM   443 O O   . PRO A 1 62  ? -2.898  -3.254  7.212   1.00 21.13 ? 360 PRO A O   1 
ATOM   444 C CB  . PRO A 1 62  ? -4.626  -1.003  5.737   1.00 20.27 ? 360 PRO A CB  1 
ATOM   445 C CG  . PRO A 1 62  ? -3.238  -0.519  5.356   1.00 22.02 ? 360 PRO A CG  1 
ATOM   446 C CD  . PRO A 1 62  ? -2.727  0.182   6.555   1.00 19.25 ? 360 PRO A CD  1 
ATOM   447 N N   . TYR A 1 63  ? -5.099  -3.720  7.435   1.00 19.14 ? 361 TYR A N   1 
ATOM   448 C CA  . TYR A 1 63  ? -4.954  -5.172  7.487   1.00 20.72 ? 361 TYR A CA  1 
ATOM   449 C C   . TYR A 1 63  ? -5.631  -5.860  6.309   1.00 19.96 ? 361 TYR A C   1 
ATOM   450 O O   . TYR A 1 63  ? -6.703  -5.451  5.841   1.00 21.41 ? 361 TYR A O   1 
ATOM   451 C CB  . TYR A 1 63  ? -5.586  -5.748  8.732   1.00 22.75 ? 361 TYR A CB  1 
ATOM   452 C CG  . TYR A 1 63  ? -4.834  -5.567  10.011  1.00 22.51 ? 361 TYR A CG  1 
ATOM   453 C CD1 . TYR A 1 63  ? -4.158  -6.633  10.594  1.00 25.92 ? 361 TYR A CD1 1 
ATOM   454 C CD2 . TYR A 1 63  ? -4.865  -4.353  10.692  1.00 25.35 ? 361 TYR A CD2 1 
ATOM   455 C CE1 . TYR A 1 63  ? -3.490  -6.483  11.796  1.00 26.33 ? 361 TYR A CE1 1 
ATOM   456 C CE2 . TYR A 1 63  ? -4.197  -4.192  11.903  1.00 26.00 ? 361 TYR A CE2 1 
ATOM   457 C CZ  . TYR A 1 63  ? -3.517  -5.258  12.450  1.00 29.80 ? 361 TYR A CZ  1 
ATOM   458 O OH  . TYR A 1 63  ? -2.861  -5.093  13.656  1.00 32.71 ? 361 TYR A OH  1 
ATOM   459 N N   . VAL A 1 64  ? -5.021  -6.955  5.864   1.00 20.36 ? 362 VAL A N   1 
ATOM   460 C CA  . VAL A 1 64  ? -5.790  -7.979  5.174   1.00 20.67 ? 362 VAL A CA  1 
ATOM   461 C C   . VAL A 1 64  ? -6.654  -8.683  6.204   1.00 24.02 ? 362 VAL A C   1 
ATOM   462 O O   . VAL A 1 64  ? -6.147  -9.169  7.221   1.00 21.73 ? 362 VAL A O   1 
ATOM   463 C CB  . VAL A 1 64  ? -4.862  -8.964  4.454   1.00 21.92 ? 362 VAL A CB  1 
ATOM   464 C CG1 . VAL A 1 64  ? -5.681  -10.161 3.940   1.00 23.54 ? 362 VAL A CG1 1 
ATOM   465 C CG2 . VAL A 1 64  ? -4.144  -8.289  3.297   1.00 21.09 ? 362 VAL A CG2 1 
ATOM   466 N N   . ALA A 1 65  ? -7.964  -8.728  5.962   1.00 25.23 ? 363 ALA A N   1 
ATOM   467 C CA  . ALA A 1 65  ? -8.901  -9.156  6.996   1.00 25.47 ? 363 ALA A CA  1 
ATOM   468 C C   . ALA A 1 65  ? -9.328  -10.612 6.874   1.00 28.73 ? 363 ALA A C   1 
ATOM   469 O O   . ALA A 1 65  ? -10.040 -11.109 7.755   1.00 29.35 ? 363 ALA A O   1 
ATOM   470 C CB  . ALA A 1 65  ? -10.139 -8.259  6.982   1.00 25.26 ? 363 ALA A CB  1 
ATOM   471 N N   . SER A 1 66  ? -8.902  -11.312 5.828   1.00 29.35 ? 364 SER A N   1 
ATOM   472 C CA  . SER A 1 66  ? -9.397  -12.653 5.554   1.00 33.33 ? 364 SER A CA  1 
ATOM   473 C C   . SER A 1 66  ? -8.261  -13.555 5.075   1.00 31.83 ? 364 SER A C   1 
ATOM   474 O O   . SER A 1 66  ? -7.199  -13.089 4.652   1.00 30.88 ? 364 SER A O   1 
ATOM   475 C CB  . SER A 1 66  ? -10.531 -12.579 4.533   1.00 37.81 ? 364 SER A CB  1 
ATOM   476 O OG  . SER A 1 66  ? -10.543 -13.709 3.700   1.00 42.76 ? 364 SER A OG  1 
ATOM   477 N N   . SER A 1 67  ? -8.490  -14.867 5.179   1.00 33.47 ? 365 SER A N   1 
ATOM   478 C CA  . SER A 1 67  ? -7.619  -15.868 4.575   1.00 37.95 ? 365 SER A CA  1 
ATOM   479 C C   . SER A 1 67  ? -8.030  -16.241 3.153   1.00 39.26 ? 365 SER A C   1 
ATOM   480 O O   . SER A 1 67  ? -7.369  -17.091 2.539   1.00 40.27 ? 365 SER A O   1 
ATOM   481 C CB  . SER A 1 67  ? -7.590  -17.137 5.434   1.00 39.61 ? 365 SER A CB  1 
ATOM   482 O OG  . SER A 1 67  ? -8.878  -17.396 5.965   1.00 38.78 ? 365 SER A OG  1 
ATOM   483 N N   . GLU A 1 68  ? -9.122  -15.666 2.640   1.00 37.79 ? 366 GLU A N   1 
ATOM   484 C CA  . GLU A 1 68  ? -9.515  -15.872 1.256   1.00 37.61 ? 366 GLU A CA  1 
ATOM   485 C C   . GLU A 1 68  ? -8.348  -15.520 0.353   1.00 35.96 ? 366 GLU A C   1 
ATOM   486 O O   . GLU A 1 68  ? -7.559  -14.622 0.652   1.00 35.80 ? 366 GLU A O   1 
ATOM   487 C CB  . GLU A 1 68  ? -10.726 -14.999 0.893   1.00 42.57 ? 366 GLU A CB  1 
ATOM   488 C CG  . GLU A 1 68  ? -12.050 -15.336 1.608   1.00 50.09 ? 366 GLU A CG  1 
ATOM   489 C CD  . GLU A 1 68  ? -12.983 -14.125 1.725   1.00 57.03 ? 366 GLU A CD  1 
ATOM   490 O OE1 . GLU A 1 68  ? -13.231 -13.666 2.870   1.00 54.36 ? 366 GLU A OE1 1 
ATOM   491 O OE2 . GLU A 1 68  ? -13.458 -13.618 0.675   1.00 59.12 ? 366 GLU A OE2 1 
ATOM   492 N N   . ALA A 1 69  ? -8.221  -16.247 -0.750  1.00 33.95 ? 367 ALA A N   1 
ATOM   493 C CA  . ALA A 1 69  ? -7.244  -15.868 -1.760  1.00 32.81 ? 367 ALA A CA  1 
ATOM   494 C C   . ALA A 1 69  ? -7.663  -14.571 -2.443  1.00 34.47 ? 367 ALA A C   1 
ATOM   495 O O   . ALA A 1 69  ? -8.852  -14.288 -2.620  1.00 36.76 ? 367 ALA A O   1 
ATOM   496 C CB  . ALA A 1 69  ? -7.073  -16.977 -2.802  1.00 36.37 ? 367 ALA A CB  1 
ATOM   497 N N   . ASN A 1 70  ? -6.660  -13.775 -2.814  1.00 33.00 ? 368 ASN A N   1 
ATOM   498 C CA  . ASN A 1 70  ? -6.859  -12.485 -3.485  1.00 31.23 ? 368 ASN A CA  1 
ATOM   499 C C   . ASN A 1 70  ? -7.831  -11.608 -2.710  1.00 30.11 ? 368 ASN A C   1 
ATOM   500 O O   . ASN A 1 70  ? -8.750  -11.009 -3.270  1.00 33.39 ? 368 ASN A O   1 
ATOM   501 C CB  . ASN A 1 70  ? -7.319  -12.680 -4.920  1.00 34.31 ? 368 ASN A CB  1 
ATOM   502 C CG  . ASN A 1 70  ? -6.295  -13.406 -5.737  1.00 33.47 ? 368 ASN A CG  1 
ATOM   503 O OD1 . ASN A 1 70  ? -5.153  -12.946 -5.862  1.00 38.56 ? 368 ASN A OD1 1 
ATOM   504 N ND2 . ASN A 1 70  ? -6.673  -14.564 -6.274  1.00 36.54 ? 368 ASN A ND2 1 
ATOM   505 N N   . ALA A 1 71  ? -7.639  -11.568 -1.398  1.00 28.75 ? 369 ALA A N   1 
ATOM   506 C CA  . ALA A 1 71  ? -8.420  -10.678 -0.557  1.00 25.38 ? 369 ALA A CA  1 
ATOM   507 C C   . ALA A 1 71  ? -8.223  -9.237  -1.011  1.00 26.05 ? 369 ALA A C   1 
ATOM   508 O O   . ALA A 1 71  ? -7.113  -8.821  -1.344  1.00 27.36 ? 369 ALA A O   1 
ATOM   509 C CB  . ALA A 1 71  ? -7.996  -10.833 0.901   1.00 27.69 ? 369 ALA A CB  1 
ATOM   510 N N   . LYS A 1 72  ? -9.309  -8.476  -1.040  1.00 28.22 ? 370 LYS A N   1 
ATOM   511 C CA  . LYS A 1 72  ? -9.246  -7.077  -1.440  1.00 27.37 ? 370 LYS A CA  1 
ATOM   512 C C   . LYS A 1 72  ? -9.057  -6.198  -0.214  1.00 27.42 ? 370 LYS A C   1 
ATOM   513 O O   . LYS A 1 72  ? -9.640  -6.451  0.847   1.00 23.12 ? 370 LYS A O   1 
ATOM   514 C CB  . LYS A 1 72  ? -10.523 -6.666  -2.178  1.00 28.33 ? 370 LYS A CB  1 
ATOM   515 C CG  . LYS A 1 72  ? -10.753 -7.387  -3.498  1.00 33.01 ? 370 LYS A CG  1 
ATOM   516 C CD  . LYS A 1 72  ? -12.178 -7.143  -3.998  1.00 34.79 ? 370 LYS A CD  1 
ATOM   517 C CE  . LYS A 1 72  ? -12.243 -7.165  -5.516  1.00 39.63 ? 370 LYS A CE  1 
ATOM   518 N NZ  . LYS A 1 72  ? -11.266 -8.135  -6.085  1.00 40.55 ? 370 LYS A NZ  1 
ATOM   519 N N   . VAL A 1 73  ? -8.228  -5.170  -0.359  1.00 25.37 ? 371 VAL A N   1 
ATOM   520 C CA  . VAL A 1 73  ? -8.082  -4.132  0.652   1.00 23.56 ? 371 VAL A CA  1 
ATOM   521 C C   . VAL A 1 73  ? -8.057  -2.796  -0.078  1.00 23.93 ? 371 VAL A C   1 
ATOM   522 O O   . VAL A 1 73  ? -7.402  -2.661  -1.116  1.00 24.81 ? 371 VAL A O   1 
ATOM   523 C CB  . VAL A 1 73  ? -6.808  -4.307  1.506   1.00 26.79 ? 371 VAL A CB  1 
ATOM   524 C CG1 . VAL A 1 73  ? -6.761  -3.239  2.578   1.00 26.30 ? 371 VAL A CG1 1 
ATOM   525 C CG2 . VAL A 1 73  ? -6.770  -5.674  2.177   1.00 26.10 ? 371 VAL A CG2 1 
ATOM   526 N N   . LEU A 1 74  ? -8.774  -1.818  0.453   1.00 22.17 ? 372 LEU A N   1 
ATOM   527 C CA  . LEU A 1 74  ? -8.829  -0.486  -0.136  1.00 23.99 ? 372 LEU A CA  1 
ATOM   528 C C   . LEU A 1 74  ? -8.065  0.457   0.777   1.00 24.91 ? 372 LEU A C   1 
ATOM   529 O O   . LEU A 1 74  ? -8.430  0.617   1.947   1.00 21.78 ? 372 LEU A O   1 
ATOM   530 C CB  . LEU A 1 74  ? -10.281 -0.032  -0.314  1.00 24.35 ? 372 LEU A CB  1 
ATOM   531 C CG  . LEU A 1 74  ? -10.529 1.230   -1.157  1.00 26.30 ? 372 LEU A CG  1 
ATOM   532 C CD1 . LEU A 1 74  ? -11.986 1.250   -1.614  1.00 26.05 ? 372 LEU A CD1 1 
ATOM   533 C CD2 . LEU A 1 74  ? -10.200 2.505   -0.382  1.00 26.38 ? 372 LEU A CD2 1 
ATOM   534 N N   . VAL A 1 75  ? -7.017  1.083   0.248   1.00 20.46 ? 373 VAL A N   1 
ATOM   535 C CA  . VAL A 1 75  ? -6.186  1.994   1.025   1.00 20.58 ? 373 VAL A CA  1 
ATOM   536 C C   . VAL A 1 75  ? -6.233  3.386   0.402   1.00 23.57 ? 373 VAL A C   1 
ATOM   537 O O   . VAL A 1 75  ? -6.354  3.549   -0.817  1.00 22.53 ? 373 VAL A O   1 
ATOM   538 C CB  . VAL A 1 75  ? -4.739  1.474   1.128   1.00 22.86 ? 373 VAL A CB  1 
ATOM   539 C CG1 . VAL A 1 75  ? -4.715  0.182   1.888   1.00 22.78 ? 373 VAL A CG1 1 
ATOM   540 C CG2 . VAL A 1 75  ? -4.174  1.259   -0.259  1.00 27.31 ? 373 VAL A CG2 1 
ATOM   541 N N   . GLU A 1 76  ? -6.160  4.397   1.256   1.00 23.86 ? 374 GLU A N   1 
ATOM   542 C CA  . GLU A 1 76  ? -6.137  5.785   0.821   1.00 23.57 ? 374 GLU A CA  1 
ATOM   543 C C   . GLU A 1 76  ? -4.880  6.436   1.379   1.00 25.39 ? 374 GLU A C   1 
ATOM   544 O O   . GLU A 1 76  ? -4.521  6.209   2.541   1.00 24.29 ? 374 GLU A O   1 
ATOM   545 C CB  . GLU A 1 76  ? -7.388  6.546   1.295   1.00 22.57 ? 374 GLU A CB  1 
ATOM   546 C CG  . GLU A 1 76  ? -7.431  7.994   0.785   1.00 25.36 ? 374 GLU A CG  1 
ATOM   547 C CD  . GLU A 1 76  ? -8.723  8.726   1.133   1.00 29.91 ? 374 GLU A CD  1 
ATOM   548 O OE1 . GLU A 1 76  ? -9.621  8.133   1.767   1.00 29.82 ? 374 GLU A OE1 1 
ATOM   549 O OE2 . GLU A 1 76  ? -8.844  9.915   0.757   1.00 28.69 ? 374 GLU A OE2 1 
ATOM   550 N N   . MET A 1 77  ? -4.195  7.240   0.563   1.00 24.46 ? 375 MET A N   1 
ATOM   551 C CA  . MET A 1 77  ? -3.015  7.904   1.091   1.00 23.16 ? 375 MET A CA  1 
ATOM   552 C C   . MET A 1 77  ? -2.959  9.351   0.637   1.00 21.93 ? 375 MET A C   1 
ATOM   553 O O   . MET A 1 77  ? -3.600  9.751   -0.335  1.00 22.39 ? 375 MET A O   1 
ATOM   554 C CB  . MET A 1 77  ? -1.725  7.185   0.707   1.00 28.59 ? 375 MET A CB  1 
ATOM   555 C CG  . MET A 1 77  ? -1.593  6.803   -0.722  1.00 29.74 ? 375 MET A CG  1 
ATOM   556 S SD  . MET A 1 77  ? -0.954  5.111   -0.768  1.00 40.29 ? 375 MET A SD  1 
ATOM   557 C CE  . MET A 1 77  ? -2.495  4.237   -0.707  1.00 29.74 ? 375 MET A CE  1 
ATOM   558 N N   . GLU A 1 78  ? -2.186  10.136  1.384   1.00 24.42 ? 376 GLU A N   1 
ATOM   559 C CA  . GLU A 1 78  ? -1.938  11.544  1.075   1.00 24.11 ? 376 GLU A CA  1 
ATOM   560 C C   . GLU A 1 78  ? -0.457  11.698  0.771   1.00 23.47 ? 376 GLU A C   1 
ATOM   561 O O   . GLU A 1 78  ? 0.350   11.995  1.670   1.00 25.05 ? 376 GLU A O   1 
ATOM   562 C CB  . GLU A 1 78  ? -2.360  12.442  2.232   1.00 28.07 ? 376 GLU A CB  1 
ATOM   563 C CG  . GLU A 1 78  ? -2.275  13.923  1.947   1.00 31.43 ? 376 GLU A CG  1 
ATOM   564 C CD  . GLU A 1 78  ? -2.828  14.740  3.097   1.00 37.42 ? 376 GLU A CD  1 
ATOM   565 O OE1 . GLU A 1 78  ? -2.507  14.413  4.262   1.00 40.59 ? 376 GLU A OE1 1 
ATOM   566 O OE2 . GLU A 1 78  ? -3.601  15.686  2.841   1.00 41.65 ? 376 GLU A OE2 1 
ATOM   567 N N   . PRO A 1 79  ? -0.050  11.525  -0.482  1.00 21.35 ? 377 PRO A N   1 
ATOM   568 C CA  . PRO A 1 79  ? 1.358   11.720  -0.829  1.00 22.26 ? 377 PRO A CA  1 
ATOM   569 C C   . PRO A 1 79  ? 1.736   13.179  -0.681  1.00 24.49 ? 377 PRO A C   1 
ATOM   570 O O   . PRO A 1 79  ? 0.859   14.057  -0.641  1.00 23.61 ? 377 PRO A O   1 
ATOM   571 C CB  . PRO A 1 79  ? 1.444   11.266  -2.297  1.00 19.46 ? 377 PRO A CB  1 
ATOM   572 C CG  . PRO A 1 79  ? 0.085   10.743  -2.668  1.00 26.19 ? 377 PRO A CG  1 
ATOM   573 C CD  . PRO A 1 79  ? -0.896  11.191  -1.641  1.00 23.99 ? 377 PRO A CD  1 
ATOM   574 N N   . PRO A 1 80  ? 3.026   13.481  -0.601  1.00 23.21 ? 378 PRO A N   1 
ATOM   575 C CA  . PRO A 1 80  ? 3.447   14.880  -0.668  1.00 23.71 ? 378 PRO A CA  1 
ATOM   576 C C   . PRO A 1 80  ? 3.219   15.417  -2.071  1.00 25.17 ? 378 PRO A C   1 
ATOM   577 O O   . PRO A 1 80  ? 3.042   14.659  -3.028  1.00 22.46 ? 378 PRO A O   1 
ATOM   578 C CB  . PRO A 1 80  ? 4.938   14.807  -0.341  1.00 25.42 ? 378 PRO A CB  1 
ATOM   579 C CG  . PRO A 1 80  ? 5.347   13.489  -0.933  1.00 23.68 ? 378 PRO A CG  1 
ATOM   580 C CD  . PRO A 1 80  ? 4.172   12.558  -0.680  1.00 25.73 ? 378 PRO A CD  1 
ATOM   581 N N   . PHE A 1 81  ? 3.227   16.741  -2.196  1.00 23.37 ? 379 PHE A N   1 
ATOM   582 C CA  . PHE A 1 81  ? 3.217   17.320  -3.530  1.00 23.47 ? 379 PHE A CA  1 
ATOM   583 C C   . PHE A 1 81  ? 4.473   16.886  -4.279  1.00 22.95 ? 379 PHE A C   1 
ATOM   584 O O   . PHE A 1 81  ? 5.514   16.599  -3.679  1.00 24.34 ? 379 PHE A O   1 
ATOM   585 C CB  . PHE A 1 81  ? 3.111   18.843  -3.444  1.00 22.74 ? 379 PHE A CB  1 
ATOM   586 C CG  . PHE A 1 81  ? 1.716   19.326  -3.175  1.00 24.90 ? 379 PHE A CG  1 
ATOM   587 C CD1 . PHE A 1 81  ? 0.778   19.363  -4.193  1.00 22.55 ? 379 PHE A CD1 1 
ATOM   588 C CD2 . PHE A 1 81  ? 1.329   19.698  -1.897  1.00 28.03 ? 379 PHE A CD2 1 
ATOM   589 C CE1 . PHE A 1 81  ? -0.515  19.786  -3.956  1.00 24.24 ? 379 PHE A CE1 1 
ATOM   590 C CE2 . PHE A 1 81  ? 0.034   20.123  -1.654  1.00 26.83 ? 379 PHE A CE2 1 
ATOM   591 C CZ  . PHE A 1 81  ? -0.889  20.168  -2.685  1.00 27.43 ? 379 PHE A CZ  1 
ATOM   592 N N   . GLY A 1 82  ? 4.365   16.789  -5.606  1.00 21.79 ? 380 GLY A N   1 
ATOM   593 C CA  . GLY A 1 82  ? 5.500   16.331  -6.374  1.00 21.85 ? 380 GLY A CA  1 
ATOM   594 C C   . GLY A 1 82  ? 5.556   14.829  -6.550  1.00 23.22 ? 380 GLY A C   1 
ATOM   595 O O   . GLY A 1 82  ? 4.512   14.171  -6.559  1.00 23.47 ? 380 GLY A O   1 
ATOM   596 N N   . ASP A 1 83  ? 6.763   14.283  -6.697  1.00 22.14 ? 381 ASP A N   1 
ATOM   597 C CA  . ASP A 1 83  ? 6.965   12.878  -7.018  1.00 25.63 ? 381 ASP A CA  1 
ATOM   598 C C   . ASP A 1 83  ? 7.194   12.077  -5.750  1.00 25.89 ? 381 ASP A C   1 
ATOM   599 O O   . ASP A 1 83  ? 7.961   12.491  -4.877  1.00 26.20 ? 381 ASP A O   1 
ATOM   600 C CB  . ASP A 1 83  ? 8.160   12.678  -7.948  1.00 28.61 ? 381 ASP A CB  1 
ATOM   601 C CG  . ASP A 1 83  ? 7.970   13.352  -9.285  1.00 29.20 ? 381 ASP A CG  1 
ATOM   602 O OD1 . ASP A 1 83  ? 8.902   14.036  -9.749  1.00 38.28 ? 381 ASP A OD1 1 
ATOM   603 O OD2 . ASP A 1 83  ? 6.873   13.221  -9.859  1.00 31.55 ? 381 ASP A OD2 1 
ATOM   604 N N   . SER A 1 84  ? 6.540   10.921  -5.671  1.00 25.42 ? 382 SER A N   1 
ATOM   605 C CA  . SER A 1 84  ? 6.797   9.953   -4.614  1.00 23.87 ? 382 SER A CA  1 
ATOM   606 C C   . SER A 1 84  ? 6.496   8.561   -5.158  1.00 22.86 ? 382 SER A C   1 
ATOM   607 O O   . SER A 1 84  ? 5.992   8.396   -6.278  1.00 22.40 ? 382 SER A O   1 
ATOM   608 C CB  . SER A 1 84  ? 5.975   10.253  -3.355  1.00 25.58 ? 382 SER A CB  1 
ATOM   609 O OG  . SER A 1 84  ? 4.583   10.230  -3.632  1.00 23.70 ? 382 SER A OG  1 
ATOM   610 N N   . TYR A 1 85  ? 6.831   7.553   -4.359  1.00 22.18 ? 383 TYR A N   1 
ATOM   611 C CA  . TYR A 1 85  ? 6.529   6.163   -4.665  1.00 23.74 ? 383 TYR A CA  1 
ATOM   612 C C   . TYR A 1 85  ? 5.631   5.582   -3.587  1.00 22.40 ? 383 TYR A C   1 
ATOM   613 O O   . TYR A 1 85  ? 5.894   5.752   -2.391  1.00 21.52 ? 383 TYR A O   1 
ATOM   614 C CB  . TYR A 1 85  ? 7.793   5.319   -4.751  1.00 23.28 ? 383 TYR A CB  1 
ATOM   615 C CG  . TYR A 1 85  ? 8.640   5.653   -5.939  1.00 26.26 ? 383 TYR A CG  1 
ATOM   616 C CD1 . TYR A 1 85  ? 8.575   4.884   -7.085  1.00 27.51 ? 383 TYR A CD1 1 
ATOM   617 C CD2 . TYR A 1 85  ? 9.509   6.735   -5.910  1.00 26.52 ? 383 TYR A CD2 1 
ATOM   618 C CE1 . TYR A 1 85  ? 9.342   5.186   -8.182  1.00 31.07 ? 383 TYR A CE1 1 
ATOM   619 C CE2 . TYR A 1 85  ? 10.294  7.049   -7.002  1.00 29.42 ? 383 TYR A CE2 1 
ATOM   620 C CZ  . TYR A 1 85  ? 10.204  6.268   -8.134  1.00 32.76 ? 383 TYR A CZ  1 
ATOM   621 O OH  . TYR A 1 85  ? 10.974  6.561   -9.226  1.00 39.30 ? 383 TYR A OH  1 
ATOM   622 N N   . ILE A 1 86  ? 4.577   4.899   -4.019  1.00 20.76 ? 384 ILE A N   1 
ATOM   623 C CA  . ILE A 1 86  ? 3.819   3.995   -3.168  1.00 23.47 ? 384 ILE A CA  1 
ATOM   624 C C   . ILE A 1 86  ? 4.554   2.665   -3.169  1.00 22.93 ? 384 ILE A C   1 
ATOM   625 O O   . ILE A 1 86  ? 4.800   2.095   -4.232  1.00 23.29 ? 384 ILE A O   1 
ATOM   626 C CB  . ILE A 1 86  ? 2.383   3.826   -3.690  1.00 26.45 ? 384 ILE A CB  1 
ATOM   627 C CG1 . ILE A 1 86  ? 1.742   5.186   -3.969  1.00 26.72 ? 384 ILE A CG1 1 
ATOM   628 C CG2 . ILE A 1 86  ? 1.549   3.030   -2.685  1.00 23.93 ? 384 ILE A CG2 1 
ATOM   629 C CD1 . ILE A 1 86  ? 0.555   5.111   -4.937  1.00 26.28 ? 384 ILE A CD1 1 
ATOM   630 N N   . VAL A 1 87  ? 4.918   2.167   -1.989  1.00 22.00 ? 385 VAL A N   1 
ATOM   631 C CA  . VAL A 1 87  ? 5.589   0.876   -1.881  1.00 22.79 ? 385 VAL A CA  1 
ATOM   632 C C   . VAL A 1 87  ? 4.737   -0.022  -0.992  1.00 25.92 ? 385 VAL A C   1 
ATOM   633 O O   . VAL A 1 87  ? 4.359   0.375   0.117   1.00 23.68 ? 385 VAL A O   1 
ATOM   634 C CB  . VAL A 1 87  ? 7.030   1.016   -1.347  1.00 27.37 ? 385 VAL A CB  1 
ATOM   635 C CG1 . VAL A 1 87  ? 7.867   1.861   -2.295  1.00 26.67 ? 385 VAL A CG1 1 
ATOM   636 C CG2 . VAL A 1 87  ? 7.045   1.662   -0.003  1.00 30.67 ? 385 VAL A CG2 1 
ATOM   637 N N   . VAL A 1 88  ? 4.367   -1.198  -1.509  1.00 23.85 ? 386 VAL A N   1 
ATOM   638 C CA  . VAL A 1 88  ? 3.494   -2.129  -0.799  1.00 26.31 ? 386 VAL A CA  1 
ATOM   639 C C   . VAL A 1 88  ? 4.166   -3.493  -0.768  1.00 29.05 ? 386 VAL A C   1 
ATOM   640 O O   . VAL A 1 88  ? 4.788   -3.913  -1.750  1.00 30.26 ? 386 VAL A O   1 
ATOM   641 C CB  . VAL A 1 88  ? 2.096   -2.234  -1.450  1.00 25.19 ? 386 VAL A CB  1 
ATOM   642 C CG1 . VAL A 1 88  ? 1.219   -3.222  -0.693  1.00 27.98 ? 386 VAL A CG1 1 
ATOM   643 C CG2 . VAL A 1 88  ? 1.425   -0.885  -1.492  1.00 26.67 ? 386 VAL A CG2 1 
ATOM   644 N N   . GLY A 1 89  ? 4.028   -4.197  0.353   1.00 29.80 ? 387 GLY A N   1 
ATOM   645 C CA  . GLY A 1 89  ? 4.722   -5.454  0.495   1.00 31.33 ? 387 GLY A CA  1 
ATOM   646 C C   . GLY A 1 89  ? 6.142   -5.225  0.959   1.00 34.20 ? 387 GLY A C   1 
ATOM   647 O O   . GLY A 1 89  ? 6.591   -4.099  1.168   1.00 32.57 ? 387 GLY A O   1 
ATOM   648 N N   . ARG A 1 90  ? 6.868   -6.330  1.118   1.00 39.96 ? 388 ARG A N   1 
ATOM   649 C CA  . ARG A 1 90  ? 8.171   -6.291  1.763   1.00 40.52 ? 388 ARG A CA  1 
ATOM   650 C C   . ARG A 1 90  ? 9.167   -7.155  1.000   1.00 43.88 ? 388 ARG A C   1 
ATOM   651 O O   . ARG A 1 90  ? 8.797   -8.166  0.394   1.00 41.63 ? 388 ARG A O   1 
ATOM   652 C CB  . ARG A 1 90  ? 8.066   -6.768  3.231   1.00 40.29 ? 388 ARG A CB  1 
ATOM   653 C CG  . ARG A 1 90  ? 7.703   -8.251  3.391   1.00 42.03 ? 388 ARG A CG  1 
ATOM   654 C CD  . ARG A 1 90  ? 8.900   -9.044  3.906   1.00 43.60 ? 388 ARG A CD  1 
ATOM   655 N NE  . ARG A 1 90  ? 8.786   -10.477 3.651   1.00 45.06 ? 388 ARG A NE  1 
ATOM   656 C CZ  . ARG A 1 90  ? 9.832   -11.270 3.450   1.00 48.32 ? 388 ARG A CZ  1 
ATOM   657 N NH1 . ARG A 1 90  ? 11.058  -10.758 3.464   1.00 46.15 ? 388 ARG A NH1 1 
ATOM   658 N NH2 . ARG A 1 90  ? 9.658   -12.566 3.219   1.00 51.08 ? 388 ARG A NH2 1 
ATOM   659 N N   . GLY A 1 91  ? 10.441  -6.741  1.034   1.00 45.38 ? 389 GLY A N   1 
ATOM   660 C CA  . GLY A 1 91  ? 11.522  -7.597  0.561   1.00 42.27 ? 389 GLY A CA  1 
ATOM   661 C C   . GLY A 1 91  ? 11.420  -7.887  -0.920  1.00 42.63 ? 389 GLY A C   1 
ATOM   662 O O   . GLY A 1 91  ? 11.164  -6.993  -1.729  1.00 43.11 ? 389 GLY A O   1 
ATOM   663 N N   . ASP A 1 92  ? 11.626  -9.155  -1.292  1.00 41.79 ? 390 ASP A N   1 
ATOM   664 C CA  . ASP A 1 92  ? 11.477  -9.540  -2.690  1.00 40.35 ? 390 ASP A CA  1 
ATOM   665 C C   . ASP A 1 92  ? 10.032  -9.429  -3.160  1.00 40.27 ? 390 ASP A C   1 
ATOM   666 O O   . ASP A 1 92  ? 9.795   -9.327  -4.369  1.00 41.98 ? 390 ASP A O   1 
ATOM   667 C CB  . ASP A 1 92  ? 12.017  -10.963 -2.926  1.00 41.29 ? 390 ASP A CB  1 
ATOM   668 C CG  . ASP A 1 92  ? 11.383  -12.003 -2.008  1.00 47.56 ? 390 ASP A CG  1 
ATOM   669 O OD1 . ASP A 1 92  ? 11.933  -13.128 -1.893  1.00 48.99 ? 390 ASP A OD1 1 
ATOM   670 O OD2 . ASP A 1 92  ? 10.330  -11.710 -1.404  1.00 48.78 ? 390 ASP A OD2 1 
ATOM   671 N N   . LYS A 1 93  ? 9.067   -9.415  -2.235  1.00 39.65 ? 391 LYS A N   1 
ATOM   672 C CA  . LYS A 1 93  ? 7.657   -9.276  -2.584  1.00 39.25 ? 391 LYS A CA  1 
ATOM   673 C C   . LYS A 1 93  ? 7.242   -7.832  -2.872  1.00 37.86 ? 391 LYS A C   1 
ATOM   674 O O   . LYS A 1 93  ? 6.104   -7.603  -3.299  1.00 35.74 ? 391 LYS A O   1 
ATOM   675 C CB  . LYS A 1 93  ? 6.782   -9.836  -1.455  1.00 38.74 ? 391 LYS A CB  1 
ATOM   676 C CG  . LYS A 1 93  ? 7.081   -11.290 -1.092  1.00 38.47 ? 391 LYS A CG  1 
ATOM   677 C CD  . LYS A 1 93  ? 7.030   -12.189 -2.333  1.00 42.79 ? 391 LYS A CD  1 
ATOM   678 C CE  . LYS A 1 93  ? 7.017   -13.679 -1.973  1.00 42.47 ? 391 LYS A CE  1 
ATOM   679 N NZ  . LYS A 1 93  ? 8.159   -14.080 -1.096  1.00 47.01 ? 391 LYS A NZ  1 
ATOM   680 N N   . GLN A 1 94  ? 8.123   -6.860  -2.669  1.00 37.87 ? 392 GLN A N   1 
ATOM   681 C CA  . GLN A 1 94  ? 7.714   -5.462  -2.731  1.00 35.07 ? 392 GLN A CA  1 
ATOM   682 C C   . GLN A 1 94  ? 7.375   -5.034  -4.156  1.00 31.88 ? 392 GLN A C   1 
ATOM   683 O O   . GLN A 1 94  ? 8.073   -5.376  -5.118  1.00 32.79 ? 392 GLN A O   1 
ATOM   684 C CB  . GLN A 1 94  ? 8.817   -4.571  -2.164  1.00 38.47 ? 392 GLN A CB  1 
ATOM   685 C CG  . GLN A 1 94  ? 8.702   -3.116  -2.567  1.00 36.54 ? 392 GLN A CG  1 
ATOM   686 C CD  . GLN A 1 94  ? 9.863   -2.272  -2.080  1.00 36.83 ? 392 GLN A CD  1 
ATOM   687 O OE1 . GLN A 1 94  ? 9.884   -1.853  -0.924  1.00 42.93 ? 392 GLN A OE1 1 
ATOM   688 N NE2 . GLN A 1 94  ? 10.816  -1.985  -2.968  1.00 43.17 ? 392 GLN A NE2 1 
ATOM   689 N N   . ILE A 1 95  ? 6.289   -4.277  -4.284  1.00 28.20 ? 393 ILE A N   1 
ATOM   690 C CA  . ILE A 1 95  ? 5.903   -3.619  -5.527  1.00 25.92 ? 393 ILE A CA  1 
ATOM   691 C C   . ILE A 1 95  ? 5.914   -2.115  -5.286  1.00 27.08 ? 393 ILE A C   1 
ATOM   692 O O   . ILE A 1 95  ? 5.743   -1.648  -4.157  1.00 23.60 ? 393 ILE A O   1 
ATOM   693 C CB  . ILE A 1 95  ? 4.515   -4.098  -6.011  1.00 26.69 ? 393 ILE A CB  1 
ATOM   694 C CG1 . ILE A 1 95  ? 3.431   -3.726  -4.999  1.00 29.95 ? 393 ILE A CG1 1 
ATOM   695 C CG2 . ILE A 1 95  ? 4.511   -5.600  -6.183  1.00 29.44 ? 393 ILE A CG2 1 
ATOM   696 C CD1 . ILE A 1 95  ? 2.036   -4.163  -5.423  1.00 30.26 ? 393 ILE A CD1 1 
ATOM   697 N N   . ASN A 1 96  ? 6.130   -1.341  -6.343  1.00 23.40 ? 394 ASN A N   1 
ATOM   698 C CA  . ASN A 1 96  ? 6.078   0.099   -6.163  1.00 27.10 ? 394 ASN A CA  1 
ATOM   699 C C   . ASN A 1 96  ? 5.423   0.762   -7.363  1.00 27.85 ? 394 ASN A C   1 
ATOM   700 O O   . ASN A 1 96  ? 5.332   0.193   -8.460  1.00 27.28 ? 394 ASN A O   1 
ATOM   701 C CB  . ASN A 1 96  ? 7.459   0.698   -5.914  1.00 28.00 ? 394 ASN A CB  1 
ATOM   702 C CG  . ASN A 1 96  ? 8.401   0.449   -7.045  1.00 32.94 ? 394 ASN A CG  1 
ATOM   703 O OD1 . ASN A 1 96  ? 8.322   1.099   -8.092  1.00 35.36 ? 394 ASN A OD1 1 
ATOM   704 N ND2 . ASN A 1 96  ? 9.306   -0.506  -6.856  1.00 34.06 ? 394 ASN A ND2 1 
ATOM   705 N N   . HIS A 1 97  ? 4.969   1.987   -7.126  1.00 24.85 ? 395 HIS A N   1 
ATOM   706 C CA  . HIS A 1 97  ? 4.243   2.750   -8.132  1.00 25.57 ? 395 HIS A CA  1 
ATOM   707 C C   . HIS A 1 97  ? 4.566   4.225   -7.975  1.00 26.93 ? 395 HIS A C   1 
ATOM   708 O O   . HIS A 1 97  ? 4.372   4.782   -6.894  1.00 24.14 ? 395 HIS A O   1 
ATOM   709 C CB  . HIS A 1 97  ? 2.736   2.523   -7.995  1.00 27.92 ? 395 HIS A CB  1 
ATOM   710 C CG  . HIS A 1 97  ? 1.946   3.091   -9.125  1.00 29.72 ? 395 HIS A CG  1 
ATOM   711 N ND1 . HIS A 1 97  ? 1.501   4.396   -9.136  1.00 31.53 ? 395 HIS A ND1 1 
ATOM   712 C CD2 . HIS A 1 97  ? 1.546   2.545   -10.298 1.00 29.45 ? 395 HIS A CD2 1 
ATOM   713 C CE1 . HIS A 1 97  ? 0.853   4.628   -10.263 1.00 30.31 ? 395 HIS A CE1 1 
ATOM   714 N NE2 . HIS A 1 97  ? 0.860   3.520   -10.983 1.00 32.92 ? 395 HIS A NE2 1 
ATOM   715 N N   . HIS A 1 98  ? 5.021   4.863   -9.054  1.00 24.95 ? 396 HIS A N   1 
ATOM   716 C CA  . HIS A 1 98  ? 5.398   6.271   -8.996  1.00 26.37 ? 396 HIS A CA  1 
ATOM   717 C C   . HIS A 1 98  ? 4.169   7.158   -9.116  1.00 27.93 ? 396 HIS A C   1 
ATOM   718 O O   . HIS A 1 98  ? 3.354   6.975   -10.022 1.00 30.09 ? 396 HIS A O   1 
ATOM   719 C CB  . HIS A 1 98  ? 6.378   6.598   -10.114 1.00 30.65 ? 396 HIS A CB  1 
ATOM   720 C CG  . HIS A 1 98  ? 6.964   7.965   -10.018 1.00 32.02 ? 396 HIS A CG  1 
ATOM   721 N ND1 . HIS A 1 98  ? 8.104   8.234   -9.293  1.00 34.65 ? 396 HIS A ND1 1 
ATOM   722 C CD2 . HIS A 1 98  ? 6.574   9.143   -10.560 1.00 34.12 ? 396 HIS A CD2 1 
ATOM   723 C CE1 . HIS A 1 98  ? 8.400   9.517   -9.402  1.00 33.80 ? 396 HIS A CE1 1 
ATOM   724 N NE2 . HIS A 1 98  ? 7.485   10.093  -10.163 1.00 34.19 ? 396 HIS A NE2 1 
ATOM   725 N N   . TRP A 1 99  ? 4.050   8.139   -8.225  1.00 25.78 ? 397 TRP A N   1 
ATOM   726 C CA  . TRP A 1 99  ? 2.908   9.047   -8.207  1.00 23.55 ? 397 TRP A CA  1 
ATOM   727 C C   . TRP A 1 99  ? 3.399   10.480  -8.325  1.00 24.75 ? 397 TRP A C   1 
ATOM   728 O O   . TRP A 1 99  ? 4.394   10.856  -7.694  1.00 23.62 ? 397 TRP A O   1 
ATOM   729 C CB  . TRP A 1 99  ? 2.079   8.901   -6.917  1.00 22.47 ? 397 TRP A CB  1 
ATOM   730 C CG  . TRP A 1 99  ? 0.796   9.697   -6.939  1.00 23.60 ? 397 TRP A CG  1 
ATOM   731 C CD1 . TRP A 1 99  ? 0.555   10.898  -6.329  1.00 22.74 ? 397 TRP A CD1 1 
ATOM   732 C CD2 . TRP A 1 99  ? -0.415  9.348   -7.624  1.00 23.38 ? 397 TRP A CD2 1 
ATOM   733 N NE1 . TRP A 1 99  ? -0.740  11.314  -6.587  1.00 23.12 ? 397 TRP A NE1 1 
ATOM   734 C CE2 . TRP A 1 99  ? -1.351  10.381  -7.381  1.00 24.59 ? 397 TRP A CE2 1 
ATOM   735 C CE3 . TRP A 1 99  ? -0.797  8.267   -8.417  1.00 25.81 ? 397 TRP A CE3 1 
ATOM   736 C CZ2 . TRP A 1 99  ? -2.640  10.354  -7.909  1.00 25.54 ? 397 TRP A CZ2 1 
ATOM   737 C CZ3 . TRP A 1 99  ? -2.068  8.247   -8.938  1.00 24.66 ? 397 TRP A CZ3 1 
ATOM   738 C CH2 . TRP A 1 99  ? -2.978  9.274   -8.675  1.00 26.20 ? 397 TRP A CH2 1 
ATOM   739 N N   . HIS A 1 100 ? 2.699   11.282  -9.130  1.00 22.93 ? 398 HIS A N   1 
ATOM   740 C CA  . HIS A 1 100 ? 2.958   12.709  -9.195  1.00 24.26 ? 398 HIS A CA  1 
ATOM   741 C C   . HIS A 1 100 ? 1.729   13.458  -8.712  1.00 24.01 ? 398 HIS A C   1 
ATOM   742 O O   . HIS A 1 100 ? 0.652   13.337  -9.306  1.00 28.75 ? 398 HIS A O   1 
ATOM   743 C CB  . HIS A 1 100 ? 3.315   13.173  -10.600 1.00 26.12 ? 398 HIS A CB  1 
ATOM   744 C CG  . HIS A 1 100 ? 3.576   14.646  -10.649 1.00 30.66 ? 398 HIS A CG  1 
ATOM   745 N ND1 . HIS A 1 100 ? 4.754   15.201  -10.199 1.00 28.94 ? 398 HIS A ND1 1 
ATOM   746 C CD2 . HIS A 1 100 ? 2.782   15.682  -11.011 1.00 33.02 ? 398 HIS A CD2 1 
ATOM   747 C CE1 . HIS A 1 100 ? 4.685   16.517  -10.310 1.00 29.43 ? 398 HIS A CE1 1 
ATOM   748 N NE2 . HIS A 1 100 ? 3.502   16.833  -10.806 1.00 31.33 ? 398 HIS A NE2 1 
ATOM   749 N N   . LYS A 1 101 ? 1.892   14.239  -7.652  1.00 21.60 ? 399 LYS A N   1 
ATOM   750 C CA  . LYS A 1 101 ? 0.801   14.998  -7.061  1.00 23.67 ? 399 LYS A CA  1 
ATOM   751 C C   . LYS A 1 101 ? 0.941   16.463  -7.456  1.00 28.53 ? 399 LYS A C   1 
ATOM   752 O O   . LYS A 1 101 ? 1.956   17.095  -7.150  1.00 24.95 ? 399 LYS A O   1 
ATOM   753 C CB  . LYS A 1 101 ? 0.798   14.846  -5.541  1.00 24.88 ? 399 LYS A CB  1 
ATOM   754 C CG  . LYS A 1 101 ? -0.245  15.691  -4.843  1.00 27.22 ? 399 LYS A CG  1 
ATOM   755 C CD  . LYS A 1 101 ? -0.462  15.233  -3.403  1.00 24.66 ? 399 LYS A CD  1 
ATOM   756 C CE  . LYS A 1 101 ? -1.166  16.300  -2.576  1.00 28.64 ? 399 LYS A CE  1 
ATOM   757 N NZ  . LYS A 1 101 ? -1.406  15.842  -1.179  1.00 27.70 ? 399 LYS A NZ  1 
ATOM   758 N N   . ALA A 1 102 ? -0.072  16.994  -8.128  1.00 26.36 ? 400 ALA A N   1 
ATOM   759 C CA  . ALA A 1 102 ? -0.114  18.412  -8.480  1.00 26.38 ? 400 ALA A CA  1 
ATOM   760 C C   . ALA A 1 102 ? -1.281  19.095  -7.765  1.00 31.77 ? 400 ALA A C   1 
ATOM   761 O O   . ALA A 1 102 ? -1.524  20.299  -7.952  1.00 33.82 ? 400 ALA A O   1 
ATOM   762 C CB  . ALA A 1 102 ? -0.233  18.580  -9.974  1.00 28.37 ? 400 ALA A CB  1 
HETATM 763 O O   . HOH B 2 .   ? 1.971   -13.760 -9.955  1.00 40.69 ? 501 HOH A O   1 
HETATM 764 O O   . HOH B 2 .   ? -5.582  -13.301 0.350   1.00 35.78 ? 502 HOH A O   1 
HETATM 765 O O   . HOH B 2 .   ? 4.076   -14.216 -2.628  1.00 39.42 ? 503 HOH A O   1 
HETATM 766 O O   . HOH B 2 .   ? -4.974  13.531  -5.284  1.00 37.07 ? 504 HOH A O   1 
HETATM 767 O O   . HOH B 2 .   ? -3.929  20.636  -8.114  1.00 42.55 ? 505 HOH A O   1 
HETATM 768 O O   . HOH B 2 .   ? 4.011   -6.612  -2.464  1.00 32.42 ? 506 HOH A O   1 
HETATM 769 O O   . HOH B 2 .   ? -0.359  -1.992  7.907   1.00 26.84 ? 507 HOH A O   1 
HETATM 770 O O   . HOH B 2 .   ? -1.192  -17.499 -3.877  1.00 32.58 ? 508 HOH A O   1 
HETATM 771 O O   . HOH B 2 .   ? 11.514  9.192   1.719   1.00 25.15 ? 509 HOH A O   1 
HETATM 772 O O   . HOH B 2 .   ? 3.667   -12.772 9.435   1.00 30.62 ? 510 HOH A O   1 
HETATM 773 O O   . HOH B 2 .   ? 10.522  -15.170 -2.573  1.00 44.08 ? 511 HOH A O   1 
HETATM 774 O O   . HOH B 2 .   ? -5.272  -14.014 3.157   1.00 33.22 ? 512 HOH A O   1 
HETATM 775 O O   . HOH B 2 .   ? 3.526   12.398  -4.638  1.00 23.27 ? 513 HOH A O   1 
HETATM 776 O O   . HOH B 2 .   ? -11.413 -2.466  -3.146  1.00 35.46 ? 514 HOH A O   1 
HETATM 777 O O   . HOH B 2 .   ? 4.346   -8.521  1.760   1.00 33.44 ? 515 HOH A O   1 
HETATM 778 O O   . HOH B 2 .   ? -6.385  16.048  -6.083  1.00 39.06 ? 516 HOH A O   1 
HETATM 779 O O   . HOH B 2 .   ? 9.671   -16.033 -0.027  1.00 45.00 ? 517 HOH A O   1 
HETATM 780 O O   . HOH B 2 .   ? 7.763   15.158  -3.348  1.00 31.23 ? 518 HOH A O   1 
HETATM 781 O O   . HOH B 2 .   ? -4.870  17.006  0.867   1.00 39.30 ? 519 HOH A O   1 
HETATM 782 O O   . HOH B 2 .   ? 15.266  8.068   8.163   1.00 36.19 ? 520 HOH A O   1 
HETATM 783 O O   . HOH B 2 .   ? 10.616  12.780  -4.469  1.00 35.11 ? 521 HOH A O   1 
HETATM 784 O O   . HOH B 2 .   ? -6.924  1.790   8.069   0.50 24.19 ? 522 HOH A O   1 
HETATM 785 O O   . HOH B 2 .   ? 3.738   -0.205  -10.629 1.00 35.13 ? 523 HOH A O   1 
HETATM 786 O O   . HOH B 2 .   ? -0.191  14.294  -11.730 1.00 30.35 ? 524 HOH A O   1 
HETATM 787 O O   . HOH B 2 .   ? -10.028 2.755   -7.187  1.00 44.74 ? 525 HOH A O   1 
HETATM 788 O O   . HOH B 2 .   ? 5.556   3.591   -11.446 1.00 33.40 ? 526 HOH A O   1 
HETATM 789 O O   . HOH B 2 .   ? 0.183   3.087   8.121   1.00 28.05 ? 527 HOH A O   1 
HETATM 790 O O   . HOH B 2 .   ? -8.382  3.582   -10.967 1.00 34.02 ? 528 HOH A O   1 
HETATM 791 O O   . HOH B 2 .   ? -9.283  -0.183  4.506   1.00 22.10 ? 529 HOH A O   1 
HETATM 792 O O   . HOH B 2 .   ? 13.835  0.060   -2.809  1.00 41.23 ? 530 HOH A O   1 
HETATM 793 O O   . HOH B 2 .   ? -7.674  1.857   -7.166  1.00 26.54 ? 531 HOH A O   1 
HETATM 794 O O   . HOH B 2 .   ? 9.553   2.525   3.679   1.00 36.11 ? 532 HOH A O   1 
HETATM 795 O O   . HOH B 2 .   ? 7.707   2.518   -10.485 1.00 43.86 ? 533 HOH A O   1 
HETATM 796 O O   . HOH B 2 .   ? -10.700 -15.398 6.898   1.00 41.92 ? 534 HOH A O   1 
HETATM 797 O O   . HOH B 2 .   ? -0.418  -13.807 11.320  1.00 32.92 ? 535 HOH A O   1 
HETATM 798 O O   . HOH B 2 .   ? 3.230   8.588   -12.398 1.00 47.58 ? 536 HOH A O   1 
HETATM 799 O O   . HOH B 2 .   ? -9.182  -15.942 -6.608  1.00 40.54 ? 537 HOH A O   1 
HETATM 800 O O   . HOH B 2 .   ? -2.565  13.512  -5.959  1.00 44.55 ? 538 HOH A O   1 
HETATM 801 O O   . HOH B 2 .   ? 0.579   -5.033  -9.299  1.00 35.44 ? 539 HOH A O   1 
HETATM 802 O O   . HOH B 2 .   ? 6.804   -3.057  -8.625  1.00 30.77 ? 540 HOH A O   1 
HETATM 803 O O   . HOH B 2 .   ? -2.303  -7.351  15.444  1.00 34.10 ? 541 HOH A O   1 
HETATM 804 O O   . HOH B 2 .   ? 8.926   8.071   8.852   1.00 33.31 ? 542 HOH A O   1 
HETATM 805 O O   . HOH B 2 .   ? -1.220  3.637   -13.207 1.00 32.21 ? 543 HOH A O   1 
HETATM 806 O O   . HOH B 2 .   ? -7.799  4.528   -13.945 1.00 37.26 ? 544 HOH A O   1 
HETATM 807 O O   . HOH B 2 .   ? -9.371  -7.627  3.578   1.00 27.69 ? 545 HOH A O   1 
HETATM 808 O O   . HOH B 2 .   ? 3.828   18.240  0.308   1.00 31.47 ? 546 HOH A O   1 
HETATM 809 O O   . HOH B 2 .   ? 4.224   6.565   4.556   1.00 26.56 ? 547 HOH A O   1 
HETATM 810 O O   . HOH B 2 .   ? -9.472  -4.954  6.862   1.00 21.94 ? 548 HOH A O   1 
HETATM 811 O O   . HOH B 2 .   ? -2.533  15.343  -8.598  1.00 33.50 ? 549 HOH A O   1 
HETATM 812 O O   . HOH B 2 .   ? 6.007   14.442  3.802   1.00 32.89 ? 550 HOH A O   1 
HETATM 813 O O   . HOH B 2 .   ? 14.112  6.155   -7.207  1.00 34.96 ? 551 HOH A O   1 
HETATM 814 O O   . HOH B 2 .   ? 2.155   0.999   7.576   1.00 34.26 ? 552 HOH A O   1 
HETATM 815 O O   . HOH B 2 .   ? 1.362   14.734  2.895   1.00 38.99 ? 553 HOH A O   1 
HETATM 816 O O   . HOH B 2 .   ? 9.419   16.022  -6.617  1.00 32.73 ? 554 HOH A O   1 
HETATM 817 O O   . HOH B 2 .   ? 0.392   16.988  1.294   1.00 49.81 ? 555 HOH A O   1 
HETATM 818 O O   . HOH B 2 .   ? 12.654  11.526  2.359   1.00 36.07 ? 556 HOH A O   1 
HETATM 819 O O   . HOH B 2 .   ? -10.440 -4.939  4.281   0.50 40.58 ? 557 HOH A O   1 
HETATM 820 O O   . HOH B 2 .   ? 15.871  -1.259  -2.105  1.00 51.29 ? 558 HOH A O   1 
HETATM 821 O O   . HOH B 2 .   ? -3.554  17.164  -5.849  1.00 45.91 ? 559 HOH A O   1 
HETATM 822 O O   . HOH B 2 .   ? 6.364   -12.805 9.686   1.00 40.94 ? 560 HOH A O   1 
HETATM 823 O O   . HOH B 2 .   ? -8.119  -0.497  6.782   0.50 23.47 ? 561 HOH A O   1 
HETATM 824 O O   . HOH B 2 .   ? -9.620  2.106   -13.191 1.00 49.48 ? 562 HOH A O   1 
HETATM 825 O O   . HOH B 2 .   ? 1.036   5.388   9.425   1.00 41.27 ? 563 HOH A O   1 
HETATM 826 O O   . HOH B 2 .   ? 3.716   6.193   7.145   1.00 38.00 ? 564 HOH A O   1 
# 
